data_6AUH
# 
_entry.id   6AUH 
# 
_audit_conform.dict_name       mmcif_pdbx.dic 
_audit_conform.dict_version    5.379 
_audit_conform.dict_location   http://mmcif.pdb.org/dictionaries/ascii/mmcif_pdbx.dic 
# 
loop_
_database_2.database_id 
_database_2.database_code 
_database_2.pdbx_database_accession 
_database_2.pdbx_DOI 
PDB   6AUH         pdb_00006auh 10.2210/pdb6auh/pdb 
WWPDB D_1000229878 ?            ?                   
# 
_pdbx_database_status.status_code                     REL 
_pdbx_database_status.status_code_sf                  REL 
_pdbx_database_status.status_code_mr                  ? 
_pdbx_database_status.entry_id                        6AUH 
_pdbx_database_status.recvd_initial_deposition_date   2017-09-01 
_pdbx_database_status.SG_entry                        N 
_pdbx_database_status.deposit_site                    RCSB 
_pdbx_database_status.process_site                    RCSB 
_pdbx_database_status.status_code_cs                  ? 
_pdbx_database_status.methods_development_category    ? 
_pdbx_database_status.pdb_format_compatible           Y 
_pdbx_database_status.status_code_nmr_data            ? 
# 
loop_
_audit_author.name 
_audit_author.pdbx_ordinal 
_audit_author.identifier_ORCID 
'Olshansky, L.'      1 ? 
'Vallapurakal, J.'   2 ? 
'Huerta-Lavorie, R.' 3 ? 
'Nguyen, A.I.'       4 ? 
'Tilley, T.D.'       5 ? 
'Borovik, A.S.'      6 ? 
# 
_citation.abstract                  ? 
_citation.abstract_id_CAS           ? 
_citation.book_id_ISBN              ? 
_citation.book_publisher            ? 
_citation.book_publisher_city       ? 
_citation.book_title                ? 
_citation.coordinate_linkage        ? 
_citation.country                   US 
_citation.database_id_Medline       ? 
_citation.details                   ? 
_citation.id                        primary 
_citation.journal_abbrev            'J. Am. Chem. Soc.' 
_citation.journal_id_ASTM           JACSAT 
_citation.journal_id_CSD            ? 
_citation.journal_id_ISSN           1520-5126 
_citation.journal_full              ? 
_citation.journal_issue             ? 
_citation.journal_volume            140 
_citation.language                  ? 
_citation.page_first                2739 
_citation.page_last                 2742 
_citation.title                     'Artificial Metalloproteins Containing Co' 
_citation.year                      2018 
_citation.database_id_CSD           ? 
_citation.pdbx_database_id_DOI      10.1021/jacs.7b13052 
_citation.pdbx_database_id_PubMed   29401385 
_citation.unpublished_flag          ? 
# 
loop_
_citation_author.citation_id 
_citation_author.name 
_citation_author.ordinal 
_citation_author.identifier_ORCID 
primary 'Olshansky, L.'      1 ? 
primary 'Huerta-Lavorie, R.' 2 ? 
primary 'Nguyen, A.I.'       3 ? 
primary 'Vallapurackal, J.'  4 ? 
primary 'Furst, A.'          5 ? 
primary 'Tilley, T.D.'       6 ? 
primary 'Borovik, A.S.'      7 ? 
# 
_cell.angle_alpha                  90.00 
_cell.angle_alpha_esd              ? 
_cell.angle_beta                   90.00 
_cell.angle_beta_esd               ? 
_cell.angle_gamma                  90.00 
_cell.angle_gamma_esd              ? 
_cell.entry_id                     6AUH 
_cell.details                      ? 
_cell.formula_units_Z              ? 
_cell.length_a                     57.701 
_cell.length_a_esd                 ? 
_cell.length_b                     57.701 
_cell.length_b_esd                 ? 
_cell.length_c                     183.768 
_cell.length_c_esd                 ? 
_cell.volume                       ? 
_cell.volume_esd                   ? 
_cell.Z_PDB                        16 
_cell.reciprocal_angle_alpha       ? 
_cell.reciprocal_angle_beta        ? 
_cell.reciprocal_angle_gamma       ? 
_cell.reciprocal_angle_alpha_esd   ? 
_cell.reciprocal_angle_beta_esd    ? 
_cell.reciprocal_angle_gamma_esd   ? 
_cell.reciprocal_length_a          ? 
_cell.reciprocal_length_b          ? 
_cell.reciprocal_length_c          ? 
_cell.reciprocal_length_a_esd      ? 
_cell.reciprocal_length_b_esd      ? 
_cell.reciprocal_length_c_esd      ? 
_cell.pdbx_unique_axis             ? 
# 
_symmetry.entry_id                         6AUH 
_symmetry.cell_setting                     ? 
_symmetry.Int_Tables_number                98 
_symmetry.space_group_name_Hall            ? 
_symmetry.space_group_name_H-M             'I 41 2 2' 
_symmetry.pdbx_full_space_group_name_H-M   ? 
# 
loop_
_entity.id 
_entity.type 
_entity.src_method 
_entity.pdbx_description 
_entity.formula_weight 
_entity.pdbx_number_of_molecules 
_entity.pdbx_ec 
_entity.pdbx_mutation 
_entity.pdbx_fragment 
_entity.details 
1 polymer     man Streptavidin                                          16587.025 1  ? 'E101Q, S112Y, K121A' ? ? 
2 non-polymer syn 'N-biotin-C-Co4(mu3-O)4(OAc)(Py)3(H2O)3-beta-alanine' 960.469   1  ? ?                     ? ? 
3 water       nat water                                                 18.015    62 ? ?                     ? ? 
# 
_entity_poly.entity_id                      1 
_entity_poly.type                           'polypeptide(L)' 
_entity_poly.nstd_linkage                   no 
_entity_poly.nstd_monomer                   no 
_entity_poly.pdbx_seq_one_letter_code       
;MASMTGGQQMGRDEAGITGTWYNQLGSTFIVTAGADGALTGTYESAVGNAESRYVLTGRYDSAPATDGSGTALGWTVAWK
NNYRNAHSATTWSGQYVGGAQARINTQWLLTYGTTEANAWASTLVGHDTFTKVKPSAASIDAAKKAGVNNGNPLDAVQQ
;
_entity_poly.pdbx_seq_one_letter_code_can   
;MASMTGGQQMGRDEAGITGTWYNQLGSTFIVTAGADGALTGTYESAVGNAESRYVLTGRYDSAPATDGSGTALGWTVAWK
NNYRNAHSATTWSGQYVGGAQARINTQWLLTYGTTEANAWASTLVGHDTFTKVKPSAASIDAAKKAGVNNGNPLDAVQQ
;
_entity_poly.pdbx_strand_id                 A 
_entity_poly.pdbx_target_identifier         ? 
# 
loop_
_entity_poly_seq.entity_id 
_entity_poly_seq.num 
_entity_poly_seq.mon_id 
_entity_poly_seq.hetero 
1 1   MET n 
1 2   ALA n 
1 3   SER n 
1 4   MET n 
1 5   THR n 
1 6   GLY n 
1 7   GLY n 
1 8   GLN n 
1 9   GLN n 
1 10  MET n 
1 11  GLY n 
1 12  ARG n 
1 13  ASP n 
1 14  GLU n 
1 15  ALA n 
1 16  GLY n 
1 17  ILE n 
1 18  THR n 
1 19  GLY n 
1 20  THR n 
1 21  TRP n 
1 22  TYR n 
1 23  ASN n 
1 24  GLN n 
1 25  LEU n 
1 26  GLY n 
1 27  SER n 
1 28  THR n 
1 29  PHE n 
1 30  ILE n 
1 31  VAL n 
1 32  THR n 
1 33  ALA n 
1 34  GLY n 
1 35  ALA n 
1 36  ASP n 
1 37  GLY n 
1 38  ALA n 
1 39  LEU n 
1 40  THR n 
1 41  GLY n 
1 42  THR n 
1 43  TYR n 
1 44  GLU n 
1 45  SER n 
1 46  ALA n 
1 47  VAL n 
1 48  GLY n 
1 49  ASN n 
1 50  ALA n 
1 51  GLU n 
1 52  SER n 
1 53  ARG n 
1 54  TYR n 
1 55  VAL n 
1 56  LEU n 
1 57  THR n 
1 58  GLY n 
1 59  ARG n 
1 60  TYR n 
1 61  ASP n 
1 62  SER n 
1 63  ALA n 
1 64  PRO n 
1 65  ALA n 
1 66  THR n 
1 67  ASP n 
1 68  GLY n 
1 69  SER n 
1 70  GLY n 
1 71  THR n 
1 72  ALA n 
1 73  LEU n 
1 74  GLY n 
1 75  TRP n 
1 76  THR n 
1 77  VAL n 
1 78  ALA n 
1 79  TRP n 
1 80  LYS n 
1 81  ASN n 
1 82  ASN n 
1 83  TYR n 
1 84  ARG n 
1 85  ASN n 
1 86  ALA n 
1 87  HIS n 
1 88  SER n 
1 89  ALA n 
1 90  THR n 
1 91  THR n 
1 92  TRP n 
1 93  SER n 
1 94  GLY n 
1 95  GLN n 
1 96  TYR n 
1 97  VAL n 
1 98  GLY n 
1 99  GLY n 
1 100 ALA n 
1 101 GLN n 
1 102 ALA n 
1 103 ARG n 
1 104 ILE n 
1 105 ASN n 
1 106 THR n 
1 107 GLN n 
1 108 TRP n 
1 109 LEU n 
1 110 LEU n 
1 111 THR n 
1 112 TYR n 
1 113 GLY n 
1 114 THR n 
1 115 THR n 
1 116 GLU n 
1 117 ALA n 
1 118 ASN n 
1 119 ALA n 
1 120 TRP n 
1 121 ALA n 
1 122 SER n 
1 123 THR n 
1 124 LEU n 
1 125 VAL n 
1 126 GLY n 
1 127 HIS n 
1 128 ASP n 
1 129 THR n 
1 130 PHE n 
1 131 THR n 
1 132 LYS n 
1 133 VAL n 
1 134 LYS n 
1 135 PRO n 
1 136 SER n 
1 137 ALA n 
1 138 ALA n 
1 139 SER n 
1 140 ILE n 
1 141 ASP n 
1 142 ALA n 
1 143 ALA n 
1 144 LYS n 
1 145 LYS n 
1 146 ALA n 
1 147 GLY n 
1 148 VAL n 
1 149 ASN n 
1 150 ASN n 
1 151 GLY n 
1 152 ASN n 
1 153 PRO n 
1 154 LEU n 
1 155 ASP n 
1 156 ALA n 
1 157 VAL n 
1 158 GLN n 
1 159 GLN n 
# 
_entity_src_gen.entity_id                          1 
_entity_src_gen.pdbx_src_id                        1 
_entity_src_gen.pdbx_alt_source_flag               sample 
_entity_src_gen.pdbx_seq_type                      'Biological sequence' 
_entity_src_gen.pdbx_beg_seq_num                   1 
_entity_src_gen.pdbx_end_seq_num                   159 
_entity_src_gen.gene_src_common_name               ? 
_entity_src_gen.gene_src_genus                     ? 
_entity_src_gen.pdbx_gene_src_gene                 ? 
_entity_src_gen.gene_src_species                   ? 
_entity_src_gen.gene_src_strain                    ? 
_entity_src_gen.gene_src_tissue                    ? 
_entity_src_gen.gene_src_tissue_fraction           ? 
_entity_src_gen.gene_src_details                   ? 
_entity_src_gen.pdbx_gene_src_fragment             ? 
_entity_src_gen.pdbx_gene_src_scientific_name      'Streptomyces avidinii' 
_entity_src_gen.pdbx_gene_src_ncbi_taxonomy_id     1895 
_entity_src_gen.pdbx_gene_src_variant              ? 
_entity_src_gen.pdbx_gene_src_cell_line            ? 
_entity_src_gen.pdbx_gene_src_atcc                 ? 
_entity_src_gen.pdbx_gene_src_organ                ? 
_entity_src_gen.pdbx_gene_src_organelle            ? 
_entity_src_gen.pdbx_gene_src_cell                 ? 
_entity_src_gen.pdbx_gene_src_cellular_location    ? 
_entity_src_gen.host_org_common_name               ? 
_entity_src_gen.pdbx_host_org_scientific_name      'Escherichia coli' 
_entity_src_gen.pdbx_host_org_ncbi_taxonomy_id     562 
_entity_src_gen.host_org_genus                     ? 
_entity_src_gen.pdbx_host_org_gene                 ? 
_entity_src_gen.pdbx_host_org_organ                ? 
_entity_src_gen.host_org_species                   ? 
_entity_src_gen.pdbx_host_org_tissue               ? 
_entity_src_gen.pdbx_host_org_tissue_fraction      ? 
_entity_src_gen.pdbx_host_org_strain               ? 
_entity_src_gen.pdbx_host_org_variant              ? 
_entity_src_gen.pdbx_host_org_cell_line            ? 
_entity_src_gen.pdbx_host_org_atcc                 ? 
_entity_src_gen.pdbx_host_org_culture_collection   ? 
_entity_src_gen.pdbx_host_org_cell                 ? 
_entity_src_gen.pdbx_host_org_organelle            ? 
_entity_src_gen.pdbx_host_org_cellular_location    ? 
_entity_src_gen.pdbx_host_org_vector_type          ? 
_entity_src_gen.pdbx_host_org_vector               ? 
_entity_src_gen.host_org_details                   ? 
_entity_src_gen.expression_system_id               ? 
_entity_src_gen.plasmid_name                       ? 
_entity_src_gen.plasmid_details                    ? 
_entity_src_gen.pdbx_description                   ? 
# 
_struct_ref.id                         1 
_struct_ref.db_name                    UNP 
_struct_ref.db_code                    SAV_STRAV 
_struct_ref.pdbx_db_accession          P22629 
_struct_ref.pdbx_db_isoform            ? 
_struct_ref.entity_id                  1 
_struct_ref.pdbx_seq_one_letter_code   
;EAGITGTWYNQLGSTFIVTAGADGALTGTYESAVGNAESRYVLTGRYDSAPATDGSGTALGWTVAWKNNYRNAHSATTWS
GQYVGGAEARINTQWLLTSGTTEANAWKSTLVGHDTFTKVKPSAASIDAAKKAGVNNGNPLDAVQQ
;
_struct_ref.pdbx_align_begin           38 
# 
_struct_ref_seq.align_id                      1 
_struct_ref_seq.ref_id                        1 
_struct_ref_seq.pdbx_PDB_id_code              6AUH 
_struct_ref_seq.pdbx_strand_id                A 
_struct_ref_seq.seq_align_beg                 14 
_struct_ref_seq.pdbx_seq_align_beg_ins_code   ? 
_struct_ref_seq.seq_align_end                 159 
_struct_ref_seq.pdbx_seq_align_end_ins_code   ? 
_struct_ref_seq.pdbx_db_accession             P22629 
_struct_ref_seq.db_align_beg                  38 
_struct_ref_seq.pdbx_db_align_beg_ins_code    ? 
_struct_ref_seq.db_align_end                  183 
_struct_ref_seq.pdbx_db_align_end_ins_code    ? 
_struct_ref_seq.pdbx_auth_seq_align_beg       14 
_struct_ref_seq.pdbx_auth_seq_align_end       159 
# 
loop_
_struct_ref_seq_dif.align_id 
_struct_ref_seq_dif.pdbx_pdb_id_code 
_struct_ref_seq_dif.mon_id 
_struct_ref_seq_dif.pdbx_pdb_strand_id 
_struct_ref_seq_dif.seq_num 
_struct_ref_seq_dif.pdbx_pdb_ins_code 
_struct_ref_seq_dif.pdbx_seq_db_name 
_struct_ref_seq_dif.pdbx_seq_db_accession_code 
_struct_ref_seq_dif.db_mon_id 
_struct_ref_seq_dif.pdbx_seq_db_seq_num 
_struct_ref_seq_dif.details 
_struct_ref_seq_dif.pdbx_auth_seq_num 
_struct_ref_seq_dif.pdbx_ordinal 
1 6AUH MET A 1   ? UNP P22629 ?   ?   'expression tag'      1   1  
1 6AUH ALA A 2   ? UNP P22629 ?   ?   'expression tag'      2   2  
1 6AUH SER A 3   ? UNP P22629 ?   ?   'expression tag'      3   3  
1 6AUH MET A 4   ? UNP P22629 ?   ?   'expression tag'      4   4  
1 6AUH THR A 5   ? UNP P22629 ?   ?   'expression tag'      5   5  
1 6AUH GLY A 6   ? UNP P22629 ?   ?   'expression tag'      6   6  
1 6AUH GLY A 7   ? UNP P22629 ?   ?   'expression tag'      7   7  
1 6AUH GLN A 8   ? UNP P22629 ?   ?   'expression tag'      8   8  
1 6AUH GLN A 9   ? UNP P22629 ?   ?   'expression tag'      9   9  
1 6AUH MET A 10  ? UNP P22629 ?   ?   'expression tag'      10  10 
1 6AUH GLY A 11  ? UNP P22629 ?   ?   'expression tag'      11  11 
1 6AUH ARG A 12  ? UNP P22629 ?   ?   'expression tag'      12  12 
1 6AUH ASP A 13  ? UNP P22629 ?   ?   'expression tag'      13  13 
1 6AUH GLN A 101 ? UNP P22629 GLU 125 'engineered mutation' 101 14 
1 6AUH TYR A 112 ? UNP P22629 SER 136 'engineered mutation' 112 15 
1 6AUH ALA A 121 ? UNP P22629 LYS 145 'engineered mutation' 121 16 
# 
loop_
_chem_comp.id 
_chem_comp.type 
_chem_comp.mon_nstd_flag 
_chem_comp.name 
_chem_comp.pdbx_synonyms 
_chem_comp.formula 
_chem_comp.formula_weight 
ALA 'L-peptide linking' y ALANINE                                               ? 'C3 H7 N O2'           89.093  
ARG 'L-peptide linking' y ARGININE                                              ? 'C6 H15 N4 O2 1'       175.209 
ASN 'L-peptide linking' y ASPARAGINE                                            ? 'C4 H8 N2 O3'          132.118 
ASP 'L-peptide linking' y 'ASPARTIC ACID'                                       ? 'C4 H7 N O4'           133.103 
GLN 'L-peptide linking' y GLUTAMINE                                             ? 'C5 H10 N2 O3'         146.144 
GLU 'L-peptide linking' y 'GLUTAMIC ACID'                                       ? 'C5 H9 N O4'           147.129 
GLY 'peptide linking'   y GLYCINE                                               ? 'C2 H5 N O2'           75.067  
HIS 'L-peptide linking' y HISTIDINE                                             ? 'C6 H10 N3 O2 1'       156.162 
HOH non-polymer         . WATER                                                 ? 'H2 O'                 18.015  
ILE 'L-peptide linking' y ISOLEUCINE                                            ? 'C6 H13 N O2'          131.173 
LEU 'L-peptide linking' y LEUCINE                                               ? 'C6 H13 N O2'          131.173 
LYS 'L-peptide linking' y LYSINE                                                ? 'C6 H15 N2 O2 1'       147.195 
MET 'L-peptide linking' y METHIONINE                                            ? 'C5 H11 N O2 S'        149.211 
OL5 non-polymer         . 'N-biotin-C-Co4(mu3-O)4(OAc)(Py)3(H2O)3-beta-alanine' ? 'C30 H40 Co4 N6 O13 S' 960.469 
PHE 'L-peptide linking' y PHENYLALANINE                                         ? 'C9 H11 N O2'          165.189 
PRO 'L-peptide linking' y PROLINE                                               ? 'C5 H9 N O2'           115.130 
SER 'L-peptide linking' y SERINE                                                ? 'C3 H7 N O3'           105.093 
THR 'L-peptide linking' y THREONINE                                             ? 'C4 H9 N O3'           119.119 
TRP 'L-peptide linking' y TRYPTOPHAN                                            ? 'C11 H12 N2 O2'        204.225 
TYR 'L-peptide linking' y TYROSINE                                              ? 'C9 H11 N O3'          181.189 
VAL 'L-peptide linking' y VALINE                                                ? 'C5 H11 N O2'          117.146 
# 
_exptl.absorpt_coefficient_mu     ? 
_exptl.absorpt_correction_T_max   ? 
_exptl.absorpt_correction_T_min   ? 
_exptl.absorpt_correction_type    ? 
_exptl.absorpt_process_details    ? 
_exptl.entry_id                   6AUH 
_exptl.crystals_number            1 
_exptl.details                    ? 
_exptl.method                     'X-RAY DIFFRACTION' 
_exptl.method_details             ? 
# 
_exptl_crystal.colour                      ? 
_exptl_crystal.density_diffrn              ? 
_exptl_crystal.density_Matthews            2.31 
_exptl_crystal.density_method              ? 
_exptl_crystal.density_percent_sol         46.65 
_exptl_crystal.description                 ? 
_exptl_crystal.F_000                       ? 
_exptl_crystal.id                          1 
_exptl_crystal.preparation                 ? 
_exptl_crystal.size_max                    ? 
_exptl_crystal.size_mid                    ? 
_exptl_crystal.size_min                    ? 
_exptl_crystal.size_rad                    ? 
_exptl_crystal.colour_lustre               ? 
_exptl_crystal.colour_modifier             ? 
_exptl_crystal.colour_primary              ? 
_exptl_crystal.density_meas                ? 
_exptl_crystal.density_meas_esd            ? 
_exptl_crystal.density_meas_gt             ? 
_exptl_crystal.density_meas_lt             ? 
_exptl_crystal.density_meas_temp           ? 
_exptl_crystal.density_meas_temp_esd       ? 
_exptl_crystal.density_meas_temp_gt        ? 
_exptl_crystal.density_meas_temp_lt        ? 
_exptl_crystal.pdbx_crystal_image_url      ? 
_exptl_crystal.pdbx_crystal_image_format   ? 
_exptl_crystal.pdbx_mosaicity              ? 
_exptl_crystal.pdbx_mosaicity_esd          ? 
# 
_exptl_crystal_grow.apparatus       ? 
_exptl_crystal_grow.atmosphere      ? 
_exptl_crystal_grow.crystal_id      1 
_exptl_crystal_grow.details         ? 
_exptl_crystal_grow.method          'VAPOR DIFFUSION, SITTING DROP' 
_exptl_crystal_grow.method_ref      ? 
_exptl_crystal_grow.pH              ? 
_exptl_crystal_grow.pressure        ? 
_exptl_crystal_grow.pressure_esd    ? 
_exptl_crystal_grow.seeding         ? 
_exptl_crystal_grow.seeding_ref     ? 
_exptl_crystal_grow.temp            298 
_exptl_crystal_grow.temp_details    ? 
_exptl_crystal_grow.temp_esd        ? 
_exptl_crystal_grow.time            ? 
_exptl_crystal_grow.pdbx_details    '2.6 M ammonium sulfate, 0.1 M sodium acetate, pH 4.0' 
_exptl_crystal_grow.pdbx_pH_range   ? 
# 
_diffrn.ambient_environment    ? 
_diffrn.ambient_temp           100 
_diffrn.ambient_temp_details   ? 
_diffrn.ambient_temp_esd       ? 
_diffrn.crystal_id             1 
_diffrn.crystal_support        ? 
_diffrn.crystal_treatment      ? 
_diffrn.details                ? 
_diffrn.id                     1 
_diffrn.ambient_pressure       ? 
_diffrn.ambient_pressure_esd   ? 
_diffrn.ambient_pressure_gt    ? 
_diffrn.ambient_pressure_lt    ? 
_diffrn.ambient_temp_gt        ? 
_diffrn.ambient_temp_lt        ? 
# 
_diffrn_detector.details                      ? 
_diffrn_detector.detector                     PIXEL 
_diffrn_detector.diffrn_id                    1 
_diffrn_detector.type                         'DECTRIS PILATUS 6M' 
_diffrn_detector.area_resol_mean              ? 
_diffrn_detector.dtime                        ? 
_diffrn_detector.pdbx_frames_total            ? 
_diffrn_detector.pdbx_collection_time_total   ? 
_diffrn_detector.pdbx_collection_date         2017-07-30 
# 
_diffrn_radiation.collimation                      ? 
_diffrn_radiation.diffrn_id                        1 
_diffrn_radiation.filter_edge                      ? 
_diffrn_radiation.inhomogeneity                    ? 
_diffrn_radiation.monochromator                    ? 
_diffrn_radiation.polarisn_norm                    ? 
_diffrn_radiation.polarisn_ratio                   ? 
_diffrn_radiation.probe                            ? 
_diffrn_radiation.type                             ? 
_diffrn_radiation.xray_symbol                      ? 
_diffrn_radiation.wavelength_id                    1 
_diffrn_radiation.pdbx_monochromatic_or_laue_m_l   M 
_diffrn_radiation.pdbx_wavelength_list             ? 
_diffrn_radiation.pdbx_wavelength                  ? 
_diffrn_radiation.pdbx_diffrn_protocol             'SINGLE WAVELENGTH' 
_diffrn_radiation.pdbx_analyzer                    ? 
_diffrn_radiation.pdbx_scattering_type             x-ray 
# 
_diffrn_radiation_wavelength.id           1 
_diffrn_radiation_wavelength.wavelength   1 
_diffrn_radiation_wavelength.wt           1.0 
# 
_diffrn_source.current                     ? 
_diffrn_source.details                     ? 
_diffrn_source.diffrn_id                   1 
_diffrn_source.power                       ? 
_diffrn_source.size                        ? 
_diffrn_source.source                      SYNCHROTRON 
_diffrn_source.target                      ? 
_diffrn_source.type                        'SSRL BEAMLINE BL9-2' 
_diffrn_source.voltage                     ? 
_diffrn_source.take-off_angle              ? 
_diffrn_source.pdbx_wavelength_list        1 
_diffrn_source.pdbx_wavelength             ? 
_diffrn_source.pdbx_synchrotron_beamline   BL9-2 
_diffrn_source.pdbx_synchrotron_site       SSRL 
# 
_reflns.B_iso_Wilson_estimate            ? 
_reflns.entry_id                         6AUH 
_reflns.data_reduction_details           ? 
_reflns.data_reduction_method            ? 
_reflns.d_resolution_high                1.60 
_reflns.d_resolution_low                 37.29 
_reflns.details                          ? 
_reflns.limit_h_max                      ? 
_reflns.limit_h_min                      ? 
_reflns.limit_k_max                      ? 
_reflns.limit_k_min                      ? 
_reflns.limit_l_max                      ? 
_reflns.limit_l_min                      ? 
_reflns.number_all                       ? 
_reflns.number_obs                       21112 
_reflns.observed_criterion               ? 
_reflns.observed_criterion_F_max         ? 
_reflns.observed_criterion_F_min         ? 
_reflns.observed_criterion_I_max         ? 
_reflns.observed_criterion_I_min         ? 
_reflns.observed_criterion_sigma_F       ? 
_reflns.observed_criterion_sigma_I       ? 
_reflns.percent_possible_obs             99.9 
_reflns.R_free_details                   ? 
_reflns.Rmerge_F_all                     ? 
_reflns.Rmerge_F_obs                     ? 
_reflns.Friedel_coverage                 ? 
_reflns.number_gt                        ? 
_reflns.threshold_expression             ? 
_reflns.pdbx_redundancy                  10.6 
_reflns.pdbx_Rmerge_I_obs                0.18 
_reflns.pdbx_Rmerge_I_all                ? 
_reflns.pdbx_Rsym_value                  ? 
_reflns.pdbx_netI_over_av_sigmaI         ? 
_reflns.pdbx_netI_over_sigmaI            8.9 
_reflns.pdbx_res_netI_over_av_sigmaI_2   ? 
_reflns.pdbx_res_netI_over_sigmaI_2      ? 
_reflns.pdbx_chi_squared                 ? 
_reflns.pdbx_scaling_rejects             ? 
_reflns.pdbx_d_res_high_opt              ? 
_reflns.pdbx_d_res_low_opt               ? 
_reflns.pdbx_d_res_opt_method            ? 
_reflns.phase_calculation_details        ? 
_reflns.pdbx_Rrim_I_all                  ? 
_reflns.pdbx_Rpim_I_all                  ? 
_reflns.pdbx_d_opt                       ? 
_reflns.pdbx_number_measured_all         ? 
_reflns.pdbx_diffrn_id                   1 
_reflns.pdbx_ordinal                     1 
_reflns.pdbx_CC_half                     0.944 
_reflns.pdbx_R_split                     ? 
# 
_reflns_shell.d_res_high                  . 
_reflns_shell.d_res_low                   ? 
_reflns_shell.meanI_over_sigI_all         ? 
_reflns_shell.meanI_over_sigI_obs         ? 
_reflns_shell.number_measured_all         ? 
_reflns_shell.number_measured_obs         ? 
_reflns_shell.number_possible             ? 
_reflns_shell.number_unique_all           ? 
_reflns_shell.number_unique_obs           ? 
_reflns_shell.percent_possible_all        ? 
_reflns_shell.percent_possible_obs        ? 
_reflns_shell.Rmerge_F_all                ? 
_reflns_shell.Rmerge_F_obs                ? 
_reflns_shell.Rmerge_I_all                ? 
_reflns_shell.Rmerge_I_obs                ? 
_reflns_shell.meanI_over_sigI_gt          ? 
_reflns_shell.meanI_over_uI_all           ? 
_reflns_shell.meanI_over_uI_gt            ? 
_reflns_shell.number_measured_gt          ? 
_reflns_shell.number_unique_gt            ? 
_reflns_shell.percent_possible_gt         ? 
_reflns_shell.Rmerge_F_gt                 ? 
_reflns_shell.Rmerge_I_gt                 ? 
_reflns_shell.pdbx_redundancy             ? 
_reflns_shell.pdbx_Rsym_value             ? 
_reflns_shell.pdbx_chi_squared            ? 
_reflns_shell.pdbx_netI_over_sigmaI_all   ? 
_reflns_shell.pdbx_netI_over_sigmaI_obs   ? 
_reflns_shell.pdbx_Rrim_I_all             ? 
_reflns_shell.pdbx_Rpim_I_all             ? 
_reflns_shell.pdbx_rejects                ? 
_reflns_shell.pdbx_ordinal                1 
_reflns_shell.pdbx_diffrn_id              1 
_reflns_shell.pdbx_CC_half                ? 
_reflns_shell.pdbx_R_split                ? 
# 
_refine.aniso_B[1][1]                            -0.04 
_refine.aniso_B[1][2]                            0.00 
_refine.aniso_B[1][3]                            -0.00 
_refine.aniso_B[2][2]                            -0.04 
_refine.aniso_B[2][3]                            0.00 
_refine.aniso_B[3][3]                            0.08 
_refine.B_iso_max                                ? 
_refine.B_iso_mean                               22.358 
_refine.B_iso_min                                ? 
_refine.correlation_coeff_Fo_to_Fc               0.952 
_refine.correlation_coeff_Fo_to_Fc_free          0.939 
_refine.details                                  'HYDROGENS HAVE BEEN ADDED IN THE RIDING POSITIONS' 
_refine.diff_density_max                         ? 
_refine.diff_density_max_esd                     ? 
_refine.diff_density_min                         ? 
_refine.diff_density_min_esd                     ? 
_refine.diff_density_rms                         ? 
_refine.diff_density_rms_esd                     ? 
_refine.entry_id                                 6AUH 
_refine.pdbx_refine_id                           'X-RAY DIFFRACTION' 
_refine.ls_abs_structure_details                 ? 
_refine.ls_abs_structure_Flack                   ? 
_refine.ls_abs_structure_Flack_esd               ? 
_refine.ls_abs_structure_Rogers                  ? 
_refine.ls_abs_structure_Rogers_esd              ? 
_refine.ls_d_res_high                            1.60 
_refine.ls_d_res_low                             37.29 
_refine.ls_extinction_coef                       ? 
_refine.ls_extinction_coef_esd                   ? 
_refine.ls_extinction_expression                 ? 
_refine.ls_extinction_method                     ? 
_refine.ls_goodness_of_fit_all                   ? 
_refine.ls_goodness_of_fit_all_esd               ? 
_refine.ls_goodness_of_fit_obs                   ? 
_refine.ls_goodness_of_fit_obs_esd               ? 
_refine.ls_hydrogen_treatment                    ? 
_refine.ls_matrix_type                           ? 
_refine.ls_number_constraints                    ? 
_refine.ls_number_parameters                     ? 
_refine.ls_number_reflns_all                     ? 
_refine.ls_number_reflns_obs                     20011 
_refine.ls_number_reflns_R_free                  1064 
_refine.ls_number_reflns_R_work                  ? 
_refine.ls_number_restraints                     ? 
_refine.ls_percent_reflns_obs                    99.84 
_refine.ls_percent_reflns_R_free                 5.0 
_refine.ls_R_factor_all                          ? 
_refine.ls_R_factor_obs                          0.19641 
_refine.ls_R_factor_R_free                       0.21937 
_refine.ls_R_factor_R_free_error                 ? 
_refine.ls_R_factor_R_free_error_details         ? 
_refine.ls_R_factor_R_work                       0.19514 
_refine.ls_R_Fsqd_factor_obs                     ? 
_refine.ls_R_I_factor_obs                        ? 
_refine.ls_redundancy_reflns_all                 ? 
_refine.ls_redundancy_reflns_obs                 ? 
_refine.ls_restrained_S_all                      ? 
_refine.ls_restrained_S_obs                      ? 
_refine.ls_shift_over_esd_max                    ? 
_refine.ls_shift_over_esd_mean                   ? 
_refine.ls_structure_factor_coef                 ? 
_refine.ls_weighting_details                     ? 
_refine.ls_weighting_scheme                      ? 
_refine.ls_wR_factor_all                         ? 
_refine.ls_wR_factor_obs                         ? 
_refine.ls_wR_factor_R_free                      ? 
_refine.ls_wR_factor_R_work                      ? 
_refine.occupancy_max                            ? 
_refine.occupancy_min                            ? 
_refine.solvent_model_details                    MASK 
_refine.solvent_model_param_bsol                 ? 
_refine.solvent_model_param_ksol                 ? 
_refine.ls_R_factor_gt                           ? 
_refine.ls_goodness_of_fit_gt                    ? 
_refine.ls_goodness_of_fit_ref                   ? 
_refine.ls_shift_over_su_max                     ? 
_refine.ls_shift_over_su_max_lt                  ? 
_refine.ls_shift_over_su_mean                    ? 
_refine.ls_shift_over_su_mean_lt                 ? 
_refine.pdbx_ls_sigma_I                          ? 
_refine.pdbx_ls_sigma_F                          ? 
_refine.pdbx_ls_sigma_Fsqd                       ? 
_refine.pdbx_data_cutoff_high_absF               ? 
_refine.pdbx_data_cutoff_high_rms_absF           ? 
_refine.pdbx_data_cutoff_low_absF                ? 
_refine.pdbx_isotropic_thermal_model             ? 
_refine.pdbx_ls_cross_valid_method               THROUGHOUT 
_refine.pdbx_method_to_determine_struct          'MOLECULAR REPLACEMENT' 
_refine.pdbx_starting_model                      2QCB 
_refine.pdbx_stereochemistry_target_values       'MAXIMUM LIKELIHOOD' 
_refine.pdbx_R_Free_selection_details            RANDOM 
_refine.pdbx_stereochem_target_val_spec_case     ? 
_refine.pdbx_overall_ESU_R                       0.082 
_refine.pdbx_overall_ESU_R_Free                  0.082 
_refine.pdbx_solvent_vdw_probe_radii             1.20 
_refine.pdbx_solvent_ion_probe_radii             0.80 
_refine.pdbx_solvent_shrinkage_radii             0.80 
_refine.pdbx_real_space_R                        ? 
_refine.pdbx_density_correlation                 ? 
_refine.pdbx_pd_number_of_powder_patterns        ? 
_refine.pdbx_pd_number_of_points                 ? 
_refine.pdbx_pd_meas_number_of_points            ? 
_refine.pdbx_pd_proc_ls_prof_R_factor            ? 
_refine.pdbx_pd_proc_ls_prof_wR_factor           ? 
_refine.pdbx_pd_Marquardt_correlation_coeff      ? 
_refine.pdbx_pd_Fsqrd_R_factor                   ? 
_refine.pdbx_pd_ls_matrix_band_width             ? 
_refine.pdbx_overall_phase_error                 ? 
_refine.pdbx_overall_SU_R_free_Cruickshank_DPI   ? 
_refine.pdbx_overall_SU_R_free_Blow_DPI          ? 
_refine.pdbx_overall_SU_R_Blow_DPI               ? 
_refine.pdbx_TLS_residual_ADP_flag               ? 
_refine.pdbx_diffrn_id                           1 
_refine.overall_SU_B                             1.447 
_refine.overall_SU_ML                            0.051 
_refine.overall_SU_R_Cruickshank_DPI             ? 
_refine.overall_SU_R_free                        ? 
_refine.overall_FOM_free_R_set                   ? 
_refine.overall_FOM_work_R_set                   ? 
_refine.pdbx_average_fsc_overall                 ? 
_refine.pdbx_average_fsc_work                    ? 
_refine.pdbx_average_fsc_free                    ? 
# 
_refine_hist.pdbx_refine_id                   'X-RAY DIFFRACTION' 
_refine_hist.cycle_id                         1 
_refine_hist.pdbx_number_atoms_protein        926 
_refine_hist.pdbx_number_atoms_nucleic_acid   0 
_refine_hist.pdbx_number_atoms_ligand         54 
_refine_hist.number_atoms_solvent             62 
_refine_hist.number_atoms_total               1042 
_refine_hist.d_res_high                       1.60 
_refine_hist.d_res_low                        37.29 
# 
loop_
_refine_ls_restr.pdbx_refine_id 
_refine_ls_restr.criterion 
_refine_ls_restr.dev_ideal 
_refine_ls_restr.dev_ideal_target 
_refine_ls_restr.number 
_refine_ls_restr.rejects 
_refine_ls_restr.type 
_refine_ls_restr.weight 
_refine_ls_restr.pdbx_restraint_function 
'X-RAY DIFFRACTION' ? 0.032  0.021  1024 ? r_bond_refined_d             ? ? 
'X-RAY DIFFRACTION' ? 0.003  0.020  845  ? r_bond_other_d               ? ? 
'X-RAY DIFFRACTION' ? 5.701  2.779  1512 ? r_angle_refined_deg          ? ? 
'X-RAY DIFFRACTION' ? 2.277  3.000  1925 ? r_angle_other_deg            ? ? 
'X-RAY DIFFRACTION' ? 7.175  5.000  122  ? r_dihedral_angle_1_deg       ? ? 
'X-RAY DIFFRACTION' ? 28.695 23.409 44   ? r_dihedral_angle_2_deg       ? ? 
'X-RAY DIFFRACTION' ? 14.474 15.000 130  ? r_dihedral_angle_3_deg       ? ? 
'X-RAY DIFFRACTION' ? 22.942 15.000 6    ? r_dihedral_angle_4_deg       ? ? 
'X-RAY DIFFRACTION' ? 0.184  0.200  152  ? r_chiral_restr               ? ? 
'X-RAY DIFFRACTION' ? 0.013  0.020  1176 ? r_gen_planes_refined         ? ? 
'X-RAY DIFFRACTION' ? 0.001  0.020  251  ? r_gen_planes_other           ? ? 
'X-RAY DIFFRACTION' ? ?      ?      ?    ? r_nbd_refined                ? ? 
'X-RAY DIFFRACTION' ? ?      ?      ?    ? r_nbd_other                  ? ? 
'X-RAY DIFFRACTION' ? ?      ?      ?    ? r_nbtor_refined              ? ? 
'X-RAY DIFFRACTION' ? ?      ?      ?    ? r_nbtor_other                ? ? 
'X-RAY DIFFRACTION' ? ?      ?      ?    ? r_xyhbond_nbd_refined        ? ? 
'X-RAY DIFFRACTION' ? ?      ?      ?    ? r_xyhbond_nbd_other          ? ? 
'X-RAY DIFFRACTION' ? ?      ?      ?    ? r_metal_ion_refined          ? ? 
'X-RAY DIFFRACTION' ? ?      ?      ?    ? r_metal_ion_other            ? ? 
'X-RAY DIFFRACTION' ? ?      ?      ?    ? r_symmetry_vdw_refined       ? ? 
'X-RAY DIFFRACTION' ? ?      ?      ?    ? r_symmetry_vdw_other         ? ? 
'X-RAY DIFFRACTION' ? ?      ?      ?    ? r_symmetry_hbond_refined     ? ? 
'X-RAY DIFFRACTION' ? ?      ?      ?    ? r_symmetry_hbond_other       ? ? 
'X-RAY DIFFRACTION' ? ?      ?      ?    ? r_symmetry_metal_ion_refined ? ? 
'X-RAY DIFFRACTION' ? ?      ?      ?    ? r_symmetry_metal_ion_other   ? ? 
'X-RAY DIFFRACTION' ? 2.297  2.025  491  ? r_mcbond_it                  ? ? 
'X-RAY DIFFRACTION' ? 2.279  2.017  490  ? r_mcbond_other               ? ? 
'X-RAY DIFFRACTION' ? 3.293  3.021  612  ? r_mcangle_it                 ? ? 
'X-RAY DIFFRACTION' ? 3.301  3.029  613  ? r_mcangle_other              ? ? 
'X-RAY DIFFRACTION' ? 3.191  2.409  531  ? r_scbond_it                  ? ? 
'X-RAY DIFFRACTION' ? 2.853  2.265  469  ? r_scbond_other               ? ? 
'X-RAY DIFFRACTION' ? ?      ?      ?    ? r_scangle_it                 ? ? 
'X-RAY DIFFRACTION' ? 4.180  3.272  700  ? r_scangle_other              ? ? 
'X-RAY DIFFRACTION' ? 5.795  24.964 1132 ? r_long_range_B_refined       ? ? 
'X-RAY DIFFRACTION' ? 5.663  23.386 1069 ? r_long_range_B_other         ? ? 
'X-RAY DIFFRACTION' ? ?      ?      ?    ? r_rigid_bond_restr           ? ? 
'X-RAY DIFFRACTION' ? ?      ?      ?    ? r_sphericity_free            ? ? 
'X-RAY DIFFRACTION' ? ?      ?      ?    ? r_sphericity_bonded          ? ? 
# 
_refine_ls_shell.pdbx_refine_id                   'X-RAY DIFFRACTION' 
_refine_ls_shell.d_res_high                       1.599 
_refine_ls_shell.d_res_low                        1.640 
_refine_ls_shell.number_reflns_all                ? 
_refine_ls_shell.number_reflns_obs                ? 
_refine_ls_shell.number_reflns_R_free             81 
_refine_ls_shell.number_reflns_R_work             1423 
_refine_ls_shell.percent_reflns_obs               98.82 
_refine_ls_shell.percent_reflns_R_free            ? 
_refine_ls_shell.R_factor_all                     ? 
_refine_ls_shell.R_factor_obs                     ? 
_refine_ls_shell.R_factor_R_free                  0.239 
_refine_ls_shell.R_factor_R_free_error            ? 
_refine_ls_shell.R_factor_R_work                  0.232 
_refine_ls_shell.redundancy_reflns_all            ? 
_refine_ls_shell.redundancy_reflns_obs            ? 
_refine_ls_shell.wR_factor_all                    ? 
_refine_ls_shell.wR_factor_obs                    ? 
_refine_ls_shell.wR_factor_R_free                 ? 
_refine_ls_shell.wR_factor_R_work                 ? 
_refine_ls_shell.pdbx_total_number_of_bins_used   20 
_refine_ls_shell.pdbx_phase_error                 ? 
_refine_ls_shell.pdbx_fsc_work                    ? 
_refine_ls_shell.pdbx_fsc_free                    ? 
# 
_struct.entry_id                     6AUH 
_struct.title                        'Artificial Metalloproteins Containing a Co4O4 Active Site - 2xm-S112Y-a' 
_struct.pdbx_model_details           ? 
_struct.pdbx_formula_weight          ? 
_struct.pdbx_formula_weight_method   ? 
_struct.pdbx_model_type_details      ? 
_struct.pdbx_CASP_flag               N 
# 
_struct_keywords.entry_id        6AUH 
_struct_keywords.text            
'streptavidin, biotin, artificial metalloprotein, Co4O4, photosynthesis, water oxidation, biomimetic, METAL BINDING PROTEIN' 
_struct_keywords.pdbx_keywords   'METAL BINDING PROTEIN' 
# 
loop_
_struct_asym.id 
_struct_asym.pdbx_blank_PDB_chainid_flag 
_struct_asym.pdbx_modified 
_struct_asym.entity_id 
_struct_asym.details 
A N N 1 ? 
B N N 2 ? 
C N N 3 ? 
# 
loop_
_struct_conf.conf_type_id 
_struct_conf.id 
_struct_conf.pdbx_PDB_helix_id 
_struct_conf.beg_label_comp_id 
_struct_conf.beg_label_asym_id 
_struct_conf.beg_label_seq_id 
_struct_conf.pdbx_beg_PDB_ins_code 
_struct_conf.end_label_comp_id 
_struct_conf.end_label_asym_id 
_struct_conf.end_label_seq_id 
_struct_conf.pdbx_end_PDB_ins_code 
_struct_conf.beg_auth_comp_id 
_struct_conf.beg_auth_asym_id 
_struct_conf.beg_auth_seq_id 
_struct_conf.end_auth_comp_id 
_struct_conf.end_auth_asym_id 
_struct_conf.end_auth_seq_id 
_struct_conf.pdbx_PDB_helix_class 
_struct_conf.details 
_struct_conf.pdbx_PDB_helix_length 
HELX_P HELX_P1 AA1 ASP A 13  ? THR A 18  ? ASP A 13  THR A 18  1 ? 6 
HELX_P HELX_P2 AA2 THR A 115 ? ALA A 121 ? THR A 115 ALA A 121 5 ? 7 
# 
_struct_conf_type.id          HELX_P 
_struct_conf_type.criteria    ? 
_struct_conf_type.reference   ? 
# 
_struct_sheet.id               AA1 
_struct_sheet.type             ? 
_struct_sheet.number_strands   9 
_struct_sheet.details          ? 
# 
loop_
_struct_sheet_order.sheet_id 
_struct_sheet_order.range_id_1 
_struct_sheet_order.range_id_2 
_struct_sheet_order.offset 
_struct_sheet_order.sense 
AA1 1 2 ? anti-parallel 
AA1 2 3 ? anti-parallel 
AA1 3 4 ? anti-parallel 
AA1 4 5 ? anti-parallel 
AA1 5 6 ? anti-parallel 
AA1 6 7 ? anti-parallel 
AA1 7 8 ? anti-parallel 
AA1 8 9 ? anti-parallel 
# 
loop_
_struct_sheet_range.sheet_id 
_struct_sheet_range.id 
_struct_sheet_range.beg_label_comp_id 
_struct_sheet_range.beg_label_asym_id 
_struct_sheet_range.beg_label_seq_id 
_struct_sheet_range.pdbx_beg_PDB_ins_code 
_struct_sheet_range.end_label_comp_id 
_struct_sheet_range.end_label_asym_id 
_struct_sheet_range.end_label_seq_id 
_struct_sheet_range.pdbx_end_PDB_ins_code 
_struct_sheet_range.beg_auth_comp_id 
_struct_sheet_range.beg_auth_asym_id 
_struct_sheet_range.beg_auth_seq_id 
_struct_sheet_range.end_auth_comp_id 
_struct_sheet_range.end_auth_asym_id 
_struct_sheet_range.end_auth_seq_id 
AA1 1 GLY A 19  ? ASN A 23  ? GLY A 19  ASN A 23  
AA1 2 THR A 28  ? ALA A 33  ? THR A 28  ALA A 33  
AA1 3 ALA A 38  ? GLU A 44  ? ALA A 38  GLU A 44  
AA1 4 TYR A 54  ? TYR A 60  ? TYR A 54  TYR A 60  
AA1 5 THR A 71  ? LYS A 80  ? THR A 71  LYS A 80  
AA1 6 ASN A 85  ? VAL A 97  ? ASN A 85  VAL A 97  
AA1 7 ARG A 103 ? TYR A 112 ? ARG A 103 TYR A 112 
AA1 8 THR A 123 ? THR A 131 ? THR A 123 THR A 131 
AA1 9 GLY A 19  ? ASN A 23  ? GLY A 19  ASN A 23  
# 
loop_
_pdbx_struct_sheet_hbond.sheet_id 
_pdbx_struct_sheet_hbond.range_id_1 
_pdbx_struct_sheet_hbond.range_id_2 
_pdbx_struct_sheet_hbond.range_1_label_atom_id 
_pdbx_struct_sheet_hbond.range_1_label_comp_id 
_pdbx_struct_sheet_hbond.range_1_label_asym_id 
_pdbx_struct_sheet_hbond.range_1_label_seq_id 
_pdbx_struct_sheet_hbond.range_1_PDB_ins_code 
_pdbx_struct_sheet_hbond.range_1_auth_atom_id 
_pdbx_struct_sheet_hbond.range_1_auth_comp_id 
_pdbx_struct_sheet_hbond.range_1_auth_asym_id 
_pdbx_struct_sheet_hbond.range_1_auth_seq_id 
_pdbx_struct_sheet_hbond.range_2_label_atom_id 
_pdbx_struct_sheet_hbond.range_2_label_comp_id 
_pdbx_struct_sheet_hbond.range_2_label_asym_id 
_pdbx_struct_sheet_hbond.range_2_label_seq_id 
_pdbx_struct_sheet_hbond.range_2_PDB_ins_code 
_pdbx_struct_sheet_hbond.range_2_auth_atom_id 
_pdbx_struct_sheet_hbond.range_2_auth_comp_id 
_pdbx_struct_sheet_hbond.range_2_auth_asym_id 
_pdbx_struct_sheet_hbond.range_2_auth_seq_id 
AA1 1 2 N TRP A 21  ? N TRP A 21  O PHE A 29  ? O PHE A 29  
AA1 2 3 N THR A 32  ? N THR A 32  O THR A 40  ? O THR A 40  
AA1 3 4 N LEU A 39  ? N LEU A 39  O GLY A 58  ? O GLY A 58  
AA1 4 5 N THR A 57  ? N THR A 57  O THR A 76  ? O THR A 76  
AA1 5 6 N LEU A 73  ? N LEU A 73  O GLY A 94  ? O GLY A 94  
AA1 6 7 N VAL A 97  ? N VAL A 97  O ARG A 103 ? O ARG A 103 
AA1 7 8 N ILE A 104 ? N ILE A 104 O PHE A 130 ? O PHE A 130 
AA1 8 9 O THR A 131 ? O THR A 131 N TYR A 22  ? N TYR A 22  
# 
_struct_site.id                   AC1 
_struct_site.pdbx_evidence_code   Software 
_struct_site.pdbx_auth_asym_id    A 
_struct_site.pdbx_auth_comp_id    OL5 
_struct_site.pdbx_auth_seq_id     201 
_struct_site.pdbx_auth_ins_code   ? 
_struct_site.pdbx_num_residues    17 
_struct_site.details              'binding site for residue OL5 A 201' 
# 
loop_
_struct_site_gen.id 
_struct_site_gen.site_id 
_struct_site_gen.pdbx_num_res 
_struct_site_gen.label_comp_id 
_struct_site_gen.label_asym_id 
_struct_site_gen.label_seq_id 
_struct_site_gen.pdbx_auth_ins_code 
_struct_site_gen.auth_comp_id 
_struct_site_gen.auth_asym_id 
_struct_site_gen.auth_seq_id 
_struct_site_gen.label_atom_id 
_struct_site_gen.label_alt_id 
_struct_site_gen.symmetry 
_struct_site_gen.details 
1  AC1 17 ASN A 23  ? ASN A 23  . ? 1_555  ? 
2  AC1 17 LEU A 25  ? LEU A 25  . ? 1_555  ? 
3  AC1 17 SER A 27  ? SER A 27  . ? 1_555  ? 
4  AC1 17 TYR A 43  ? TYR A 43  . ? 1_555  ? 
5  AC1 17 SER A 45  ? SER A 45  . ? 1_555  ? 
6  AC1 17 VAL A 47  ? VAL A 47  . ? 1_555  ? 
7  AC1 17 GLY A 48  ? GLY A 48  . ? 1_555  ? 
8  AC1 17 ASN A 49  ? ASN A 49  . ? 1_555  ? 
9  AC1 17 TRP A 79  ? TRP A 79  . ? 1_555  ? 
10 AC1 17 SER A 88  ? SER A 88  . ? 1_555  ? 
11 AC1 17 THR A 90  ? THR A 90  . ? 1_555  ? 
12 AC1 17 TRP A 108 ? TRP A 108 . ? 1_555  ? 
13 AC1 17 TYR A 112 ? TYR A 112 . ? 1_555  ? 
14 AC1 17 TRP A 120 ? TRP A 120 . ? 10_555 ? 
15 AC1 17 ALA A 121 ? ALA A 121 . ? 1_555  ? 
16 AC1 17 SER A 122 ? SER A 122 . ? 1_555  ? 
17 AC1 17 ASP A 128 ? ASP A 128 . ? 1_555  ? 
# 
_atom_sites.entry_id                    6AUH 
_atom_sites.fract_transf_matrix[1][1]   -0.00267258 
_atom_sites.fract_transf_matrix[1][2]   0.00218867 
_atom_sites.fract_transf_matrix[1][3]   0.01698324 
_atom_sites.fract_transf_matrix[2][1]   -0.01421410 
_atom_sites.fract_transf_matrix[2][2]   0.00930161 
_atom_sites.fract_transf_matrix[2][3]   -0.00343554 
_atom_sites.fract_transf_matrix[3][1]   -0.00299837 
_atom_sites.fract_transf_matrix[3][2]   -0.00454008 
_atom_sites.fract_transf_matrix[3][3]   0.00011325 
_atom_sites.fract_transf_vector[1]      -0.258981 
_atom_sites.fract_transf_vector[2]      -0.074816 
_atom_sites.fract_transf_vector[3]      -0.009992 
# 
loop_
_atom_type.symbol 
C  
CO 
N  
O  
S  
# 
loop_
_atom_site.group_PDB 
_atom_site.id 
_atom_site.type_symbol 
_atom_site.label_atom_id 
_atom_site.label_alt_id 
_atom_site.label_comp_id 
_atom_site.label_asym_id 
_atom_site.label_entity_id 
_atom_site.label_seq_id 
_atom_site.pdbx_PDB_ins_code 
_atom_site.Cartn_x 
_atom_site.Cartn_y 
_atom_site.Cartn_z 
_atom_site.occupancy 
_atom_site.B_iso_or_equiv 
_atom_site.pdbx_formal_charge 
_atom_site.auth_seq_id 
_atom_site.auth_comp_id 
_atom_site.auth_asym_id 
_atom_site.auth_atom_id 
_atom_site.pdbx_PDB_model_num 
ATOM   1    N  N   . ARG A 1 12  ? -7.561  -16.672 -7.278  1.00 53.33 ? 12  ARG A N   1 
ATOM   2    C  CA  . ARG A 1 12  ? -6.289  -16.427 -7.988  1.00 53.44 ? 12  ARG A CA  1 
ATOM   3    C  C   . ARG A 1 12  ? -6.314  -15.024 -8.628  1.00 51.23 ? 12  ARG A C   1 
ATOM   4    O  O   . ARG A 1 12  ? -6.742  -14.808 -9.757  1.00 47.96 ? 12  ARG A O   1 
ATOM   5    C  CB  . ARG A 1 12  ? -6.023  -17.539 -9.021  1.00 66.71 ? 12  ARG A CB  1 
ATOM   6    C  CG  . ARG A 1 12  ? -4.884  -17.288 -10.018 1.00 76.07 ? 12  ARG A CG  1 
ATOM   7    C  CD  . ARG A 1 12  ? -3.687  -16.522 -9.456  1.00 74.66 ? 12  ARG A CD  1 
ATOM   8    N  NE  . ARG A 1 12  ? -2.699  -17.369 -8.795  1.00 84.25 ? 12  ARG A NE  1 
ATOM   9    C  CZ  . ARG A 1 12  ? -2.164  -17.142 -7.597  1.00 78.33 ? 12  ARG A CZ  1 
ATOM   10   N  NH1 . ARG A 1 12  ? -1.246  -17.990 -7.128  1.00 81.82 ? 12  ARG A NH1 1 
ATOM   11   N  NH2 . ARG A 1 12  ? -2.543  -16.100 -6.855  1.00 75.35 ? 12  ARG A NH2 1 
ATOM   12   N  N   . ASP A 1 13  ? -5.818  -14.056 -7.886  1.00 41.60 ? 13  ASP A N   1 
ATOM   13   C  CA  . ASP A 1 13  ? -5.885  -12.667 -8.343  1.00 35.12 ? 13  ASP A CA  1 
ATOM   14   C  C   . ASP A 1 13  ? -4.545  -12.143 -8.658  1.00 33.56 ? 13  ASP A C   1 
ATOM   15   O  O   . ASP A 1 13  ? -4.376  -10.930 -8.652  1.00 33.19 ? 13  ASP A O   1 
ATOM   16   C  CB  . ASP A 1 13  ? -6.501  -11.831 -7.237  1.00 34.19 ? 13  ASP A CB  1 
ATOM   17   C  CG  . ASP A 1 13  ? -7.812  -12.330 -6.844  1.00 32.69 ? 13  ASP A CG  1 
ATOM   18   O  OD1 . ASP A 1 13  ? -8.744  -12.413 -7.722  1.00 34.77 ? 13  ASP A OD1 1 
ATOM   19   O  OD2 . ASP A 1 13  ? -7.954  -12.673 -5.686  1.00 31.87 ? 13  ASP A OD2 1 
ATOM   20   N  N   . GLU A 1 14  ? -3.568  -13.000 -8.962  1.00 32.24 ? 14  GLU A N   1 
ATOM   21   C  CA  . GLU A 1 14  ? -2.245  -12.496 -9.312  1.00 34.36 ? 14  GLU A CA  1 
ATOM   22   C  C   . GLU A 1 14  ? -2.251  -11.477 -10.486 1.00 35.22 ? 14  GLU A C   1 
ATOM   23   O  O   . GLU A 1 14  ? -1.688  -10.354 -10.394 1.00 29.26 ? 14  GLU A O   1 
ATOM   24   C  CB  . GLU A 1 14  ? -1.315  -13.695 -9.607  1.00 35.44 ? 14  GLU A CB  1 
ATOM   25   C  CG  . GLU A 1 14  ? 0.066   -13.301 -9.965  1.00 35.72 ? 14  GLU A CG  1 
ATOM   26   C  CD  . GLU A 1 14  ? 0.983   -14.496 -10.228 1.00 41.16 ? 14  GLU A CD  1 
ATOM   27   O  OE1 . GLU A 1 14  ? 2.130   -14.239 -10.663 1.00 47.62 ? 14  GLU A OE1 1 
ATOM   28   O  OE2 . GLU A 1 14  ? 0.537   -15.672 -10.012 1.00 40.86 ? 14  GLU A OE2 1 
ATOM   29   N  N   . ALA A 1 15  ? -2.899  -11.859 -11.603 1.00 31.73 ? 15  ALA A N   1 
ATOM   30   C  CA  . ALA A 1 15  ? -3.066  -10.921 -12.729 1.00 32.93 ? 15  ALA A CA  1 
ATOM   31   C  C   . ALA A 1 15  ? -3.914  -9.685  -12.383 1.00 30.26 ? 15  ALA A C   1 
ATOM   32   O  O   . ALA A 1 15  ? -3.543  -8.553  -12.796 1.00 31.83 ? 15  ALA A O   1 
ATOM   33   C  CB  . ALA A 1 15  ? -3.668  -11.674 -13.924 1.00 36.43 ? 15  ALA A CB  1 
ATOM   34   N  N   . GLY A 1 16  ? -4.961  -9.864  -11.556 1.00 27.26 ? 16  GLY A N   1 
ATOM   35   C  CA  . GLY A 1 16  ? -5.822  -8.720  -11.182 1.00 23.67 ? 16  GLY A CA  1 
ATOM   36   C  C   . GLY A 1 16  ? -5.105  -7.656  -10.317 1.00 22.36 ? 16  GLY A C   1 
ATOM   37   O  O   . GLY A 1 16  ? -5.310  -6.453  -10.509 1.00 23.92 ? 16  GLY A O   1 
ATOM   38   N  N   . ILE A 1 17  ? -4.187  -8.122  -9.451  1.00 20.49 ? 17  ILE A N   1 
ATOM   39   C  CA  . ILE A 1 17  ? -3.436  -7.171  -8.577  1.00 19.77 ? 17  ILE A CA  1 
ATOM   40   C  C   . ILE A 1 17  ? -2.290  -6.510  -9.249  1.00 19.93 ? 17  ILE A C   1 
ATOM   41   O  O   . ILE A 1 17  ? -1.984  -5.317  -9.046  1.00 20.75 ? 17  ILE A O   1 
ATOM   42   C  CB  . ILE A 1 17  ? -2.993  -7.899  -7.283  1.00 21.35 ? 17  ILE A CB  1 
ATOM   43   C  CG1 . ILE A 1 17  ? -4.238  -8.260  -6.508  1.00 23.94 ? 17  ILE A CG1 1 
ATOM   44   C  CG2 . ILE A 1 17  ? -2.085  -7.010  -6.430  1.00 20.18 ? 17  ILE A CG2 1 
ATOM   45   C  CD1 . ILE A 1 17  ? -3.999  -9.285  -5.404  1.00 23.68 ? 17  ILE A CD1 1 
ATOM   46   N  N   . THR A 1 18  ? -1.545  -7.290  -10.043 1.00 20.57 ? 18  THR A N   1 
ATOM   47   C  CA  . THR A 1 18  ? -0.313  -6.767  -10.655 1.00 20.68 ? 18  THR A CA  1 
ATOM   48   C  C   . THR A 1 18  ? -0.657  -5.622  -11.541 1.00 21.03 ? 18  THR A C   1 
ATOM   49   O  O   . THR A 1 18  ? -1.582  -5.703  -12.331 1.00 24.49 ? 18  THR A O   1 
ATOM   50   C  CB  . THR A 1 18  ? 0.408   -7.893  -11.460 1.00 20.25 ? 18  THR A CB  1 
ATOM   51   O  OG1 . THR A 1 18  ? 0.827   -8.901  -10.572 1.00 21.47 ? 18  THR A OG1 1 
ATOM   52   C  CG2 . THR A 1 18  ? 1.544   -7.324  -12.259 1.00 20.96 ? 18  THR A CG2 1 
ATOM   53   N  N   . GLY A 1 19  ? 0.121   -4.526  -11.435 1.00 18.33 ? 19  GLY A N   1 
ATOM   54   C  CA  . GLY A 1 19  ? -0.023  -3.391  -12.228 1.00 21.32 ? 19  GLY A CA  1 
ATOM   55   C  C   . GLY A 1 19  ? 0.157   -2.062  -11.522 1.00 20.84 ? 19  GLY A C   1 
ATOM   56   O  O   . GLY A 1 19  ? 0.657   -2.029  -10.362 1.00 20.11 ? 19  GLY A O   1 
ATOM   57   N  N   . THR A 1 20  ? -0.440  -1.045  -12.078 1.00 21.07 ? 20  THR A N   1 
ATOM   58   C  CA  . THR A 1 20  ? -0.267  0.344   -11.593 1.00 19.76 ? 20  THR A CA  1 
ATOM   59   C  C   . THR A 1 20  ? -1.615  0.780   -11.093 1.00 24.43 ? 20  THR A C   1 
ATOM   60   O  O   . THR A 1 20  ? -2.626  0.540   -11.691 1.00 22.70 ? 20  THR A O   1 
ATOM   61   C  CB  . THR A 1 20  ? 0.204   1.288   -12.724 1.00 22.78 ? 20  THR A CB  1 
ATOM   62   O  OG1 . THR A 1 20  ? 1.508   0.925   -13.112 1.00 24.18 ? 20  THR A OG1 1 
ATOM   63   C  CG2 . THR A 1 20  ? 0.290   2.696   -12.206 1.00 21.68 ? 20  THR A CG2 1 
ATOM   64   N  N   . TRP A 1 21  ? -1.632  1.292   -9.842  1.00 19.12 ? 21  TRP A N   1 
ATOM   65   C  CA  . TRP A 1 21  ? -2.788  1.746   -9.146  1.00 18.35 ? 21  TRP A CA  1 
ATOM   66   C  C   . TRP A 1 21  ? -2.605  3.150   -8.672  1.00 16.74 ? 21  TRP A C   1 
ATOM   67   O  O   . TRP A 1 21  ? -1.508  3.573   -8.448  1.00 18.05 ? 21  TRP A O   1 
ATOM   68   C  CB  . TRP A 1 21  ? -3.049  0.830   -7.937  1.00 19.09 ? 21  TRP A CB  1 
ATOM   69   C  CG  . TRP A 1 21  ? -3.390  -0.611  -8.273  1.00 17.29 ? 21  TRP A CG  1 
ATOM   70   C  CD1 . TRP A 1 21  ? -2.540  -1.606  -8.412  1.00 17.79 ? 21  TRP A CD1 1 
ATOM   71   C  CD2 . TRP A 1 21  ? -4.674  -1.192  -8.309  1.00 16.86 ? 21  TRP A CD2 1 
ATOM   72   N  NE1 . TRP A 1 21  ? -3.176  -2.784  -8.596  1.00 17.66 ? 21  TRP A NE1 1 
ATOM   73   C  CE2 . TRP A 1 21  ? -4.505  -2.546  -8.574  1.00 16.81 ? 21  TRP A CE2 1 
ATOM   74   C  CE3 . TRP A 1 21  ? -5.972  -0.664  -8.215  1.00 17.90 ? 21  TRP A CE3 1 
ATOM   75   C  CZ2 . TRP A 1 21  ? -5.554  -3.432  -8.663  1.00 17.70 ? 21  TRP A CZ2 1 
ATOM   76   C  CZ3 . TRP A 1 21  ? -7.009  -1.566  -8.298  1.00 19.23 ? 21  TRP A CZ3 1 
ATOM   77   C  CH2 . TRP A 1 21  ? -6.765  -2.917  -8.543  1.00 19.13 ? 21  TRP A CH2 1 
ATOM   78   N  N   . TYR A 1 22  ? -3.735  3.880   -8.561  1.00 17.06 ? 22  TYR A N   1 
ATOM   79   C  CA  . TYR A 1 22  ? -3.719  5.260   -8.141  1.00 18.27 ? 22  TYR A CA  1 
ATOM   80   C  C   . TYR A 1 22  ? -4.778  5.472   -6.985  1.00 17.55 ? 22  TYR A C   1 
ATOM   81   O  O   . TYR A 1 22  ? -5.868  4.878   -7.018  1.00 18.01 ? 22  TYR A O   1 
ATOM   82   C  CB  . TYR A 1 22  ? -4.152  6.174   -9.299  1.00 21.69 ? 22  TYR A CB  1 
ATOM   83   C  CG  . TYR A 1 22  ? -3.411  5.916   -10.594 1.00 18.48 ? 22  TYR A CG  1 
ATOM   84   C  CD1 . TYR A 1 22  ? -2.216  6.501   -10.834 1.00 22.05 ? 22  TYR A CD1 1 
ATOM   85   C  CD2 . TYR A 1 22  ? -3.905  4.962   -11.490 1.00 22.26 ? 22  TYR A CD2 1 
ATOM   86   C  CE1 . TYR A 1 22  ? -1.505  6.201   -12.054 1.00 22.64 ? 22  TYR A CE1 1 
ATOM   87   C  CE2 . TYR A 1 22  ? -3.244  4.623   -12.615 1.00 21.62 ? 22  TYR A CE2 1 
ATOM   88   C  CZ  . TYR A 1 22  ? -2.045  5.294   -12.891 1.00 22.64 ? 22  TYR A CZ  1 
ATOM   89   O  OH  . TYR A 1 22  ? -1.246  5.004   -14.057 1.00 23.83 ? 22  TYR A OH  1 
ATOM   90   N  N   . ASN A 1 23  ? -4.414  6.249   -5.967  1.00 17.88 ? 23  ASN A N   1 
ATOM   91   C  CA  . ASN A 1 23  ? -5.370  6.514   -4.964  1.00 17.16 ? 23  ASN A CA  1 
ATOM   92   C  C   . ASN A 1 23  ? -6.006  7.886   -5.102  1.00 19.52 ? 23  ASN A C   1 
ATOM   93   O  O   . ASN A 1 23  ? -5.632  8.653   -6.028  1.00 19.63 ? 23  ASN A O   1 
ATOM   94   C  CB  . ASN A 1 23  ? -4.784  6.238   -3.524  1.00 14.74 ? 23  ASN A CB  1 
ATOM   95   C  CG  . ASN A 1 23  ? -3.784  7.276   -3.074  1.00 16.89 ? 23  ASN A CG  1 
ATOM   96   O  OD1 . ASN A 1 23  ? -3.645  8.364   -3.665  1.00 15.94 ? 23  ASN A OD1 1 
ATOM   97   N  ND2 . ASN A 1 23  ? -3.125  7.015   -1.943  1.00 17.64 ? 23  ASN A ND2 1 
ATOM   98   N  N   . GLN A 1 24  ? -6.824  8.257   -4.124  1.00 18.62 ? 24  GLN A N   1 
ATOM   99   C  CA  . GLN A 1 24  ? -7.621  9.474   -4.160  1.00 18.96 ? 24  GLN A CA  1 
ATOM   100  C  C   . GLN A 1 24  ? -6.798  10.717  -4.000  1.00 19.43 ? 24  GLN A C   1 
ATOM   101  O  O   . GLN A 1 24  ? -7.267  11.833  -4.276  1.00 23.49 ? 24  GLN A O   1 
ATOM   102  C  CB  . GLN A 1 24  ? -8.750  9.468   -3.130  1.00 19.46 ? 24  GLN A CB  1 
ATOM   103  C  CG  . GLN A 1 24  ? -8.364  9.622   -1.666  1.00 19.59 ? 24  GLN A CG  1 
ATOM   104  C  CD  . GLN A 1 24  ? -7.561  8.426   -1.033  1.00 20.11 ? 24  GLN A CD  1 
ATOM   105  O  OE1 . GLN A 1 24  ? -7.482  7.301   -1.555  1.00 19.37 ? 24  GLN A OE1 1 
ATOM   106  N  NE2 . GLN A 1 24  ? -6.939  8.734   0.056   1.00 19.01 ? 24  GLN A NE2 1 
ATOM   107  N  N   . LEU A 1 25  ? -5.565  10.575  -3.558  1.00 15.16 ? 25  LEU A N   1 
ATOM   108  C  CA  . LEU A 1 25  ? -4.611  11.665  -3.400  1.00 16.95 ? 25  LEU A CA  1 
ATOM   109  C  C   . LEU A 1 25  ? -3.783  11.875  -4.611  1.00 18.91 ? 25  LEU A C   1 
ATOM   110  O  O   . LEU A 1 25  ? -2.972  12.886  -4.593  1.00 23.84 ? 25  LEU A O   1 
ATOM   111  C  CB  . LEU A 1 25  ? -3.656  11.372  -2.244  1.00 18.79 ? 25  LEU A CB  1 
ATOM   112  C  CG  . LEU A 1 25  ? -4.284  11.217  -0.859  1.00 21.82 ? 25  LEU A CG  1 
ATOM   113  C  CD1 . LEU A 1 25  ? -3.293  10.748  0.169   1.00 23.37 ? 25  LEU A CD1 1 
ATOM   114  C  CD2 . LEU A 1 25  ? -4.896  12.500  -0.397  1.00 25.92 ? 25  LEU A CD2 1 
ATOM   115  N  N   . GLY A 1 26  ? -3.915  10.992  -5.587  1.00 20.75 ? 26  GLY A N   1 
ATOM   116  C  CA  . GLY A 1 26  ? -3.020  10.962  -6.745  1.00 21.01 ? 26  GLY A CA  1 
ATOM   117  C  C   . GLY A 1 26  ? -1.677  10.313  -6.543  1.00 21.24 ? 26  GLY A C   1 
ATOM   118  O  O   . GLY A 1 26  ? -0.801  10.414  -7.464  1.00 22.03 ? 26  GLY A O   1 
ATOM   119  N  N   . SER A 1 27  ? -1.520  9.504   -5.472  1.00 16.60 ? 27  SER A N   1 
ATOM   120  C  CA  . SER A 1 27  ? -0.396  8.654   -5.318  1.00 15.93 ? 27  SER A CA  1 
ATOM   121  C  C   . SER A 1 27  ? -0.421  7.467   -6.307  1.00 15.58 ? 27  SER A C   1 
ATOM   122  O  O   . SER A 1 27  ? -1.474  6.980   -6.647  1.00 17.83 ? 27  SER A O   1 
ATOM   123  C  CB  . SER A 1 27  ? -0.232  8.166   -3.869  1.00 16.11 ? 27  SER A CB  1 
ATOM   124  O  OG  . SER A 1 27  ? -0.123  9.257   -3.014  1.00 16.18 ? 27  SER A OG  1 
ATOM   125  N  N   . THR A 1 28  ? 0.738   6.930   -6.627  1.00 17.89 ? 28  THR A N   1 
ATOM   126  C  CA  . THR A 1 28  ? 0.916   5.832   -7.581  1.00 18.37 ? 28  THR A CA  1 
ATOM   127  C  C   . THR A 1 28  ? 1.592   4.646   -6.936  1.00 17.63 ? 28  THR A C   1 
ATOM   128  O  O   . THR A 1 28  ? 2.666   4.743   -6.325  1.00 19.41 ? 28  THR A O   1 
ATOM   129  C  CB  . THR A 1 28  ? 1.847   6.266   -8.744  1.00 20.20 ? 28  THR A CB  1 
ATOM   130  O  OG1 . THR A 1 28  ? 1.381   7.522   -9.233  1.00 23.63 ? 28  THR A OG1 1 
ATOM   131  C  CG2 . THR A 1 28  ? 1.919   5.220   -9.901  1.00 22.44 ? 28  THR A CG2 1 
ATOM   132  N  N   . PHE A 1 29  ? 0.905   3.491   -7.015  1.00 16.85 ? 29  PHE A N   1 
ATOM   133  C  CA  . PHE A 1 29  ? 1.315   2.259   -6.378  1.00 19.19 ? 29  PHE A CA  1 
ATOM   134  C  C   . PHE A 1 29  ? 1.558   1.294   -7.557  1.00 21.36 ? 29  PHE A C   1 
ATOM   135  O  O   . PHE A 1 29  ? 0.584   0.910   -8.184  1.00 23.16 ? 29  PHE A O   1 
ATOM   136  C  CB  . PHE A 1 29  ? 0.119   1.835   -5.387  1.00 20.35 ? 29  PHE A CB  1 
ATOM   137  C  CG  . PHE A 1 29  ? 0.129   0.462   -4.892  1.00 20.03 ? 29  PHE A CG  1 
ATOM   138  C  CD1 . PHE A 1 29  ? 1.229   -0.115  -4.305  1.00 19.98 ? 29  PHE A CD1 1 
ATOM   139  C  CD2 . PHE A 1 29  ? -1.072  -0.258  -4.796  1.00 18.60 ? 29  PHE A CD2 1 
ATOM   140  C  CE1 . PHE A 1 29  ? 1.210   -1.393  -3.771  1.00 19.37 ? 29  PHE A CE1 1 
ATOM   141  C  CE2 . PHE A 1 29  ? -1.084  -1.487  -4.332  1.00 17.02 ? 29  PHE A CE2 1 
ATOM   142  C  CZ  . PHE A 1 29  ? 0.051   -2.129  -3.809  1.00 18.00 ? 29  PHE A CZ  1 
ATOM   143  N  N   . ILE A 1 30  ? 2.786   0.859   -7.712  1.00 17.31 ? 30  ILE A N   1 
ATOM   144  C  CA  . ILE A 1 30  ? 3.188   -0.060  -8.800  1.00 21.97 ? 30  ILE A CA  1 
ATOM   145  C  C   . ILE A 1 30  ? 3.579   -1.374  -8.145  1.00 19.83 ? 30  ILE A C   1 
ATOM   146  O  O   . ILE A 1 30  ? 4.472   -1.384  -7.288  1.00 20.74 ? 30  ILE A O   1 
ATOM   147  C  CB  . ILE A 1 30  ? 4.351   0.585   -9.576  1.00 25.91 ? 30  ILE A CB  1 
ATOM   148  C  CG1 . ILE A 1 30  ? 3.797   1.790   -10.321 1.00 26.40 ? 30  ILE A CG1 1 
ATOM   149  C  CG2 . ILE A 1 30  ? 4.992   -0.461  -10.494 1.00 27.98 ? 30  ILE A CG2 1 
ATOM   150  C  CD1 . ILE A 1 30  ? 4.832   2.666   -10.970 1.00 26.40 ? 30  ILE A CD1 1 
ATOM   151  N  N   . VAL A 1 31  ? 2.836   -2.473  -8.390  1.00 19.09 ? 31  VAL A N   1 
ATOM   152  C  CA  . VAL A 1 31  ? 2.998   -3.699  -7.661  1.00 21.20 ? 31  VAL A CA  1 
ATOM   153  C  C   . VAL A 1 31  ? 3.030   -4.893  -8.588  1.00 21.48 ? 31  VAL A C   1 
ATOM   154  O  O   . VAL A 1 31  ? 2.348   -4.923  -9.598  1.00 20.39 ? 31  VAL A O   1 
ATOM   155  C  CB  . VAL A 1 31  ? 1.904   -3.846  -6.617  1.00 21.23 ? 31  VAL A CB  1 
ATOM   156  C  CG1 . VAL A 1 31  ? 0.480   -4.018  -7.260  1.00 20.26 ? 31  VAL A CG1 1 
ATOM   157  C  CG2 . VAL A 1 31  ? 2.260   -4.924  -5.630  1.00 22.98 ? 31  VAL A CG2 1 
ATOM   158  N  N   . THR A 1 32  ? 3.833   -5.866  -8.219  1.00 19.78 ? 32  THR A N   1 
ATOM   159  C  CA  . THR A 1 32  ? 3.749   -7.182  -8.796  1.00 21.97 ? 32  THR A CA  1 
ATOM   160  C  C   . THR A 1 32  ? 3.351   -8.135  -7.745  1.00 23.07 ? 32  THR A C   1 
ATOM   161  O  O   . THR A 1 32  ? 4.016   -8.233  -6.696  1.00 19.65 ? 32  THR A O   1 
ATOM   162  C  CB  . THR A 1 32  ? 5.106   -7.602  -9.433  1.00 25.84 ? 32  THR A CB  1 
ATOM   163  O  OG1 . THR A 1 32  ? 5.498   -6.624  -10.431 1.00 27.68 ? 32  THR A OG1 1 
ATOM   164  C  CG2 . THR A 1 32  ? 4.990   -8.993  -10.041 1.00 28.72 ? 32  THR A CG2 1 
ATOM   165  N  N   . ALA A 1 33  ? 2.362   -8.965  -8.062  1.00 19.90 ? 33  ALA A N   1 
ATOM   166  C  CA  . ALA A 1 33  ? 1.918   -10.057 -7.160  1.00 20.43 ? 33  ALA A CA  1 
ATOM   167  C  C   . ALA A 1 33  ? 2.549   -11.359 -7.628  1.00 23.93 ? 33  ALA A C   1 
ATOM   168  O  O   . ALA A 1 33  ? 2.431   -11.701 -8.852  1.00 24.70 ? 33  ALA A O   1 
ATOM   169  C  CB  . ALA A 1 33  ? 0.433   -10.152 -7.143  1.00 22.85 ? 33  ALA A CB  1 
ATOM   170  N  N   . GLY A 1 34  ? 3.259   -12.005 -6.721  1.00 22.94 ? 34  GLY A N   1 
ATOM   171  C  CA  . GLY A 1 34  ? 3.948   -13.314 -6.966  1.00 21.90 ? 34  GLY A CA  1 
ATOM   172  C  C   . GLY A 1 34  ? 2.975   -14.466 -6.752  1.00 23.48 ? 34  GLY A C   1 
ATOM   173  O  O   . GLY A 1 34  ? 1.986   -14.373 -6.083  1.00 23.85 ? 34  GLY A O   1 
ATOM   174  N  N   . ALA A 1 35  ? 3.225   -15.579 -7.435  1.00 22.36 ? 35  ALA A N   1 
ATOM   175  C  CA  . ALA A 1 35  ? 2.382   -16.792 -7.252  1.00 26.12 ? 35  ALA A CA  1 
ATOM   176  C  C   . ALA A 1 35  ? 2.355   -17.328 -5.838  1.00 28.05 ? 35  ALA A C   1 
ATOM   177  O  O   . ALA A 1 35  ? 1.427   -18.041 -5.474  1.00 32.11 ? 35  ALA A O   1 
ATOM   178  C  CB  . ALA A 1 35  ? 2.913   -17.886 -8.197  1.00 29.40 ? 35  ALA A CB  1 
ATOM   179  N  N   . ASP A 1 36  ? 3.404   -16.981 -5.118  1.00 29.02 ? 36  ASP A N   1 
ATOM   180  C  CA  . ASP A 1 36  ? 3.744   -17.415 -3.758  1.00 33.59 ? 36  ASP A CA  1 
ATOM   181  C  C   . ASP A 1 36  ? 3.121   -16.461 -2.697  1.00 29.02 ? 36  ASP A C   1 
ATOM   182  O  O   . ASP A 1 36  ? 3.269   -16.735 -1.547  1.00 33.61 ? 36  ASP A O   1 
ATOM   183  C  CB  . ASP A 1 36  ? 5.302   -17.407 -3.610  1.00 32.42 ? 36  ASP A CB  1 
ATOM   184  C  CG  . ASP A 1 36  ? 5.983   -15.953 -3.788  1.00 35.54 ? 36  ASP A CG  1 
ATOM   185  O  OD1 . ASP A 1 36  ? 5.367   -15.010 -4.246  1.00 29.41 ? 36  ASP A OD1 1 
ATOM   186  O  OD2 . ASP A 1 36  ? 7.176   -15.737 -3.460  1.00 41.62 ? 36  ASP A OD2 1 
ATOM   187  N  N   . GLY A 1 37  ? 2.429   -15.380 -3.098  1.00 22.60 ? 37  GLY A N   1 
ATOM   188  C  CA  . GLY A 1 37  ? 1.805   -14.472 -2.101  1.00 20.25 ? 37  GLY A CA  1 
ATOM   189  C  C   . GLY A 1 37  ? 2.595   -13.214 -1.953  1.00 20.55 ? 37  GLY A C   1 
ATOM   190  O  O   . GLY A 1 37  ? 2.212   -12.419 -1.110  1.00 17.36 ? 37  GLY A O   1 
ATOM   191  N  N   . ALA A 1 38  ? 3.734   -13.072 -2.620  1.00 19.73 ? 38  ALA A N   1 
ATOM   192  C  CA  . ALA A 1 38  ? 4.516   -11.806 -2.435  1.00 19.09 ? 38  ALA A CA  1 
ATOM   193  C  C   . ALA A 1 38  ? 3.903   -10.607 -3.131  1.00 22.00 ? 38  ALA A C   1 
ATOM   194  O  O   . ALA A 1 38  ? 3.413   -10.748 -4.256  1.00 20.21 ? 38  ALA A O   1 
ATOM   195  C  CB  . ALA A 1 38  ? 5.942   -11.980 -2.857  1.00 24.87 ? 38  ALA A CB  1 
ATOM   196  N  N   . LEU A 1 39  ? 4.147   -9.437  -2.568  1.00 17.44 ? 39  LEU A N   1 
ATOM   197  C  CA  . LEU A 1 39  ? 3.930   -8.167  -3.245  1.00 18.02 ? 39  LEU A CA  1 
ATOM   198  C  C   . LEU A 1 39  ? 5.250   -7.421  -3.232  1.00 16.00 ? 39  LEU A C   1 
ATOM   199  O  O   . LEU A 1 39  ? 5.873   -7.289  -2.204  1.00 17.07 ? 39  LEU A O   1 
ATOM   200  C  CB  . LEU A 1 39  ? 2.847   -7.265  -2.567  1.00 17.33 ? 39  LEU A CB  1 
ATOM   201  C  CG  . LEU A 1 39  ? 1.452   -7.903  -2.467  1.00 17.05 ? 39  LEU A CG  1 
ATOM   202  C  CD1 . LEU A 1 39  ? 0.560   -6.939  -1.721  1.00 16.87 ? 39  LEU A CD1 1 
ATOM   203  C  CD2 . LEU A 1 39  ? 0.801   -8.111  -3.805  1.00 16.81 ? 39  LEU A CD2 1 
ATOM   204  N  N   . THR A 1 40  ? 5.639   -6.959  -4.409  1.00 16.85 ? 40  THR A N   1 
ATOM   205  C  CA  . THR A 1 40  ? 6.853   -6.111  -4.568  1.00 18.35 ? 40  THR A CA  1 
ATOM   206  C  C   . THR A 1 40  ? 6.546   -4.978  -5.459  1.00 19.44 ? 40  THR A C   1 
ATOM   207  O  O   . THR A 1 40  ? 5.853   -5.167  -6.466  1.00 23.68 ? 40  THR A O   1 
ATOM   208  C  CB  . THR A 1 40  ? 8.049   -6.918  -5.198  1.00 18.78 ? 40  THR A CB  1 
ATOM   209  O  OG1 A THR A 1 40  ? 7.566   -7.568  -6.370  0.50 16.89 ? 40  THR A OG1 1 
ATOM   210  O  OG1 B THR A 1 40  ? 7.930   -8.296  -4.733  0.50 18.33 ? 40  THR A OG1 1 
ATOM   211  C  CG2 A THR A 1 40  ? 8.629   -7.950  -4.227  0.50 17.57 ? 40  THR A CG2 1 
ATOM   212  C  CG2 B THR A 1 40  ? 9.316   -6.377  -4.759  0.50 17.49 ? 40  THR A CG2 1 
ATOM   213  N  N   . GLY A 1 41  ? 7.213   -3.832  -5.260  1.00 15.31 ? 41  GLY A N   1 
ATOM   214  C  CA  . GLY A 1 41  ? 7.081   -2.744  -6.191  1.00 17.71 ? 41  GLY A CA  1 
ATOM   215  C  C   . GLY A 1 41  ? 7.630   -1.443  -5.629  1.00 15.50 ? 41  GLY A C   1 
ATOM   216  O  O   . GLY A 1 41  ? 8.592   -1.433  -4.806  1.00 17.91 ? 41  GLY A O   1 
ATOM   217  N  N   . THR A 1 42  ? 6.912   -0.379  -6.028  1.00 16.52 ? 42  THR A N   1 
ATOM   218  C  CA  . THR A 1 42  ? 7.295   0.993   -5.665  1.00 15.40 ? 42  THR A CA  1 
ATOM   219  C  C   . THR A 1 42  ? 6.060   1.853   -5.384  1.00 16.27 ? 42  THR A C   1 
ATOM   220  O  O   . THR A 1 42  ? 5.012   1.557   -5.931  1.00 17.18 ? 42  THR A O   1 
ATOM   221  C  CB  . THR A 1 42  ? 8.124   1.723   -6.770  1.00 18.82 ? 42  THR A CB  1 
ATOM   222  O  OG1 . THR A 1 42  ? 7.355   1.849   -7.960  1.00 19.96 ? 42  THR A OG1 1 
ATOM   223  C  CG2 . THR A 1 42  ? 9.421   0.928   -7.022  1.00 21.56 ? 42  THR A CG2 1 
ATOM   224  N  N   . TYR A 1 43  ? 6.232   2.879   -4.500  1.00 15.89 ? 43  TYR A N   1 
ATOM   225  C  CA  . TYR A 1 43  ? 5.151   3.763   -4.127  1.00 15.16 ? 43  TYR A CA  1 
ATOM   226  C  C   . TYR A 1 43  ? 5.714   5.139   -4.313  1.00 15.16 ? 43  TYR A C   1 
ATOM   227  O  O   . TYR A 1 43  ? 6.818   5.419   -3.911  1.00 16.83 ? 43  TYR A O   1 
ATOM   228  C  CB  . TYR A 1 43  ? 4.752   3.542   -2.656  1.00 16.44 ? 43  TYR A CB  1 
ATOM   229  C  CG  . TYR A 1 43  ? 3.360   4.056   -2.360  1.00 16.58 ? 43  TYR A CG  1 
ATOM   230  C  CD1 . TYR A 1 43  ? 3.152   5.372   -2.038  1.00 15.86 ? 43  TYR A CD1 1 
ATOM   231  C  CD2 . TYR A 1 43  ? 2.267   3.177   -2.396  1.00 15.09 ? 43  TYR A CD2 1 
ATOM   232  C  CE1 . TYR A 1 43  ? 1.913   5.854   -1.725  1.00 15.61 ? 43  TYR A CE1 1 
ATOM   233  C  CE2 . TYR A 1 43  ? 1.021   3.628   -2.101  1.00 14.84 ? 43  TYR A CE2 1 
ATOM   234  C  CZ  . TYR A 1 43  ? 0.813   4.922   -1.712  1.00 13.98 ? 43  TYR A CZ  1 
ATOM   235  O  OH  . TYR A 1 43  ? -0.404  5.441   -1.507  1.00 14.80 ? 43  TYR A OH  1 
ATOM   236  N  N   . GLU A 1 44  ? 4.866   5.995   -4.850  1.00 16.24 ? 44  GLU A N   1 
ATOM   237  C  CA  . GLU A 1 44  ? 5.169   7.422   -5.007  1.00 16.44 ? 44  GLU A CA  1 
ATOM   238  C  C   . GLU A 1 44  ? 4.008   8.171   -4.401  1.00 17.04 ? 44  GLU A C   1 
ATOM   239  O  O   . GLU A 1 44  ? 2.864   8.052   -4.877  1.00 17.59 ? 44  GLU A O   1 
ATOM   240  C  CB  . GLU A 1 44  ? 5.249   7.733   -6.524  1.00 18.59 ? 44  GLU A CB  1 
ATOM   241  C  CG  . GLU A 1 44  ? 5.630   9.186   -6.710  1.00 22.45 ? 44  GLU A CG  1 
ATOM   242  C  CD  . GLU A 1 44  ? 5.924   9.598   -8.152  1.00 31.59 ? 44  GLU A CD  1 
ATOM   243  O  OE1 . GLU A 1 44  ? 6.359   10.763  -8.303  1.00 33.44 ? 44  GLU A OE1 1 
ATOM   244  O  OE2 . GLU A 1 44  ? 5.766   8.786   -9.072  1.00 29.24 ? 44  GLU A OE2 1 
ATOM   245  N  N   . SER A 1 45  ? 4.261   8.883   -3.281  1.00 17.88 ? 45  SER A N   1 
ATOM   246  C  CA  . SER A 1 45  ? 3.202   9.684   -2.666  1.00 15.81 ? 45  SER A CA  1 
ATOM   247  C  C   . SER A 1 45  ? 3.050   11.048  -3.242  1.00 16.74 ? 45  SER A C   1 
ATOM   248  O  O   . SER A 1 45  ? 4.072   11.774  -3.338  1.00 19.65 ? 45  SER A O   1 
ATOM   249  C  CB  . SER A 1 45  ? 3.485   9.768   -1.181  1.00 15.58 ? 45  SER A CB  1 
ATOM   250  O  OG  . SER A 1 45  ? 2.454   10.478  -0.559  1.00 16.17 ? 45  SER A OG  1 
ATOM   251  N  N   . ALA A 1 46  ? 1.824   11.405  -3.523  1.00 17.02 ? 46  ALA A N   1 
ATOM   252  C  CA  . ALA A 1 46  ? 1.494   12.803  -3.904  1.00 19.67 ? 46  ALA A CA  1 
ATOM   253  C  C   . ALA A 1 46  ? 1.522   13.802  -2.778  1.00 21.06 ? 46  ALA A C   1 
ATOM   254  O  O   . ALA A 1 46  ? 1.490   15.021  -3.010  1.00 22.50 ? 46  ALA A O   1 
ATOM   255  C  CB  . ALA A 1 46  ? 0.192   12.871  -4.609  1.00 24.42 ? 46  ALA A CB  1 
ATOM   256  N  N   . VAL A 1 47  ? 1.604   13.329  -1.545  1.00 19.25 ? 47  VAL A N   1 
ATOM   257  C  CA  . VAL A 1 47  ? 1.607   14.213  -0.392  1.00 18.59 ? 47  VAL A CA  1 
ATOM   258  C  C   . VAL A 1 47  ? 2.654   13.850  0.658   1.00 17.56 ? 47  VAL A C   1 
ATOM   259  O  O   . VAL A 1 47  ? 3.219   12.738  0.616   1.00 16.86 ? 47  VAL A O   1 
ATOM   260  C  CB  . VAL A 1 47  ? 0.225   14.233  0.319   1.00 18.90 ? 47  VAL A CB  1 
ATOM   261  C  CG1 . VAL A 1 47  ? -0.931  14.641  -0.577  1.00 19.79 ? 47  VAL A CG1 1 
ATOM   262  C  CG2 . VAL A 1 47  ? -0.135  12.854  0.896   1.00 18.46 ? 47  VAL A CG2 1 
ATOM   263  N  N   . GLY A 1 48  ? 2.913   14.769  1.602   1.00 16.94 ? 48  GLY A N   1 
ATOM   264  C  CA  . GLY A 1 48  ? 3.800   14.475  2.705   1.00 18.63 ? 48  GLY A CA  1 
ATOM   265  C  C   . GLY A 1 48  ? 5.251   14.679  2.380   1.00 19.38 ? 48  GLY A C   1 
ATOM   266  O  O   . GLY A 1 48  ? 5.586   15.288  1.310   1.00 19.96 ? 48  GLY A O   1 
ATOM   267  N  N   . ASN A 1 49  ? 6.098   14.178  3.274   1.00 17.51 ? 49  ASN A N   1 
ATOM   268  C  CA  . ASN A 1 49  ? 7.574   14.341  3.177   1.00 18.52 ? 49  ASN A CA  1 
ATOM   269  C  C   . ASN A 1 49  ? 8.119   13.187  2.310   1.00 19.26 ? 49  ASN A C   1 
ATOM   270  O  O   . ASN A 1 49  ? 8.667   12.241  2.784   1.00 18.22 ? 49  ASN A O   1 
ATOM   271  C  CB  . ASN A 1 49  ? 8.194   14.371  4.497   1.00 20.53 ? 49  ASN A CB  1 
ATOM   272  C  CG  . ASN A 1 49  ? 9.663   14.850  4.448   1.00 23.58 ? 49  ASN A CG  1 
ATOM   273  O  OD1 . ASN A 1 49  ? 10.141  15.195  3.364   1.00 22.69 ? 49  ASN A OD1 1 
ATOM   274  N  ND2 . ASN A 1 49  ? 10.374  14.639  5.497   1.00 23.84 ? 49  ASN A ND2 1 
ATOM   275  N  N   . ALA A 1 50  ? 7.934   13.332  0.998   1.00 18.68 ? 50  ALA A N   1 
ATOM   276  C  CA  . ALA A 1 50  ? 8.187   12.315  0.051   1.00 20.01 ? 50  ALA A CA  1 
ATOM   277  C  C   . ALA A 1 50  ? 8.458   12.902  -1.302  1.00 19.87 ? 50  ALA A C   1 
ATOM   278  O  O   . ALA A 1 50  ? 7.802   13.830  -1.748  1.00 20.97 ? 50  ALA A O   1 
ATOM   279  C  CB  . ALA A 1 50  ? 7.048   11.335  -0.017  1.00 21.88 ? 50  ALA A CB  1 
ATOM   280  N  N   . GLU A 1 51  ? 9.386   12.263  -2.016  1.00 19.10 ? 51  GLU A N   1 
ATOM   281  C  CA  . GLU A 1 51  ? 9.611   12.517  -3.420  1.00 20.57 ? 51  GLU A CA  1 
ATOM   282  C  C   . GLU A 1 51  ? 10.103  11.291  -4.148  1.00 18.92 ? 51  GLU A C   1 
ATOM   283  O  O   . GLU A 1 51  ? 10.891  10.476  -3.610  1.00 18.75 ? 51  GLU A O   1 
ATOM   284  C  CB  . GLU A 1 51  ? 10.599  13.711  -3.596  1.00 23.84 ? 51  GLU A CB  1 
ATOM   285  C  CG  . GLU A 1 51  ? 11.999  13.367  -3.715  1.00 28.89 ? 51  GLU A CG  1 
ATOM   286  C  CD  . GLU A 1 51  ? 12.873  14.635  -3.819  1.00 30.18 ? 51  GLU A CD  1 
ATOM   287  O  OE1 . GLU A 1 51  ? 13.366  14.843  -4.925  1.00 35.56 ? 51  GLU A OE1 1 
ATOM   288  O  OE2 . GLU A 1 51  ? 13.022  15.377  -2.820  1.00 33.32 ? 51  GLU A OE2 1 
ATOM   289  N  N   . SER A 1 52  ? 9.598   11.129  -5.334  1.00 18.95 ? 52  SER A N   1 
ATOM   290  C  CA  . SER A 1 52  ? 9.945   10.070  -6.239  1.00 20.33 ? 52  SER A CA  1 
ATOM   291  C  C   . SER A 1 52  ? 9.424   8.731   -5.671  1.00 19.83 ? 52  SER A C   1 
ATOM   292  O  O   . SER A 1 52  ? 8.489   8.721   -4.865  1.00 22.25 ? 52  SER A O   1 
ATOM   293  C  CB  . SER A 1 52  ? 11.436  9.992   -6.557  1.00 25.81 ? 52  SER A CB  1 
ATOM   294  O  OG  . SER A 1 52  ? 11.514  9.105   -7.691  1.00 31.70 ? 52  SER A OG  1 
ATOM   295  N  N   . ARG A 1 53  ? 10.101  7.647   -6.030  1.00 19.57 ? 53  ARG A N   1 
ATOM   296  C  CA  . ARG A 1 53  ? 9.630   6.283   -5.656  1.00 19.47 ? 53  ARG A CA  1 
ATOM   297  C  C   . ARG A 1 53  ? 10.367  5.717   -4.451  1.00 20.12 ? 53  ARG A C   1 
ATOM   298  O  O   . ARG A 1 53  ? 11.540  5.947   -4.212  1.00 19.43 ? 53  ARG A O   1 
ATOM   299  C  CB  . ARG A 1 53  ? 9.858   5.340   -6.856  1.00 21.11 ? 53  ARG A CB  1 
ATOM   300  C  CG  . ARG A 1 53  ? 8.853   5.610   -7.990  1.00 23.84 ? 53  ARG A CG  1 
ATOM   301  C  CD  . ARG A 1 53  ? 9.280   4.929   -9.266  1.00 32.00 ? 53  ARG A CD  1 
ATOM   302  N  NE  A ARG A 1 53  ? 8.188   4.673   -10.204 0.50 35.40 ? 53  ARG A NE  1 
ATOM   303  N  NE  B ARG A 1 53  ? 10.737  5.099   -9.572  0.50 31.98 ? 53  ARG A NE  1 
ATOM   304  C  CZ  A ARG A 1 53  ? 8.392   4.137   -11.422 0.50 37.80 ? 53  ARG A CZ  1 
ATOM   305  C  CZ  B ARG A 1 53  ? 11.264  5.883   -10.536 0.50 38.00 ? 53  ARG A CZ  1 
ATOM   306  N  NH1 A ARG A 1 53  ? 7.409   3.966   -12.262 0.50 35.79 ? 53  ARG A NH1 1 
ATOM   307  N  NH1 B ARG A 1 53  ? 12.576  5.925   -10.706 0.50 37.08 ? 53  ARG A NH1 1 
ATOM   308  N  NH2 A ARG A 1 53  ? 9.596   3.720   -11.808 0.50 38.54 ? 53  ARG A NH2 1 
ATOM   309  N  NH2 B ARG A 1 53  ? 10.526  6.656   -11.339 0.50 36.10 ? 53  ARG A NH2 1 
ATOM   310  N  N   . TYR A 1 54  ? 9.636   4.878   -3.699  1.00 18.48 ? 54  TYR A N   1 
ATOM   311  C  CA  . TYR A 1 54  ? 10.127  4.173   -2.545  1.00 15.75 ? 54  TYR A CA  1 
ATOM   312  C  C   . TYR A 1 54  ? 9.761   2.702   -2.690  1.00 14.42 ? 54  TYR A C   1 
ATOM   313  O  O   . TYR A 1 54  ? 8.751   2.393   -3.270  1.00 16.63 ? 54  TYR A O   1 
ATOM   314  C  CB  . TYR A 1 54  ? 9.395   4.666   -1.235  1.00 14.97 ? 54  TYR A CB  1 
ATOM   315  C  CG  . TYR A 1 54  ? 9.693   6.151   -0.959  1.00 15.15 ? 54  TYR A CG  1 
ATOM   316  C  CD1 . TYR A 1 54  ? 10.618  6.525   0.004   1.00 15.70 ? 54  TYR A CD1 1 
ATOM   317  C  CD2 . TYR A 1 54  ? 8.945   7.123   -1.634  1.00 15.37 ? 54  TYR A CD2 1 
ATOM   318  C  CE1 . TYR A 1 54  ? 10.947  7.870   0.230   1.00 14.83 ? 54  TYR A CE1 1 
ATOM   319  C  CE2 . TYR A 1 54  ? 9.278   8.480   -1.442  1.00 16.73 ? 54  TYR A CE2 1 
ATOM   320  C  CZ  . TYR A 1 54  ? 10.196  8.813   -0.487  1.00 15.37 ? 54  TYR A CZ  1 
ATOM   321  O  OH  . TYR A 1 54  ? 10.643  10.133  -0.275  1.00 17.10 ? 54  TYR A OH  1 
ATOM   322  N  N   . VAL A 1 55  ? 10.655  1.887   -2.170  1.00 15.74 ? 55  VAL A N   1 
ATOM   323  C  CA  . VAL A 1 55  ? 10.483  0.446   -2.196  1.00 14.85 ? 55  VAL A CA  1 
ATOM   324  C  C   . VAL A 1 55  ? 9.288   0.073   -1.400  1.00 14.12 ? 55  VAL A C   1 
ATOM   325  O  O   . VAL A 1 55  ? 9.097   0.576   -0.296  1.00 15.85 ? 55  VAL A O   1 
ATOM   326  C  CB  . VAL A 1 55  ? 11.798  -0.228  -1.716  1.00 17.05 ? 55  VAL A CB  1 
ATOM   327  C  CG1 . VAL A 1 55  ? 11.591  -1.730  -1.451  1.00 18.73 ? 55  VAL A CG1 1 
ATOM   328  C  CG2 . VAL A 1 55  ? 12.887  0.011   -2.731  1.00 16.97 ? 55  VAL A CG2 1 
ATOM   329  N  N   . LEU A 1 56  ? 8.549   -0.882  -1.876  1.00 15.66 ? 56  LEU A N   1 
ATOM   330  C  CA  . LEU A 1 56  ? 7.583   -1.555  -1.020  1.00 17.60 ? 56  LEU A CA  1 
ATOM   331  C  C   . LEU A 1 56  ? 7.654   -3.012  -1.113  1.00 18.86 ? 56  LEU A C   1 
ATOM   332  O  O   . LEU A 1 56  ? 8.015   -3.588  -2.117  1.00 17.88 ? 56  LEU A O   1 
ATOM   333  C  CB  . LEU A 1 56  ? 6.138   -1.115  -1.355  1.00 17.77 ? 56  LEU A CB  1 
ATOM   334  C  CG  . LEU A 1 56  ? 5.565   -1.487  -2.718  1.00 15.82 ? 56  LEU A CG  1 
ATOM   335  C  CD1 . LEU A 1 56  ? 4.798   -2.876  -2.556  1.00 16.32 ? 56  LEU A CD1 1 
ATOM   336  C  CD2 . LEU A 1 56  ? 4.563   -0.511  -3.277  1.00 21.33 ? 56  LEU A CD2 1 
ATOM   337  N  N   . THR A 1 57  ? 7.182   -3.660  -0.038  1.00 16.21 ? 57  THR A N   1 
ATOM   338  C  CA  . THR A 1 57  ? 6.935   -5.075  -0.077  1.00 14.25 ? 57  THR A CA  1 
ATOM   339  C  C   . THR A 1 57  ? 5.740   -5.429  0.701   1.00 15.24 ? 57  THR A C   1 
ATOM   340  O  O   . THR A 1 57  ? 5.418   -4.739  1.710   1.00 16.50 ? 57  THR A O   1 
ATOM   341  C  CB  . THR A 1 57  ? 8.204   -5.760  0.490   1.00 17.57 ? 57  THR A CB  1 
ATOM   342  O  OG1 . THR A 1 57  ? 8.074   -7.152  0.352   1.00 23.15 ? 57  THR A OG1 1 
ATOM   343  C  CG2 . THR A 1 57  ? 8.493   -5.464  1.891   1.00 15.64 ? 57  THR A CG2 1 
ATOM   344  N  N   . GLY A 1 58  ? 5.149   -6.584  0.408   1.00 13.99 ? 58  GLY A N   1 
ATOM   345  C  CA  . GLY A 1 58  ? 4.037   -6.988  1.188   1.00 14.51 ? 58  GLY A CA  1 
ATOM   346  C  C   . GLY A 1 58  ? 3.613   -8.367  0.859   1.00 14.74 ? 58  GLY A C   1 
ATOM   347  O  O   . GLY A 1 58  ? 4.344   -9.117  0.234   1.00 16.28 ? 58  GLY A O   1 
ATOM   348  N  N   . ARG A 1 59  ? 2.408   -8.702  1.248   1.00 14.11 ? 59  ARG A N   1 
ATOM   349  C  CA  . ARG A 1 59  ? 1.846   -10.097 1.041   1.00 15.09 ? 59  ARG A CA  1 
ATOM   350  C  C   . ARG A 1 59  ? 0.357   -10.006 0.673   1.00 16.37 ? 59  ARG A C   1 
ATOM   351  O  O   . ARG A 1 59  ? -0.392  -9.122  1.107   1.00 17.09 ? 59  ARG A O   1 
ATOM   352  C  CB  . ARG A 1 59  ? 1.993   -10.892 2.353   1.00 14.98 ? 59  ARG A CB  1 
ATOM   353  C  CG  . ARG A 1 59  ? 3.396   -11.171 2.900   1.00 14.94 ? 59  ARG A CG  1 
ATOM   354  C  CD  . ARG A 1 59  ? 4.297   -12.029 2.094   1.00 15.94 ? 59  ARG A CD  1 
ATOM   355  N  NE  . ARG A 1 59  ? 3.702   -13.361 2.072   1.00 16.29 ? 59  ARG A NE  1 
ATOM   356  C  CZ  . ARG A 1 59  ? 4.118   -14.279 1.210   1.00 18.55 ? 59  ARG A CZ  1 
ATOM   357  N  NH1 . ARG A 1 59  ? 5.103   -14.044 0.330   1.00 20.71 ? 59  ARG A NH1 1 
ATOM   358  N  NH2 . ARG A 1 59  ? 3.488   -15.463 1.241   1.00 20.08 ? 59  ARG A NH2 1 
ATOM   359  N  N   . TYR A 1 60  ? -0.191  -11.063 0.006   1.00 15.78 ? 60  TYR A N   1 
ATOM   360  C  CA  . TYR A 1 60  ? -1.616  -11.096 -0.260  1.00 15.80 ? 60  TYR A CA  1 
ATOM   361  C  C   . TYR A 1 60  ? -2.008  -12.590 -0.134  1.00 15.61 ? 60  TYR A C   1 
ATOM   362  O  O   . TYR A 1 60  ? -1.086  -13.423 -0.217  1.00 16.10 ? 60  TYR A O   1 
ATOM   363  C  CB  . TYR A 1 60  ? -1.951  -10.533 -1.642  1.00 15.44 ? 60  TYR A CB  1 
ATOM   364  C  CG  . TYR A 1 60  ? -1.555  -11.406 -2.849  1.00 17.05 ? 60  TYR A CG  1 
ATOM   365  C  CD1 . TYR A 1 60  ? -0.247  -11.549 -3.174  1.00 17.32 ? 60  TYR A CD1 1 
ATOM   366  C  CD2 . TYR A 1 60  ? -2.517  -12.093 -3.573  1.00 17.85 ? 60  TYR A CD2 1 
ATOM   367  C  CE1 . TYR A 1 60  ? 0.148   -12.306 -4.302  1.00 18.91 ? 60  TYR A CE1 1 
ATOM   368  C  CE2 . TYR A 1 60  ? -2.153  -12.877 -4.633  1.00 20.31 ? 60  TYR A CE2 1 
ATOM   369  C  CZ  . TYR A 1 60  ? -0.826  -13.012 -4.966  1.00 20.29 ? 60  TYR A CZ  1 
ATOM   370  O  OH  . TYR A 1 60  ? -0.528  -13.770 -6.134  1.00 23.09 ? 60  TYR A OH  1 
ATOM   371  N  N   . ASP A 1 61  ? -3.280  -12.831 0.070   1.00 16.30 ? 61  ASP A N   1 
ATOM   372  C  CA  . ASP A 1 61  ? -3.906  -14.199 0.060   1.00 15.67 ? 61  ASP A CA  1 
ATOM   373  C  C   . ASP A 1 61  ? -3.938  -14.649 -1.430  1.00 18.66 ? 61  ASP A C   1 
ATOM   374  O  O   . ASP A 1 61  ? -4.754  -14.160 -2.213  1.00 19.90 ? 61  ASP A O   1 
ATOM   375  C  CB  . ASP A 1 61  ? -5.246  -14.103 0.624   1.00 17.84 ? 61  ASP A CB  1 
ATOM   376  C  CG  . ASP A 1 61  ? -5.996  -15.467 0.677   1.00 16.86 ? 61  ASP A CG  1 
ATOM   377  O  OD1 . ASP A 1 61  ? -5.324  -16.447 0.303   1.00 18.73 ? 61  ASP A OD1 1 
ATOM   378  O  OD2 . ASP A 1 61  ? -7.120  -15.382 1.111   1.00 16.89 ? 61  ASP A OD2 1 
ATOM   379  N  N   . SER A 1 62  ? -3.083  -15.608 -1.747  1.00 18.74 ? 62  SER A N   1 
ATOM   380  C  CA  . SER A 1 62  ? -2.995  -16.163 -3.132  1.00 21.23 ? 62  SER A CA  1 
ATOM   381  C  C   . SER A 1 62  ? -4.083  -17.217 -3.409  1.00 24.22 ? 62  SER A C   1 
ATOM   382  O  O   . SER A 1 62  ? -4.106  -17.765 -4.541  1.00 27.72 ? 62  SER A O   1 
ATOM   383  C  CB  . SER A 1 62  ? -1.591  -16.709 -3.360  1.00 20.75 ? 62  SER A CB  1 
ATOM   384  O  OG  . SER A 1 62  ? -1.196  -17.673 -2.408  1.00 26.02 ? 62  SER A OG  1 
ATOM   385  N  N   . ALA A 1 63  ? -4.880  -17.546 -2.423  1.00 19.81 ? 63  ALA A N   1 
ATOM   386  C  CA  . ALA A 1 63  ? -5.973  -18.555 -2.620  1.00 22.77 ? 63  ALA A CA  1 
ATOM   387  C  C   . ALA A 1 63  ? -7.202  -18.060 -1.909  1.00 23.65 ? 63  ALA A C   1 
ATOM   388  O  O   . ALA A 1 63  ? -7.631  -18.611 -0.882  1.00 23.40 ? 63  ALA A O   1 
ATOM   389  C  CB  . ALA A 1 63  ? -5.503  -19.911 -2.139  1.00 26.04 ? 63  ALA A CB  1 
ATOM   390  N  N   . PRO A 1 64  ? -7.757  -16.958 -2.388  1.00 25.06 ? 64  PRO A N   1 
ATOM   391  C  CA  . PRO A 1 64  ? -8.902  -16.358 -1.680  1.00 25.29 ? 64  PRO A CA  1 
ATOM   392  C  C   . PRO A 1 64  ? -10.154 -17.218 -1.782  1.00 26.97 ? 64  PRO A C   1 
ATOM   393  O  O   . PRO A 1 64  ? -10.160 -18.204 -2.568  1.00 28.07 ? 64  PRO A O   1 
ATOM   394  C  CB  . PRO A 1 64  ? -9.083  -15.038 -2.382  1.00 26.61 ? 64  PRO A CB  1 
ATOM   395  C  CG  . PRO A 1 64  ? -8.545  -15.268 -3.708  1.00 25.71 ? 64  PRO A CG  1 
ATOM   396  C  CD  . PRO A 1 64  ? -7.374  -16.190 -3.578  1.00 27.60 ? 64  PRO A CD  1 
ATOM   397  N  N   . ALA A 1 65  ? -11.100 -16.882 -0.960  1.00 25.40 ? 65  ALA A N   1 
ATOM   398  C  CA  . ALA A 1 65  ? -12.416 -17.531 -0.973  1.00 26.40 ? 65  ALA A CA  1 
ATOM   399  C  C   . ALA A 1 65  ? -13.063 -17.279 -2.321  1.00 28.74 ? 65  ALA A C   1 
ATOM   400  O  O   . ALA A 1 65  ? -12.769 -16.309 -2.998  1.00 30.62 ? 65  ALA A O   1 
ATOM   401  C  CB  . ALA A 1 65  ? -13.207 -17.075 0.201   1.00 28.42 ? 65  ALA A CB  1 
ATOM   402  N  N   . THR A 1 66  ? -13.911 -18.223 -2.713  1.00 36.64 ? 66  THR A N   1 
ATOM   403  C  CA  . THR A 1 66  ? -14.625 -18.150 -3.997  1.00 40.15 ? 66  THR A CA  1 
ATOM   404  C  C   . THR A 1 66  ? -16.119 -17.783 -3.843  1.00 43.02 ? 66  THR A C   1 
ATOM   405  O  O   . THR A 1 66  ? -16.937 -18.156 -4.674  1.00 47.92 ? 66  THR A O   1 
ATOM   406  C  CB  . THR A 1 66  ? -14.509 -19.517 -4.686  1.00 40.14 ? 66  THR A CB  1 
ATOM   407  O  OG1 . THR A 1 66  ? -14.955 -20.511 -3.765  1.00 37.80 ? 66  THR A OG1 1 
ATOM   408  C  CG2 . THR A 1 66  ? -13.087 -19.785 -5.051  1.00 41.53 ? 66  THR A CG2 1 
ATOM   409  N  N   . ASP A 1 67  ? -16.469 -17.023 -2.807  1.00 32.64 ? 67  ASP A N   1 
ATOM   410  C  CA  . ASP A 1 67  ? -17.820 -16.734 -2.444  1.00 31.67 ? 67  ASP A CA  1 
ATOM   411  C  C   . ASP A 1 67  ? -18.210 -15.273 -2.720  1.00 33.11 ? 67  ASP A C   1 
ATOM   412  O  O   . ASP A 1 67  ? -19.271 -14.790 -2.363  1.00 38.84 ? 67  ASP A O   1 
ATOM   413  C  CB  . ASP A 1 67  ? -18.005 -17.097 -0.991  1.00 30.44 ? 67  ASP A CB  1 
ATOM   414  C  CG  . ASP A 1 67  ? -17.216 -16.228 -0.058  1.00 34.90 ? 67  ASP A CG  1 
ATOM   415  O  OD1 . ASP A 1 67  ? -16.453 -15.358 -0.565  1.00 30.59 ? 67  ASP A OD1 1 
ATOM   416  O  OD2 . ASP A 1 67  ? -17.382 -16.486 1.131   1.00 36.12 ? 67  ASP A OD2 1 
ATOM   417  N  N   . GLY A 1 68  ? -17.321 -14.552 -3.352  1.00 29.81 ? 68  GLY A N   1 
ATOM   418  C  CA  . GLY A 1 68  ? -17.539 -13.157 -3.608  1.00 33.40 ? 68  GLY A CA  1 
ATOM   419  C  C   . GLY A 1 68  ? -16.757 -12.261 -2.656  1.00 29.74 ? 68  GLY A C   1 
ATOM   420  O  O   . GLY A 1 68  ? -16.803 -11.045 -2.886  1.00 31.22 ? 68  GLY A O   1 
ATOM   421  N  N   . SER A 1 69  ? -16.077 -12.840 -1.669  1.00 24.44 ? 69  SER A N   1 
ATOM   422  C  CA  . SER A 1 69  ? -15.250 -12.017 -0.746  1.00 22.39 ? 69  SER A CA  1 
ATOM   423  C  C   . SER A 1 69  ? -14.105 -11.441 -1.445  1.00 19.97 ? 69  SER A C   1 
ATOM   424  O  O   . SER A 1 69  ? -13.605 -12.006 -2.418  1.00 22.80 ? 69  SER A O   1 
ATOM   425  C  CB  . SER A 1 69  ? -14.815 -12.875 0.407   1.00 25.93 ? 69  SER A CB  1 
ATOM   426  O  OG  . SER A 1 69  ? -15.943 -13.323 1.113   1.00 30.55 ? 69  SER A OG  1 
ATOM   427  N  N   . GLY A 1 70  ? -13.605 -10.321 -0.942  1.00 17.38 ? 70  GLY A N   1 
ATOM   428  C  CA  . GLY A 1 70  ? -12.404 -9.696  -1.390  1.00 17.21 ? 70  GLY A CA  1 
ATOM   429  C  C   . GLY A 1 70  ? -11.151 -10.514 -1.005  1.00 16.20 ? 70  GLY A C   1 
ATOM   430  O  O   . GLY A 1 70  ? -11.246 -11.469 -0.286  1.00 17.82 ? 70  GLY A O   1 
ATOM   431  N  N   . THR A 1 71  ? -10.011 -10.050 -1.469  1.00 16.38 ? 71  THR A N   1 
ATOM   432  C  CA  . THR A 1 71  ? -8.710  -10.713 -1.333  1.00 15.75 ? 71  THR A CA  1 
ATOM   433  C  C   . THR A 1 71  ? -7.881  -9.875  -0.361  1.00 16.40 ? 71  THR A C   1 
ATOM   434  O  O   . THR A 1 71  ? -7.437  -8.787  -0.726  1.00 16.86 ? 71  THR A O   1 
ATOM   435  C  CB  . THR A 1 71  ? -7.957  -10.856 -2.673  1.00 18.19 ? 71  THR A CB  1 
ATOM   436  O  OG1 . THR A 1 71  ? -8.785  -11.691 -3.577  1.00 20.42 ? 71  THR A OG1 1 
ATOM   437  C  CG2 . THR A 1 71  ? -6.630  -11.480 -2.518  1.00 18.72 ? 71  THR A CG2 1 
ATOM   438  N  N   . ALA A 1 72  ? -7.572  -10.415 0.824   1.00 16.87 ? 72  ALA A N   1 
ATOM   439  C  CA  . ALA A 1 72  ? -6.820  -9.642  1.799   1.00 15.90 ? 72  ALA A CA  1 
ATOM   440  C  C   . ALA A 1 72  ? -5.361  -9.480  1.418   1.00 14.76 ? 72  ALA A C   1 
ATOM   441  O  O   . ALA A 1 72  ? -4.732  -10.368 0.777   1.00 16.72 ? 72  ALA A O   1 
ATOM   442  C  CB  . ALA A 1 72  ? -6.919  -10.310 3.154   1.00 17.97 ? 72  ALA A CB  1 
ATOM   443  N  N   . LEU A 1 73  ? -4.810  -8.296  1.739   1.00 14.46 ? 73  LEU A N   1 
ATOM   444  C  CA  . LEU A 1 73  ? -3.450  -7.978  1.392   1.00 15.97 ? 73  LEU A CA  1 
ATOM   445  C  C   . LEU A 1 73  ? -2.926  -6.817  2.250   1.00 16.87 ? 73  LEU A C   1 
ATOM   446  O  O   . LEU A 1 73  ? -3.739  -6.142  2.925   1.00 17.76 ? 73  LEU A O   1 
ATOM   447  C  CB  . LEU A 1 73  ? -3.323  -7.616  -0.120  1.00 15.74 ? 73  LEU A CB  1 
ATOM   448  C  CG  . LEU A 1 73  ? -3.720  -6.260  -0.612  1.00 22.72 ? 73  LEU A CG  1 
ATOM   449  C  CD1 . LEU A 1 73  ? -3.555  -6.221  -2.138  1.00 28.20 ? 73  LEU A CD1 1 
ATOM   450  C  CD2 . LEU A 1 73  ? -5.113  -5.957  -0.352  1.00 25.24 ? 73  LEU A CD2 1 
ATOM   451  N  N   . GLY A 1 74  ? -1.599  -6.689  2.276   1.00 15.06 ? 74  GLY A N   1 
ATOM   452  C  CA  . GLY A 1 74  ? -0.997  -5.553  2.894   1.00 13.87 ? 74  GLY A CA  1 
ATOM   453  C  C   . GLY A 1 74  ? 0.336   -5.288  2.413   1.00 12.75 ? 74  GLY A C   1 
ATOM   454  O  O   . GLY A 1 74  ? 0.984   -6.201  1.825   1.00 14.77 ? 74  GLY A O   1 
ATOM   455  N  N   . TRP A 1 75  ? 0.814   -4.063  2.587   1.00 12.30 ? 75  TRP A N   1 
ATOM   456  C  CA  . TRP A 1 75  ? 2.184   -3.731  2.252   1.00 14.15 ? 75  TRP A CA  1 
ATOM   457  C  C   . TRP A 1 75  ? 2.759   -2.580  3.067   1.00 14.73 ? 75  TRP A C   1 
ATOM   458  O  O   . TRP A 1 75  ? 2.003   -1.895  3.751   1.00 14.04 ? 75  TRP A O   1 
ATOM   459  C  CB  . TRP A 1 75  ? 2.361   -3.428  0.735   1.00 13.40 ? 75  TRP A CB  1 
ATOM   460  C  CG  . TRP A 1 75  ? 1.680   -2.188  0.278   1.00 12.99 ? 75  TRP A CG  1 
ATOM   461  C  CD1 . TRP A 1 75  ? 2.308   -0.941  0.164   1.00 14.21 ? 75  TRP A CD1 1 
ATOM   462  C  CD2 . TRP A 1 75  ? 0.338   -1.988  -0.121  1.00 12.65 ? 75  TRP A CD2 1 
ATOM   463  N  NE1 . TRP A 1 75  ? 1.402   -0.030  -0.275  1.00 14.34 ? 75  TRP A NE1 1 
ATOM   464  C  CE2 . TRP A 1 75  ? 0.197   -0.662  -0.438  1.00 13.04 ? 75  TRP A CE2 1 
ATOM   465  C  CE3 . TRP A 1 75  ? -0.777  -2.811  -0.292  1.00 12.31 ? 75  TRP A CE3 1 
ATOM   466  C  CZ2 . TRP A 1 75  ? -1.074  -0.113  -0.890  1.00 12.64 ? 75  TRP A CZ2 1 
ATOM   467  C  CZ3 . TRP A 1 75  ? -1.956  -2.283  -0.734  1.00 14.80 ? 75  TRP A CZ3 1 
ATOM   468  C  CH2 . TRP A 1 75  ? -2.110  -0.956  -0.976  1.00 15.24 ? 75  TRP A CH2 1 
ATOM   469  N  N   . THR A 1 76  ? 4.091   -2.473  3.078   1.00 12.93 ? 76  THR A N   1 
ATOM   470  C  CA  . THR A 1 76  ? 4.805   -1.435  3.802   1.00 12.56 ? 76  THR A CA  1 
ATOM   471  C  C   . THR A 1 76  ? 5.673   -0.658  2.897   1.00 12.21 ? 76  THR A C   1 
ATOM   472  O  O   . THR A 1 76  ? 6.364   -1.203  1.955   1.00 14.48 ? 76  THR A O   1 
ATOM   473  C  CB  . THR A 1 76  ? 5.742   -2.063  4.862   1.00 13.69 ? 76  THR A CB  1 
ATOM   474  O  OG1 . THR A 1 76  ? 4.931   -2.926  5.703   1.00 14.49 ? 76  THR A OG1 1 
ATOM   475  C  CG2 . THR A 1 76  ? 6.397   -1.062  5.770   1.00 13.35 ? 76  THR A CG2 1 
ATOM   476  N  N   . VAL A 1 77  ? 5.794   0.622   3.225   1.00 12.92 ? 77  VAL A N   1 
ATOM   477  C  CA  . VAL A 1 77  ? 6.804   1.552   2.704   1.00 13.96 ? 77  VAL A CA  1 
ATOM   478  C  C   . VAL A 1 77  ? 7.516   2.165   3.838   1.00 14.35 ? 77  VAL A C   1 
ATOM   479  O  O   . VAL A 1 77  ? 6.866   2.757   4.720   1.00 15.60 ? 77  VAL A O   1 
ATOM   480  C  CB  . VAL A 1 77  ? 6.186   2.667   1.832   1.00 14.36 ? 77  VAL A CB  1 
ATOM   481  C  CG1 . VAL A 1 77  ? 7.223   3.808   1.498   1.00 16.25 ? 77  VAL A CG1 1 
ATOM   482  C  CG2 . VAL A 1 77  ? 5.605   2.106   0.591   1.00 15.55 ? 77  VAL A CG2 1 
ATOM   483  N  N   . ALA A 1 78  ? 8.856   2.093   3.889   1.00 13.41 ? 78  ALA A N   1 
ATOM   484  C  CA  . ALA A 1 78  ? 9.633   2.989   4.736   1.00 13.49 ? 78  ALA A CA  1 
ATOM   485  C  C   . ALA A 1 78  ? 10.065  4.181   3.901   1.00 17.14 ? 78  ALA A C   1 
ATOM   486  O  O   . ALA A 1 78  ? 10.587  4.027   2.830   1.00 16.71 ? 78  ALA A O   1 
ATOM   487  C  CB  . ALA A 1 78  ? 10.905  2.250   5.262   1.00 15.58 ? 78  ALA A CB  1 
ATOM   488  N  N   . TRP A 1 79  ? 9.927   5.340   4.444   1.00 16.02 ? 79  TRP A N   1 
ATOM   489  C  CA  . TRP A 1 79  ? 10.000  6.589   3.687   1.00 15.44 ? 79  TRP A CA  1 
ATOM   490  C  C   . TRP A 1 79  ? 11.393  7.119   3.601   1.00 17.14 ? 79  TRP A C   1 
ATOM   491  O  O   . TRP A 1 79  ? 11.660  8.274   3.864   1.00 15.92 ? 79  TRP A O   1 
ATOM   492  C  CB  . TRP A 1 79  ? 8.999   7.625   4.201   1.00 14.73 ? 79  TRP A CB  1 
ATOM   493  C  CG  . TRP A 1 79  ? 7.576   7.181   4.088   1.00 14.79 ? 79  TRP A CG  1 
ATOM   494  C  CD1 . TRP A 1 79  ? 6.773   6.780   5.102   1.00 15.88 ? 79  TRP A CD1 1 
ATOM   495  C  CD2 . TRP A 1 79  ? 6.808   7.173   2.900   1.00 14.65 ? 79  TRP A CD2 1 
ATOM   496  N  NE1 . TRP A 1 79  ? 5.525   6.456   4.594   1.00 13.88 ? 79  TRP A NE1 1 
ATOM   497  C  CE2 . TRP A 1 79  ? 5.530   6.622   3.218   1.00 14.96 ? 79  TRP A CE2 1 
ATOM   498  C  CE3 . TRP A 1 79  ? 7.113   7.444   1.541   1.00 14.01 ? 79  TRP A CE3 1 
ATOM   499  C  CZ2 . TRP A 1 79  ? 4.523   6.485   2.314   1.00 14.98 ? 79  TRP A CZ2 1 
ATOM   500  C  CZ3 . TRP A 1 79  ? 6.097   7.299   0.591   1.00 16.06 ? 79  TRP A CZ3 1 
ATOM   501  C  CH2 . TRP A 1 79  ? 4.824   6.733   0.939   1.00 14.61 ? 79  TRP A CH2 1 
ATOM   502  N  N   . LYS A 1 80  ? 12.273  6.198   3.227   1.00 16.79 ? 80  LYS A N   1 
ATOM   503  C  CA  . LYS A 1 80  ? 13.718  6.509   2.922   1.00 16.85 ? 80  LYS A CA  1 
ATOM   504  C  C   . LYS A 1 80  ? 13.975  6.081   1.487   1.00 16.81 ? 80  LYS A C   1 
ATOM   505  O  O   . LYS A 1 80  ? 13.720  4.966   1.103   1.00 17.89 ? 80  LYS A O   1 
ATOM   506  C  CB  . LYS A 1 80  ? 14.672  5.813   3.865   1.00 18.85 ? 80  LYS A CB  1 
ATOM   507  C  CG  . LYS A 1 80  ? 16.169  5.916   3.468   1.00 20.66 ? 80  LYS A CG  1 
ATOM   508  C  CD  . LYS A 1 80  ? 17.015  5.156   4.469   1.00 24.72 ? 80  LYS A CD  1 
ATOM   509  C  CE  . LYS A 1 80  ? 18.481  5.258   4.082   1.00 27.83 ? 80  LYS A CE  1 
ATOM   510  N  NZ  . LYS A 1 80  ? 18.694  4.538   2.763   1.00 32.62 ? 80  LYS A NZ  1 
ATOM   511  N  N   . ASN A 1 81  ? 14.595  7.020   0.729   1.00 16.86 ? 81  ASN A N   1 
ATOM   512  C  CA  . ASN A 1 81  ? 15.070  6.659   -0.591  1.00 16.84 ? 81  ASN A CA  1 
ATOM   513  C  C   . ASN A 1 81  ? 16.346  7.543   -0.795  1.00 16.83 ? 81  ASN A C   1 
ATOM   514  O  O   . ASN A 1 81  ? 16.887  8.066   0.160   1.00 18.92 ? 81  ASN A O   1 
ATOM   515  C  CB  . ASN A 1 81  ? 14.006  6.833   -1.697  1.00 17.50 ? 81  ASN A CB  1 
ATOM   516  C  CG  . ASN A 1 81  ? 13.569  8.232   -1.958  1.00 16.31 ? 81  ASN A CG  1 
ATOM   517  O  OD1 . ASN A 1 81  ? 14.131  9.190   -1.357  1.00 17.81 ? 81  ASN A OD1 1 
ATOM   518  N  ND2 . ASN A 1 81  ? 12.512  8.379   -2.763  1.00 16.43 ? 81  ASN A ND2 1 
ATOM   519  N  N   . ASN A 1 82  ? 16.777  7.588   -2.052  1.00 18.36 ? 82  ASN A N   1 
ATOM   520  C  CA  . ASN A 1 82  ? 18.040  8.353   -2.286  1.00 24.42 ? 82  ASN A CA  1 
ATOM   521  C  C   . ASN A 1 82  ? 17.868  9.816   -2.186  1.00 24.77 ? 82  ASN A C   1 
ATOM   522  O  O   . ASN A 1 82  ? 18.898  10.521  -2.202  1.00 27.11 ? 82  ASN A O   1 
ATOM   523  C  CB  . ASN A 1 82  ? 18.676  7.963   -3.619  1.00 25.33 ? 82  ASN A CB  1 
ATOM   524  C  CG  . ASN A 1 82  ? 19.330  6.576   -3.577  1.00 32.12 ? 82  ASN A CG  1 
ATOM   525  O  OD1 . ASN A 1 82  ? 19.833  6.108   -2.537  1.00 40.38 ? 82  ASN A OD1 1 
ATOM   526  N  ND2 . ASN A 1 82  ? 19.354  5.925   -4.735  1.00 36.05 ? 82  ASN A ND2 1 
ATOM   527  N  N   . TYR A 1 83  ? 16.642  10.323  -2.144  1.00 21.68 ? 83  TYR A N   1 
ATOM   528  C  CA  . TYR A 1 83  ? 16.340  11.751  -2.053  1.00 20.53 ? 83  TYR A CA  1 
ATOM   529  C  C   . TYR A 1 83  ? 16.082  12.251  -0.692  1.00 24.26 ? 83  TYR A C   1 
ATOM   530  O  O   . TYR A 1 83  ? 16.494  13.376  -0.321  1.00 21.36 ? 83  TYR A O   1 
ATOM   531  C  CB  . TYR A 1 83  ? 15.200  12.109  -2.932  1.00 20.33 ? 83  TYR A CB  1 
ATOM   532  C  CG  . TYR A 1 83  ? 15.400  11.750  -4.362  1.00 21.96 ? 83  TYR A CG  1 
ATOM   533  C  CD1 . TYR A 1 83  ? 16.236  12.537  -5.151  1.00 27.02 ? 83  TYR A CD1 1 
ATOM   534  C  CD2 . TYR A 1 83  ? 14.865  10.621  -4.900  1.00 23.56 ? 83  TYR A CD2 1 
ATOM   535  C  CE1 . TYR A 1 83  ? 16.483  12.200  -6.487  1.00 30.96 ? 83  TYR A CE1 1 
ATOM   536  C  CE2 . TYR A 1 83  ? 15.105  10.246  -6.202  1.00 26.85 ? 83  TYR A CE2 1 
ATOM   537  C  CZ  . TYR A 1 83  ? 15.900  11.064  -6.998  1.00 33.59 ? 83  TYR A CZ  1 
ATOM   538  O  OH  . TYR A 1 83  ? 16.143  10.724  -8.294  1.00 35.05 ? 83  TYR A OH  1 
ATOM   539  N  N   . ARG A 1 84  ? 15.348  11.471  0.102   1.00 19.97 ? 84  ARG A N   1 
ATOM   540  C  CA  . ARG A 1 84  ? 14.930  11.917  1.426   1.00 20.90 ? 84  ARG A CA  1 
ATOM   541  C  C   . ARG A 1 84  ? 14.709  10.829  2.373   1.00 17.93 ? 84  ARG A C   1 
ATOM   542  O  O   . ARG A 1 84  ? 14.578  9.697   1.926   1.00 18.61 ? 84  ARG A O   1 
ATOM   543  C  CB  . ARG A 1 84  ? 13.522  12.536  1.311   1.00 22.84 ? 84  ARG A CB  1 
ATOM   544  C  CG  . ARG A 1 84  ? 13.395  13.723  0.385   1.00 29.30 ? 84  ARG A CG  1 
ATOM   545  C  CD  . ARG A 1 84  ? 12.008  14.314  0.599   1.00 30.61 ? 84  ARG A CD  1 
ATOM   546  N  NE  . ARG A 1 84  ? 11.748  15.359  -0.393  1.00 29.12 ? 84  ARG A NE  1 
ATOM   547  C  CZ  . ARG A 1 84  ? 10.733  16.169  -0.339  1.00 26.35 ? 84  ARG A CZ  1 
ATOM   548  N  NH1 . ARG A 1 84  ? 10.530  17.004  -1.337  1.00 29.86 ? 84  ARG A NH1 1 
ATOM   549  N  NH2 . ARG A 1 84  ? 9.972   16.225  0.778   1.00 25.22 ? 84  ARG A NH2 1 
ATOM   550  N  N   . ASN A 1 85  ? 14.689  11.214  3.656   1.00 19.21 ? 85  ASN A N   1 
ATOM   551  C  CA  . ASN A 1 85  ? 14.342  10.247  4.692   1.00 20.29 ? 85  ASN A CA  1 
ATOM   552  C  C   . ASN A 1 85  ? 13.429  10.912  5.686   1.00 20.43 ? 85  ASN A C   1 
ATOM   553  O  O   . ASN A 1 85  ? 13.819  11.828  6.459   1.00 20.74 ? 85  ASN A O   1 
ATOM   554  C  CB  . ASN A 1 85  ? 15.590  9.690   5.316   1.00 18.31 ? 85  ASN A CB  1 
ATOM   555  C  CG  . ASN A 1 85  ? 15.305  8.574   6.321   1.00 21.19 ? 85  ASN A CG  1 
ATOM   556  O  OD1 . ASN A 1 85  ? 14.148  8.276   6.612   1.00 20.37 ? 85  ASN A OD1 1 
ATOM   557  N  ND2 . ASN A 1 85  ? 16.375  7.928   6.756   1.00 19.62 ? 85  ASN A ND2 1 
ATOM   558  N  N   . ALA A 1 86  ? 12.178  10.448  5.670   1.00 17.77 ? 86  ALA A N   1 
ATOM   559  C  CA  . ALA A 1 86  ? 11.132  10.955  6.532   1.00 18.01 ? 86  ALA A CA  1 
ATOM   560  C  C   . ALA A 1 86  ? 10.995  10.178  7.855   1.00 17.55 ? 86  ALA A C   1 
ATOM   561  O  O   . ALA A 1 86  ? 10.085  10.454  8.618   1.00 19.37 ? 86  ALA A O   1 
ATOM   562  C  CB  . ALA A 1 86  ? 9.811   11.099  5.836   1.00 18.49 ? 86  ALA A CB  1 
ATOM   563  N  N   . HIS A 1 87  ? 11.931  9.284   8.128   1.00 17.52 ? 87  HIS A N   1 
ATOM   564  C  CA  . HIS A 1 87  ? 12.030  8.564   9.410   1.00 18.09 ? 87  HIS A CA  1 
ATOM   565  C  C   . HIS A 1 87  ? 10.626  8.071   9.823   1.00 16.64 ? 87  HIS A C   1 
ATOM   566  O  O   . HIS A 1 87  ? 10.166  8.297   10.939  1.00 17.04 ? 87  HIS A O   1 
ATOM   567  C  CB  . HIS A 1 87  ? 12.595  9.411   10.484  1.00 20.21 ? 87  HIS A CB  1 
ATOM   568  C  CG  . HIS A 1 87  ? 13.986  9.853   10.182  1.00 18.91 ? 87  HIS A CG  1 
ATOM   569  N  ND1 . HIS A 1 87  ? 15.007  8.990   9.819   1.00 18.63 ? 87  HIS A ND1 1 
ATOM   570  C  CD2 . HIS A 1 87  ? 14.503  11.110  10.120  1.00 21.29 ? 87  HIS A CD2 1 
ATOM   571  C  CE1 . HIS A 1 87  ? 16.105  9.710   9.620   1.00 19.56 ? 87  HIS A CE1 1 
ATOM   572  N  NE2 . HIS A 1 87  ? 15.813  10.982  9.767   1.00 20.30 ? 87  HIS A NE2 1 
ATOM   573  N  N   . SER A 1 88  ? 10.036  7.312   8.926   1.00 17.73 ? 88  SER A N   1 
ATOM   574  C  CA  . SER A 1 88  ? 8.655   6.865   9.075   1.00 15.34 ? 88  SER A CA  1 
ATOM   575  C  C   . SER A 1 88  ? 8.354   5.709   8.199   1.00 15.83 ? 88  SER A C   1 
ATOM   576  O  O   . SER A 1 88  ? 9.035   5.488   7.201   1.00 15.64 ? 88  SER A O   1 
ATOM   577  C  CB  . SER A 1 88  ? 7.618   8.001   8.877   1.00 16.64 ? 88  SER A CB  1 
ATOM   578  O  OG  . SER A 1 88  ? 7.826   8.737   7.676   1.00 16.64 ? 88  SER A OG  1 
ATOM   579  N  N   . ALA A 1 89  ? 7.302   4.977   8.517   1.00 14.79 ? 89  ALA A N   1 
ATOM   580  C  CA  . ALA A 1 89  ? 6.894   3.874   7.698   1.00 14.05 ? 89  ALA A CA  1 
ATOM   581  C  C   . ALA A 1 89  ? 5.337   3.826   7.654   1.00 14.64 ? 89  ALA A C   1 
ATOM   582  O  O   . ALA A 1 89  ? 4.711   4.037   8.697   1.00 15.76 ? 89  ALA A O   1 
ATOM   583  C  CB  . ALA A 1 89  ? 7.432   2.578   8.199   1.00 15.60 ? 89  ALA A CB  1 
ATOM   584  N  N   . THR A 1 90  ? 4.762   3.555   6.495   1.00 13.36 ? 90  THR A N   1 
ATOM   585  C  CA  . THR A 1 90  ? 3.356   3.340   6.426   1.00 13.35 ? 90  THR A CA  1 
ATOM   586  C  C   . THR A 1 90  ? 3.069   1.932   6.091   1.00 12.38 ? 90  THR A C   1 
ATOM   587  O  O   . THR A 1 90  ? 3.727   1.338   5.194   1.00 13.31 ? 90  THR A O   1 
ATOM   588  C  CB  . THR A 1 90  ? 2.744   4.210   5.309   1.00 13.81 ? 90  THR A CB  1 
ATOM   589  O  OG1 . THR A 1 90  ? 2.994   5.624   5.642   1.00 13.25 ? 90  THR A OG1 1 
ATOM   590  C  CG2 . THR A 1 90  ? 1.260   4.040   5.201   1.00 14.54 ? 90  THR A CG2 1 
ATOM   591  N  N   . THR A 1 91  ? 2.071   1.339   6.711   1.00 12.02 ? 91  THR A N   1 
ATOM   592  C  CA  . THR A 1 91  ? 1.512   0.027   6.360   1.00 11.94 ? 91  THR A CA  1 
ATOM   593  C  C   . THR A 1 91  ? 0.091   0.191   5.896   1.00 12.99 ? 91  THR A C   1 
ATOM   594  O  O   . THR A 1 91  ? -0.708  0.829   6.573   1.00 13.57 ? 91  THR A O   1 
ATOM   595  C  CB  . THR A 1 91  ? 1.615   -1.034  7.409   1.00 12.57 ? 91  THR A CB  1 
ATOM   596  O  OG1 . THR A 1 91  ? 0.856   -0.617  8.540   1.00 13.47 ? 91  THR A OG1 1 
ATOM   597  C  CG2 . THR A 1 91  ? 3.053   -1.229  7.878   1.00 14.44 ? 91  THR A CG2 1 
ATOM   598  N  N   . TRP A 1 92  ? -0.237  -0.380  4.704   1.00 12.09 ? 92  TRP A N   1 
ATOM   599  C  CA  . TRP A 1 92  ? -1.630  -0.420  4.282   1.00 11.95 ? 92  TRP A CA  1 
ATOM   600  C  C   . TRP A 1 92  ? -2.111  -1.843  4.439   1.00 13.04 ? 92  TRP A C   1 
ATOM   601  O  O   . TRP A 1 92  ? -1.430  -2.788  4.012   1.00 13.49 ? 92  TRP A O   1 
ATOM   602  C  CB  . TRP A 1 92  ? -1.706  -0.040  2.721   1.00 11.36 ? 92  TRP A CB  1 
ATOM   603  C  CG  . TRP A 1 92  ? -1.427  1.351   2.342   1.00 10.39 ? 92  TRP A CG  1 
ATOM   604  C  CD1 . TRP A 1 92  ? -2.343  2.246   2.009   1.00 12.36 ? 92  TRP A CD1 1 
ATOM   605  C  CD2 . TRP A 1 92  ? -0.167  2.010   2.234   1.00 11.56 ? 92  TRP A CD2 1 
ATOM   606  N  NE1 . TRP A 1 92  ? -1.771  3.459   1.692   1.00 13.29 ? 92  TRP A NE1 1 
ATOM   607  C  CE2 . TRP A 1 92  ? -0.415  3.283   1.782   1.00 12.58 ? 92  TRP A CE2 1 
ATOM   608  C  CE3 . TRP A 1 92  ? 1.171   1.568   2.368   1.00 12.73 ? 92  TRP A CE3 1 
ATOM   609  C  CZ2 . TRP A 1 92  ? 0.633   4.215   1.528   1.00 12.93 ? 92  TRP A CZ2 1 
ATOM   610  C  CZ3 . TRP A 1 92  ? 2.193   2.490   2.118   1.00 14.26 ? 92  TRP A CZ3 1 
ATOM   611  C  CH2 . TRP A 1 92  ? 1.911   3.727   1.697   1.00 13.66 ? 92  TRP A CH2 1 
ATOM   612  N  N   . SER A 1 93  ? -3.306  -1.976  4.906   1.00 12.44 ? 93  SER A N   1 
ATOM   613  C  CA  . SER A 1 93  ? -3.976  -3.263  5.128   1.00 12.37 ? 93  SER A CA  1 
ATOM   614  C  C   . SER A 1 93  ? -5.336  -3.162  4.521   1.00 13.46 ? 93  SER A C   1 
ATOM   615  O  O   . SER A 1 93  ? -6.079  -2.232  4.726   1.00 14.05 ? 93  SER A O   1 
ATOM   616  C  CB  . SER A 1 93  ? -4.083  -3.479  6.629   1.00 12.03 ? 93  SER A CB  1 
ATOM   617  O  OG  . SER A 1 93  ? -4.682  -4.769  6.893   1.00 13.89 ? 93  SER A OG  1 
ATOM   618  N  N   . GLY A 1 94  ? -5.698  -4.134  3.702   1.00 14.43 ? 94  GLY A N   1 
ATOM   619  C  CA  . GLY A 1 94  ? -6.950  -3.996  2.959   1.00 16.10 ? 94  GLY A CA  1 
ATOM   620  C  C   . GLY A 1 94  ? -7.349  -5.224  2.153   1.00 16.02 ? 94  GLY A C   1 
ATOM   621  O  O   . GLY A 1 94  ? -6.937  -6.341  2.455   1.00 16.16 ? 94  GLY A O   1 
ATOM   622  N  N   . GLN A 1 95  ? -8.210  -4.956  1.159   1.00 15.14 ? 95  GLN A N   1 
ATOM   623  C  CA  . GLN A 1 95  ? -8.626  -6.048  0.306   1.00 16.90 ? 95  GLN A CA  1 
ATOM   624  C  C   . GLN A 1 95  ? -8.772  -5.523  -1.096  1.00 16.48 ? 95  GLN A C   1 
ATOM   625  O  O   . GLN A 1 95  ? -9.265  -4.396  -1.335  1.00 16.99 ? 95  GLN A O   1 
ATOM   626  C  CB  . GLN A 1 95  ? -9.840  -6.756  0.859   1.00 19.12 ? 95  GLN A CB  1 
ATOM   627  C  CG  . GLN A 1 95  ? -11.083 -5.907  1.005   1.00 17.57 ? 95  GLN A CG  1 
ATOM   628  C  CD  . GLN A 1 95  ? -12.255 -6.665  1.624   1.00 19.35 ? 95  GLN A CD  1 
ATOM   629  O  OE1 . GLN A 1 95  ? -12.526 -7.820  1.283   1.00 19.03 ? 95  GLN A OE1 1 
ATOM   630  N  NE2 . GLN A 1 95  ? -12.923 -6.046  2.623   1.00 20.82 ? 95  GLN A NE2 1 
ATOM   631  N  N   . TYR A 1 96  ? -8.446  -6.413  -2.001  1.00 16.66 ? 96  TYR A N   1 
ATOM   632  C  CA  . TYR A 1 96  ? -8.666  -6.265  -3.483  1.00 17.27 ? 96  TYR A CA  1 
ATOM   633  C  C   . TYR A 1 96  ? -10.036 -6.774  -3.845  1.00 16.71 ? 96  TYR A C   1 
ATOM   634  O  O   . TYR A 1 96  ? -10.406 -7.889  -3.411  1.00 17.40 ? 96  TYR A O   1 
ATOM   635  C  CB  . TYR A 1 96  ? -7.558  -7.021  -4.234  1.00 16.83 ? 96  TYR A CB  1 
ATOM   636  C  CG  . TYR A 1 96  ? -7.846  -7.357  -5.658  1.00 17.72 ? 96  TYR A CG  1 
ATOM   637  C  CD1 . TYR A 1 96  ? -7.589  -6.421  -6.622  1.00 18.92 ? 96  TYR A CD1 1 
ATOM   638  C  CD2 . TYR A 1 96  ? -8.416  -8.524  -5.994  1.00 20.17 ? 96  TYR A CD2 1 
ATOM   639  C  CE1 . TYR A 1 96  ? -7.810  -6.710  -7.968  1.00 21.81 ? 96  TYR A CE1 1 
ATOM   640  C  CE2 . TYR A 1 96  ? -8.683  -8.803  -7.303  1.00 22.43 ? 96  TYR A CE2 1 
ATOM   641  C  CZ  . TYR A 1 96  ? -8.379  -7.922  -8.242  1.00 20.90 ? 96  TYR A CZ  1 
ATOM   642  O  OH  . TYR A 1 96  ? -8.627  -8.213  -9.597  1.00 26.07 ? 96  TYR A OH  1 
ATOM   643  N  N   . VAL A 1 97  ? -10.803 -5.963  -4.621  1.00 17.66 ? 97  VAL A N   1 
ATOM   644  C  CA  . VAL A 1 97  ? -12.145 -6.328  -5.037  1.00 19.26 ? 97  VAL A CA  1 
ATOM   645  C  C   . VAL A 1 97  ? -12.091 -6.258  -6.563  1.00 22.06 ? 97  VAL A C   1 
ATOM   646  O  O   . VAL A 1 97  ? -11.812 -5.196  -7.101  1.00 22.13 ? 97  VAL A O   1 
ATOM   647  C  CB  . VAL A 1 97  ? -13.147 -5.338  -4.461  1.00 23.80 ? 97  VAL A CB  1 
ATOM   648  C  CG1 . VAL A 1 97  ? -14.551 -5.730  -4.917  1.00 30.98 ? 97  VAL A CG1 1 
ATOM   649  C  CG2 . VAL A 1 97  ? -13.065 -5.345  -2.932  1.00 27.35 ? 97  VAL A CG2 1 
ATOM   650  N  N   . GLY A 1 98  ? -12.296 -7.397  -7.185  1.00 24.50 ? 98  GLY A N   1 
ATOM   651  C  CA  . GLY A 1 98  ? -12.021 -7.538  -8.647  1.00 29.24 ? 98  GLY A CA  1 
ATOM   652  C  C   . GLY A 1 98  ? -13.242 -6.990  -9.395  1.00 33.31 ? 98  GLY A C   1 
ATOM   653  O  O   . GLY A 1 98  ? -14.225 -6.588  -8.782  1.00 32.39 ? 98  GLY A O   1 
ATOM   654  N  N   . GLY A 1 99  ? -13.145 -6.979  -10.724 1.00 39.18 ? 99  GLY A N   1 
ATOM   655  C  CA  . GLY A 1 99  ? -14.277 -6.626  -11.587 1.00 43.90 ? 99  GLY A CA  1 
ATOM   656  C  C   . GLY A 1 99  ? -14.028 -5.398  -12.429 1.00 40.93 ? 99  GLY A C   1 
ATOM   657  O  O   . GLY A 1 99  ? -12.893 -4.854  -12.478 1.00 44.48 ? 99  GLY A O   1 
ATOM   658  N  N   . ALA A 1 100 ? -15.094 -4.943  -13.093 1.00 42.57 ? 100 ALA A N   1 
ATOM   659  C  CA  . ALA A 1 100 ? -14.987 -3.850  -14.068 1.00 38.64 ? 100 ALA A CA  1 
ATOM   660  C  C   . ALA A 1 100 ? -14.345 -2.615  -13.505 1.00 45.70 ? 100 ALA A C   1 
ATOM   661  O  O   . ALA A 1 100 ? -13.486 -1.976  -14.168 1.00 45.55 ? 100 ALA A O   1 
ATOM   662  C  CB  . ALA A 1 100 ? -16.394 -3.495  -14.606 1.00 43.38 ? 100 ALA A CB  1 
ATOM   663  N  N   . GLN A 1 101 ? -14.779 -2.241  -12.300 1.00 34.81 ? 101 GLN A N   1 
ATOM   664  C  CA  . GLN A 1 101 ? -14.124 -1.160  -11.630 1.00 38.61 ? 101 GLN A CA  1 
ATOM   665  C  C   . GLN A 1 101 ? -13.378 -1.767  -10.412 1.00 30.76 ? 101 GLN A C   1 
ATOM   666  O  O   . GLN A 1 101 ? -13.824 -1.622  -9.239  1.00 35.34 ? 101 GLN A O   1 
ATOM   667  C  CB  . GLN A 1 101 ? -15.112 -0.050  -11.291 1.00 45.28 ? 101 GLN A CB  1 
ATOM   668  C  CG  . GLN A 1 101 ? -14.671 1.284   -11.947 1.00 57.44 ? 101 GLN A CG  1 
ATOM   669  C  CD  . GLN A 1 101 ? -15.822 2.175   -12.372 1.00 62.11 ? 101 GLN A CD  1 
ATOM   670  O  OE1 . GLN A 1 101 ? -15.741 3.413   -12.281 1.00 69.74 ? 101 GLN A OE1 1 
ATOM   671  N  NE2 . GLN A 1 101 ? -16.905 1.555   -12.825 1.00 59.52 ? 101 GLN A NE2 1 
ATOM   672  N  N   . ALA A 1 102 ? -12.281 -2.450  -10.719 1.00 27.91 ? 102 ALA A N   1 
ATOM   673  C  CA  . ALA A 1 102 ? -11.498 -3.056  -9.588  1.00 25.21 ? 102 ALA A CA  1 
ATOM   674  C  C   . ALA A 1 102 ? -10.969 -2.023  -8.671  1.00 22.78 ? 102 ALA A C   1 
ATOM   675  O  O   . ALA A 1 102 ? -10.660 -0.884  -9.022  1.00 22.95 ? 102 ALA A O   1 
ATOM   676  C  CB  . ALA A 1 102 ? -10.388 -3.936  -10.067 1.00 28.69 ? 102 ALA A CB  1 
ATOM   677  N  N   . ARG A 1 103 ? -10.822 -2.466  -7.403  1.00 21.06 ? 103 ARG A N   1 
ATOM   678  C  CA  . ARG A 1 103 ? -10.412 -1.528  -6.335  1.00 20.60 ? 103 ARG A CA  1 
ATOM   679  C  C   . ARG A 1 103 ? -9.572  -2.265  -5.310  1.00 16.63 ? 103 ARG A C   1 
ATOM   680  O  O   . ARG A 1 103 ? -9.763  -3.443  -5.083  1.00 18.78 ? 103 ARG A O   1 
ATOM   681  C  CB  . ARG A 1 103 ? -11.636 -0.981  -5.611  1.00 26.48 ? 103 ARG A CB  1 
ATOM   682  C  CG  . ARG A 1 103 ? -12.484 -0.036  -6.450  0.50 27.66 ? 103 ARG A CG  1 
ATOM   683  C  CD  . ARG A 1 103 ? -13.554 0.654   -5.622  0.50 30.10 ? 103 ARG A CD  1 
ATOM   684  N  NE  . ARG A 1 103 ? -13.850 2.046   -6.031  0.50 28.83 ? 103 ARG A NE  1 
ATOM   685  C  CZ  . ARG A 1 103 ? -13.727 2.572   -7.256  0.50 32.63 ? 103 ARG A CZ  1 
ATOM   686  N  NH1 . ARG A 1 103 ? -14.067 3.835   -7.438  0.50 34.79 ? 103 ARG A NH1 1 
ATOM   687  N  NH2 . ARG A 1 103 ? -13.341 1.866   -8.306  0.50 29.53 ? 103 ARG A NH2 1 
ATOM   688  N  N   . ILE A 1 104 ? -8.636  -1.510  -4.712  1.00 16.02 ? 104 ILE A N   1 
ATOM   689  C  CA  . ILE A 1 104 ? -8.031  -1.993  -3.451  1.00 16.90 ? 104 ILE A CA  1 
ATOM   690  C  C   . ILE A 1 104 ? -8.499  -0.988  -2.404  1.00 15.32 ? 104 ILE A C   1 
ATOM   691  O  O   . ILE A 1 104 ? -8.110  0.230   -2.421  1.00 16.95 ? 104 ILE A O   1 
ATOM   692  C  CB  . ILE A 1 104 ? -6.522  -2.096  -3.600  1.00 18.40 ? 104 ILE A CB  1 
ATOM   693  C  CG1 . ILE A 1 104 ? -6.163  -3.072  -4.684  1.00 20.49 ? 104 ILE A CG1 1 
ATOM   694  C  CG2 . ILE A 1 104 ? -5.925  -2.620  -2.293  1.00 18.85 ? 104 ILE A CG2 1 
ATOM   695  C  CD1 . ILE A 1 104 ? -4.653  -3.092  -4.947  1.00 22.66 ? 104 ILE A CD1 1 
ATOM   696  N  N   . ASN A 1 105 ? -9.238  -1.455  -1.392  1.00 15.95 ? 105 ASN A N   1 
ATOM   697  C  CA  . ASN A 1 105 ? -9.768  -0.625  -0.277  1.00 15.33 ? 105 ASN A CA  1 
ATOM   698  C  C   . ASN A 1 105 ? -8.857  -0.894  0.911   1.00 16.06 ? 105 ASN A C   1 
ATOM   699  O  O   . ASN A 1 105 ? -8.730  -1.993  1.352   1.00 16.58 ? 105 ASN A O   1 
ATOM   700  C  CB  . ASN A 1 105 ? -11.167 -0.971  0.013   1.00 18.47 ? 105 ASN A CB  1 
ATOM   701  C  CG  . ASN A 1 105 ? -12.094 -0.614  -1.172  1.00 21.73 ? 105 ASN A CG  1 
ATOM   702  O  OD1 . ASN A 1 105 ? -11.918 0.426   -1.772  1.00 22.85 ? 105 ASN A OD1 1 
ATOM   703  N  ND2 . ASN A 1 105 ? -12.957 -1.538  -1.528  1.00 23.21 ? 105 ASN A ND2 1 
ATOM   704  N  N   . THR A 1 106 ? -8.232  0.160   1.401   1.00 13.14 ? 106 THR A N   1 
ATOM   705  C  CA  . THR A 1 106 ? -7.273  0.037   2.479   1.00 14.53 ? 106 THR A CA  1 
ATOM   706  C  C   . THR A 1 106 ? -7.505  0.983   3.662   1.00 13.64 ? 106 THR A C   1 
ATOM   707  O  O   . THR A 1 106 ? -8.154  2.068   3.573   1.00 13.93 ? 106 THR A O   1 
ATOM   708  C  CB  . THR A 1 106 ? -5.841  0.316   2.060   1.00 12.57 ? 106 THR A CB  1 
ATOM   709  O  OG1 . THR A 1 106 ? -5.632  1.738   1.832   1.00 14.23 ? 106 THR A OG1 1 
ATOM   710  C  CG2 . THR A 1 106 ? -5.485  -0.457  0.796   1.00 14.57 ? 106 THR A CG2 1 
ATOM   711  N  N   . GLN A 1 107 ? -7.021  0.558   4.807   1.00 13.25 ? 107 GLN A N   1 
ATOM   712  C  CA  . GLN A 1 107 ? -6.744  1.460   5.902   1.00 14.31 ? 107 GLN A CA  1 
ATOM   713  C  C   . GLN A 1 107 ? -5.218  1.426   6.135   1.00 13.49 ? 107 GLN A C   1 
ATOM   714  O  O   . GLN A 1 107 ? -4.531  0.437   5.805   1.00 13.67 ? 107 GLN A O   1 
ATOM   715  C  CB  . GLN A 1 107 ? -7.490  0.987   7.150   1.00 14.88 ? 107 GLN A CB  1 
ATOM   716  C  CG  A GLN A 1 107 ? -8.998  1.361   6.873   0.50 14.52 ? 107 GLN A CG  1 
ATOM   717  C  CG  B GLN A 1 107 ? -8.962  0.843   7.027   0.50 19.15 ? 107 GLN A CG  1 
ATOM   718  C  CD  A GLN A 1 107 ? -9.930  1.094   8.046   0.50 10.79 ? 107 GLN A CD  1 
ATOM   719  C  CD  B GLN A 1 107 ? -9.599  1.960   7.762   0.50 19.59 ? 107 GLN A CD  1 
ATOM   720  O  OE1 A GLN A 1 107 ? -10.117 1.976   8.884   0.50 11.83 ? 107 GLN A OE1 1 
ATOM   721  O  OE1 B GLN A 1 107 ? -9.003  3.014   8.064   0.50 23.76 ? 107 GLN A OE1 1 
ATOM   722  N  NE2 A GLN A 1 107 ? -10.462 -0.094  8.150   0.50 10.95 ? 107 GLN A NE2 1 
ATOM   723  N  NE2 B GLN A 1 107 ? -10.801 1.763   8.054   0.50 20.87 ? 107 GLN A NE2 1 
ATOM   724  N  N   . TRP A 1 108 ? -4.664  2.536   6.667   1.00 12.34 ? 108 TRP A N   1 
ATOM   725  C  CA  . TRP A 1 108 ? -3.217  2.568   6.856   1.00 12.51 ? 108 TRP A CA  1 
ATOM   726  C  C   . TRP A 1 108 ? -2.793  3.152   8.160   1.00 12.35 ? 108 TRP A C   1 
ATOM   727  O  O   . TRP A 1 108 ? -3.546  3.897   8.806   1.00 13.32 ? 108 TRP A O   1 
ATOM   728  C  CB  . TRP A 1 108 ? -2.473  3.361   5.737   1.00 11.58 ? 108 TRP A CB  1 
ATOM   729  C  CG  . TRP A 1 108 ? -3.060  4.692   5.418   1.00 12.98 ? 108 TRP A CG  1 
ATOM   730  C  CD1 . TRP A 1 108 ? -3.809  5.022   4.329   1.00 15.49 ? 108 TRP A CD1 1 
ATOM   731  C  CD2 . TRP A 1 108 ? -2.706  5.917   6.069   1.00 12.32 ? 108 TRP A CD2 1 
ATOM   732  N  NE1 . TRP A 1 108 ? -4.102  6.383   4.341   1.00 14.77 ? 108 TRP A NE1 1 
ATOM   733  C  CE2 . TRP A 1 108 ? -3.427  6.964   5.396   1.00 14.30 ? 108 TRP A CE2 1 
ATOM   734  C  CE3 . TRP A 1 108 ? -1.998  6.224   7.233   1.00 14.13 ? 108 TRP A CE3 1 
ATOM   735  C  CZ2 . TRP A 1 108 ? -3.315  8.280   5.778   1.00 13.77 ? 108 TRP A CZ2 1 
ATOM   736  C  CZ3 . TRP A 1 108 ? -1.899  7.555   7.616   1.00 13.45 ? 108 TRP A CZ3 1 
ATOM   737  C  CH2 . TRP A 1 108 ? -2.625  8.532   6.928   1.00 15.14 ? 108 TRP A CH2 1 
ATOM   738  N  N   . LEU A 1 109 ? -1.596  2.783   8.591   1.00 12.46 ? 109 LEU A N   1 
ATOM   739  C  CA  . LEU A 1 109 ? -0.964  3.273   9.839   1.00 13.34 ? 109 LEU A CA  1 
ATOM   740  C  C   . LEU A 1 109 ? 0.387   3.866   9.451   1.00 14.83 ? 109 LEU A C   1 
ATOM   741  O  O   . LEU A 1 109 ? 1.204   3.096   8.903   1.00 14.35 ? 109 LEU A O   1 
ATOM   742  C  CB  . LEU A 1 109 ? -0.718  2.194   10.833  1.00 14.30 ? 109 LEU A CB  1 
ATOM   743  C  CG  . LEU A 1 109 ? -1.982  1.555   11.468  1.00 15.75 ? 109 LEU A CG  1 
ATOM   744  C  CD1 . LEU A 1 109 ? -1.523  0.302   12.139  1.00 16.16 ? 109 LEU A CD1 1 
ATOM   745  C  CD2 . LEU A 1 109 ? -2.791  2.534   12.277  1.00 15.31 ? 109 LEU A CD2 1 
ATOM   746  N  N   . LEU A 1 110 ? 0.650   5.124   9.728   1.00 12.66 ? 110 LEU A N   1 
ATOM   747  C  CA  . LEU A 1 110 ? 1.944   5.758   9.438   1.00 14.71 ? 110 LEU A CA  1 
ATOM   748  C  C   . LEU A 1 110 ? 2.649   6.054   10.776  1.00 14.16 ? 110 LEU A C   1 
ATOM   749  O  O   . LEU A 1 110 ? 2.141   6.830   11.559  1.00 14.87 ? 110 LEU A O   1 
ATOM   750  C  CB  . LEU A 1 110 ? 1.726   7.015   8.676   1.00 16.76 ? 110 LEU A CB  1 
ATOM   751  C  CG  . LEU A 1 110 ? 2.962   7.864   8.272   1.00 19.59 ? 110 LEU A CG  1 
ATOM   752  C  CD1 . LEU A 1 110 ? 2.449   8.945   7.335   1.00 19.74 ? 110 LEU A CD1 1 
ATOM   753  C  CD2 . LEU A 1 110 ? 3.760   8.468   9.387   1.00 22.11 ? 110 LEU A CD2 1 
ATOM   754  N  N   . THR A 1 111 ? 3.736   5.368   11.099  1.00 14.51 ? 111 THR A N   1 
ATOM   755  C  CA  . THR A 1 111 ? 4.444   5.596   12.364  1.00 13.84 ? 111 THR A CA  1 
ATOM   756  C  C   . THR A 1 111 ? 5.694   6.439   12.032  1.00 14.77 ? 111 THR A C   1 
ATOM   757  O  O   . THR A 1 111 ? 6.449   6.040   11.103  1.00 15.06 ? 111 THR A O   1 
ATOM   758  C  CB  . THR A 1 111 ? 4.868   4.309   13.033  1.00 14.99 ? 111 THR A CB  1 
ATOM   759  O  OG1 . THR A 1 111 ? 3.697   3.486   13.268  1.00 14.04 ? 111 THR A OG1 1 
ATOM   760  C  CG2 . THR A 1 111 ? 5.481   4.504   14.389  1.00 17.41 ? 111 THR A CG2 1 
ATOM   761  N  N   . TYR A 1 112 ? 5.958   7.519   12.805  1.00 15.69 ? 112 TYR A N   1 
ATOM   762  C  CA  . TYR A 1 112 ? 7.180   8.273   12.712  1.00 19.16 ? 112 TYR A CA  1 
ATOM   763  C  C   . TYR A 1 112 ? 8.046   7.878   13.875  1.00 19.10 ? 112 TYR A C   1 
ATOM   764  O  O   . TYR A 1 112 ? 7.534   7.673   15.000  1.00 18.74 ? 112 TYR A O   1 
ATOM   765  C  CB  . TYR A 1 112 ? 6.800   9.704   12.768  1.00 21.09 ? 112 TYR A CB  1 
ATOM   766  C  CG  . TYR A 1 112 ? 7.941   10.683  12.664  1.00 29.71 ? 112 TYR A CG  1 
ATOM   767  C  CD1 . TYR A 1 112 ? 8.495   10.984  11.427  1.00 36.30 ? 112 TYR A CD1 1 
ATOM   768  C  CD2 . TYR A 1 112 ? 8.402   11.335  13.783  1.00 36.30 ? 112 TYR A CD2 1 
ATOM   769  C  CE1 . TYR A 1 112 ? 9.554   11.885  11.300  1.00 35.19 ? 112 TYR A CE1 1 
ATOM   770  C  CE2 . TYR A 1 112 ? 9.477   12.231  13.663  1.00 39.53 ? 112 TYR A CE2 1 
ATOM   771  C  CZ  . TYR A 1 112 ? 10.024  12.489  12.442  1.00 39.23 ? 112 TYR A CZ  1 
ATOM   772  O  OH  . TYR A 1 112 ? 11.061  13.430  12.350  1.00 45.98 ? 112 TYR A OH  1 
ATOM   773  N  N   . GLY A 1 113 ? 9.360   7.836   13.692  1.00 18.57 ? 113 GLY A N   1 
ATOM   774  C  CA  . GLY A 1 113 ? 10.230  7.642   14.857  1.00 21.01 ? 113 GLY A CA  1 
ATOM   775  C  C   . GLY A 1 113 ? 10.212  8.795   15.856  1.00 19.32 ? 113 GLY A C   1 
ATOM   776  O  O   . GLY A 1 113 ? 10.382  9.974   15.505  1.00 23.11 ? 113 GLY A O   1 
ATOM   777  N  N   . THR A 1 114 ? 9.944   8.519   17.094  1.00 19.30 ? 114 THR A N   1 
ATOM   778  C  CA  . THR A 1 114 ? 9.814   9.523   18.130  1.00 19.49 ? 114 THR A CA  1 
ATOM   779  C  C   . THR A 1 114 ? 10.704  9.185   19.332  1.00 20.72 ? 114 THR A C   1 
ATOM   780  O  O   . THR A 1 114 ? 11.129  8.059   19.522  1.00 21.18 ? 114 THR A O   1 
ATOM   781  C  CB  . THR A 1 114 ? 8.401   9.661   18.657  1.00 19.62 ? 114 THR A CB  1 
ATOM   782  O  OG1 . THR A 1 114 ? 8.023   8.470   19.340  1.00 20.80 ? 114 THR A OG1 1 
ATOM   783  C  CG2 . THR A 1 114 ? 7.391   9.919   17.467  1.00 18.61 ? 114 THR A CG2 1 
ATOM   784  N  N   . THR A 1 115 ? 10.949  10.205  20.170  1.00 22.50 ? 115 THR A N   1 
ATOM   785  C  CA  . THR A 1 115 ? 11.435  9.912   21.521  1.00 24.56 ? 115 THR A CA  1 
ATOM   786  C  C   . THR A 1 115 ? 10.361  9.204   22.351  1.00 27.39 ? 115 THR A C   1 
ATOM   787  O  O   . THR A 1 115 ? 9.168   9.234   22.030  1.00 23.50 ? 115 THR A O   1 
ATOM   788  C  CB  . THR A 1 115 ? 11.848  11.235  22.246  1.00 24.65 ? 115 THR A CB  1 
ATOM   789  O  OG1 . THR A 1 115 ? 10.698  12.038  22.437  1.00 28.97 ? 115 THR A OG1 1 
ATOM   790  C  CG2 . THR A 1 115 ? 12.816  12.008  21.353  1.00 27.80 ? 115 THR A CG2 1 
ATOM   791  N  N   . GLU A 1 116 ? 10.774  8.567   23.442  1.00 28.27 ? 116 GLU A N   1 
ATOM   792  C  CA  . GLU A 1 116 ? 9.832   7.918   24.324  1.00 29.10 ? 116 GLU A CA  1 
ATOM   793  C  C   . GLU A 1 116 ? 8.762   8.936   24.827  1.00 28.28 ? 116 GLU A C   1 
ATOM   794  O  O   . GLU A 1 116 ? 7.597   8.613   24.829  1.00 27.13 ? 116 GLU A O   1 
ATOM   795  C  CB  . GLU A 1 116 ? 10.609  7.060   25.428  1.00 33.40 ? 116 GLU A CB  1 
ATOM   796  C  CG  . GLU A 1 116 ? 11.419  5.879   24.739  0.50 34.55 ? 116 GLU A CG  1 
ATOM   797  C  CD  . GLU A 1 116 ? 12.578  5.203   25.546  0.50 36.26 ? 116 GLU A CD  1 
ATOM   798  O  OE1 . GLU A 1 116 ? 13.791  5.334   25.210  0.50 34.17 ? 116 GLU A OE1 1 
ATOM   799  O  OE2 . GLU A 1 116 ? 12.290  4.491   26.499  0.50 35.03 ? 116 GLU A OE2 1 
ATOM   800  N  N   . ALA A 1 117 ? 9.152   10.177  25.158  1.00 27.54 ? 117 ALA A N   1 
ATOM   801  C  CA  . ALA A 1 117 ? 8.205   11.214  25.615  1.00 31.57 ? 117 ALA A CA  1 
ATOM   802  C  C   . ALA A 1 117 ? 7.074   11.574  24.615  1.00 30.90 ? 117 ALA A C   1 
ATOM   803  O  O   . ALA A 1 117 ? 5.967   11.872  25.043  1.00 28.30 ? 117 ALA A O   1 
ATOM   804  C  CB  . ALA A 1 117 ? 8.968   12.501  25.993  1.00 34.60 ? 117 ALA A CB  1 
ATOM   805  N  N   . ASN A 1 118 ? 7.335   11.442  23.309  1.00 23.70 ? 118 ASN A N   1 
ATOM   806  C  CA  . ASN A 1 118 ? 6.390   11.798  22.273  1.00 23.14 ? 118 ASN A CA  1 
ATOM   807  C  C   . ASN A 1 118 ? 5.762   10.581  21.566  1.00 19.43 ? 118 ASN A C   1 
ATOM   808  O  O   . ASN A 1 118 ? 5.078   10.748  20.605  1.00 19.48 ? 118 ASN A O   1 
ATOM   809  C  CB  . ASN A 1 118 ? 7.045   12.629  21.252  1.00 23.32 ? 118 ASN A CB  1 
ATOM   810  C  CG  . ASN A 1 118 ? 7.550   13.944  21.842  1.00 28.49 ? 118 ASN A CG  1 
ATOM   811  O  OD1 . ASN A 1 118 ? 6.865   14.557  22.620  1.00 29.48 ? 118 ASN A OD1 1 
ATOM   812  N  ND2 . ASN A 1 118 ? 8.733   14.310  21.529  1.00 29.67 ? 118 ASN A ND2 1 
ATOM   813  N  N   . ALA A 1 119 ? 6.044   9.405   22.008  1.00 18.34 ? 119 ALA A N   1 
ATOM   814  C  CA  . ALA A 1 119 ? 5.539   8.200   21.371  1.00 18.65 ? 119 ALA A CA  1 
ATOM   815  C  C   . ALA A 1 119 ? 4.048   8.076   21.356  1.00 17.51 ? 119 ALA A C   1 
ATOM   816  O  O   . ALA A 1 119 ? 3.483   7.410   20.471  1.00 17.56 ? 119 ALA A O   1 
ATOM   817  C  CB  . ALA A 1 119 ? 6.181   6.974   21.974  1.00 20.49 ? 119 ALA A CB  1 
ATOM   818  N  N   . TRP A 1 120 ? 3.355   8.710   22.301  1.00 17.89 ? 120 TRP A N   1 
ATOM   819  C  CA  . TRP A 1 120 ? 1.894   8.758   22.274  1.00 16.77 ? 120 TRP A CA  1 
ATOM   820  C  C   . TRP A 1 120 ? 1.352   9.299   20.943  1.00 17.88 ? 120 TRP A C   1 
ATOM   821  O  O   . TRP A 1 120 ? 0.233   8.921   20.485  1.00 17.36 ? 120 TRP A O   1 
ATOM   822  C  CB  . TRP A 1 120 ? 1.295   9.521   23.474  1.00 16.89 ? 120 TRP A CB  1 
ATOM   823  C  CG  . TRP A 1 120 ? 1.558   10.955  23.446  1.00 17.45 ? 120 TRP A CG  1 
ATOM   824  C  CD1 . TRP A 1 120 ? 2.646   11.623  23.923  1.00 18.10 ? 120 TRP A CD1 1 
ATOM   825  C  CD2 . TRP A 1 120 ? 0.788   11.941  22.774  1.00 16.22 ? 120 TRP A CD2 1 
ATOM   826  N  NE1 . TRP A 1 120 ? 2.596   12.934  23.654  1.00 18.27 ? 120 TRP A NE1 1 
ATOM   827  C  CE2 . TRP A 1 120 ? 1.453   13.197  22.952  1.00 18.77 ? 120 TRP A CE2 1 
ATOM   828  C  CE3 . TRP A 1 120 ? -0.450  11.921  22.112  1.00 18.98 ? 120 TRP A CE3 1 
ATOM   829  C  CZ2 . TRP A 1 120 ? 0.916   14.392  22.443  1.00 20.62 ? 120 TRP A CZ2 1 
ATOM   830  C  CZ3 . TRP A 1 120 ? -0.956  13.108  21.632  1.00 19.22 ? 120 TRP A CZ3 1 
ATOM   831  C  CH2 . TRP A 1 120 ? -0.259  14.329  21.779  1.00 21.18 ? 120 TRP A CH2 1 
ATOM   832  N  N   . ALA A 1 121 ? 2.152   10.196  20.329  1.00 15.73 ? 121 ALA A N   1 
ATOM   833  C  CA  . ALA A 1 121 ? 1.786   10.942  19.124  1.00 17.09 ? 121 ALA A CA  1 
ATOM   834  C  C   . ALA A 1 121 ? 2.456   10.391  17.861  1.00 16.58 ? 121 ALA A C   1 
ATOM   835  O  O   . ALA A 1 121 ? 2.633   11.140  16.879  1.00 19.03 ? 121 ALA A O   1 
ATOM   836  C  CB  . ALA A 1 121 ? 2.118   12.406  19.262  1.00 19.05 ? 121 ALA A CB  1 
ATOM   837  N  N   . SER A 1 122 ? 2.923   9.160   17.882  1.00 15.94 ? 122 SER A N   1 
ATOM   838  C  CA  . SER A 1 122 ? 3.755   8.650   16.797  1.00 15.12 ? 122 SER A CA  1 
ATOM   839  C  C   . SER A 1 122 ? 3.017   8.183   15.561  1.00 15.92 ? 122 SER A C   1 
ATOM   840  O  O   . SER A 1 122 ? 3.671   8.016   14.459  1.00 15.86 ? 122 SER A O   1 
ATOM   841  C  CB  . SER A 1 122 ? 4.658   7.474   17.310  1.00 15.74 ? 122 SER A CB  1 
ATOM   842  O  OG  . SER A 1 122 ? 3.806   6.340   17.548  1.00 16.87 ? 122 SER A OG  1 
ATOM   843  N  N   . THR A 1 123 ? 1.704   7.915   15.640  1.00 14.01 ? 123 THR A N   1 
ATOM   844  C  CA  . THR A 1 123 ? 1.087   7.137   14.600  1.00 13.16 ? 123 THR A CA  1 
ATOM   845  C  C   . THR A 1 123 ? -0.190  7.822   14.082  1.00 12.92 ? 123 THR A C   1 
ATOM   846  O  O   . THR A 1 123 ? -1.119  8.097   14.838  1.00 14.89 ? 123 THR A O   1 
ATOM   847  C  CB  . THR A 1 123 ? 0.619   5.767   15.127  1.00 13.65 ? 123 THR A CB  1 
ATOM   848  O  OG1 . THR A 1 123 ? 1.801   5.131   15.759  1.00 15.72 ? 123 THR A OG1 1 
ATOM   849  C  CG2 . THR A 1 123 ? 0.256   4.835   13.957  1.00 15.70 ? 123 THR A CG2 1 
ATOM   850  N  N   . LEU A 1 124 ? -0.195  8.096   12.777  1.00 13.37 ? 124 LEU A N   1 
ATOM   851  C  CA  . LEU A 1 124 ? -1.359  8.590   12.021  1.00 14.70 ? 124 LEU A CA  1 
ATOM   852  C  C   . LEU A 1 124 ? -2.115  7.354   11.437  1.00 13.20 ? 124 LEU A C   1 
ATOM   853  O  O   . LEU A 1 124 ? -1.506  6.286   11.114  1.00 14.10 ? 124 LEU A O   1 
ATOM   854  C  CB  . LEU A 1 124 ? -0.935  9.405   10.831  1.00 14.86 ? 124 LEU A CB  1 
ATOM   855  C  CG  . LEU A 1 124 ? -0.364  10.794  11.223  1.00 17.51 ? 124 LEU A CG  1 
ATOM   856  C  CD1 . LEU A 1 124 ? 0.276   11.396  9.989   1.00 20.96 ? 124 LEU A CD1 1 
ATOM   857  C  CD2 . LEU A 1 124 ? -1.399  11.755  11.711  1.00 21.07 ? 124 LEU A CD2 1 
ATOM   858  N  N   . VAL A 1 125 ? -3.425  7.504   11.301  1.00 12.93 ? 125 VAL A N   1 
ATOM   859  C  CA  . VAL A 1 125 ? -4.262  6.451   10.691  1.00 13.66 ? 125 VAL A CA  1 
ATOM   860  C  C   . VAL A 1 125 ? -5.117  7.162   9.643   1.00 13.42 ? 125 VAL A C   1 
ATOM   861  O  O   . VAL A 1 125 ? -5.538  8.332   9.768   1.00 14.09 ? 125 VAL A O   1 
ATOM   862  C  CB  . VAL A 1 125 ? -5.158  5.792   11.689  1.00 12.66 ? 125 VAL A CB  1 
ATOM   863  C  CG1 . VAL A 1 125 ? -6.103  6.765   12.446  1.00 14.87 ? 125 VAL A CG1 1 
ATOM   864  C  CG2 . VAL A 1 125 ? -5.982  4.630   11.137  1.00 12.46 ? 125 VAL A CG2 1 
ATOM   865  N  N   . GLY A 1 126 ? -5.306  6.442   8.543   1.00 13.53 ? 126 GLY A N   1 
ATOM   866  C  CA  . GLY A 1 126 ? -6.134  6.873   7.485   1.00 14.40 ? 126 GLY A CA  1 
ATOM   867  C  C   . GLY A 1 126 ? -6.617  5.766   6.597   1.00 14.02 ? 126 GLY A C   1 
ATOM   868  O  O   . GLY A 1 126 ? -6.582  4.587   6.927   1.00 13.16 ? 126 GLY A O   1 
ATOM   869  N  N   . HIS A 1 127 ? -7.189  6.189   5.446   1.00 13.79 ? 127 HIS A N   1 
ATOM   870  C  CA  . HIS A 1 127 ? -7.797  5.200   4.558   1.00 13.49 ? 127 HIS A CA  1 
ATOM   871  C  C   . HIS A 1 127 ? -7.598  5.669   3.108   1.00 13.50 ? 127 HIS A C   1 
ATOM   872  O  O   . HIS A 1 127 ? -7.863  6.867   2.830   1.00 15.36 ? 127 HIS A O   1 
ATOM   873  C  CB  . HIS A 1 127 ? -9.228  4.978   4.885   1.00 14.41 ? 127 HIS A CB  1 
ATOM   874  C  CG  . HIS A 1 127 ? -10.027 6.233   5.077   1.00 15.87 ? 127 HIS A CG  1 
ATOM   875  N  ND1 . HIS A 1 127 ? -10.783 6.830   4.074   1.00 19.74 ? 127 HIS A ND1 1 
ATOM   876  C  CD2 . HIS A 1 127 ? -10.157 7.037   6.150   1.00 17.07 ? 127 HIS A CD2 1 
ATOM   877  C  CE1 . HIS A 1 127 ? -11.357 7.930   4.537   1.00 18.62 ? 127 HIS A CE1 1 
ATOM   878  N  NE2 . HIS A 1 127 ? -11.002 8.094   5.793   1.00 20.35 ? 127 HIS A NE2 1 
ATOM   879  N  N   . ASP A 1 128 ? -7.139  4.753   2.257   1.00 13.57 ? 128 ASP A N   1 
ATOM   880  C  CA  . ASP A 1 128 ? -6.851  5.018   0.829   1.00 13.28 ? 128 ASP A CA  1 
ATOM   881  C  C   . ASP A 1 128 ? -7.622  4.052   0.004   1.00 14.26 ? 128 ASP A C   1 
ATOM   882  O  O   . ASP A 1 128 ? -7.664  2.839   0.244   1.00 14.90 ? 128 ASP A O   1 
ATOM   883  C  CB  . ASP A 1 128 ? -5.411  4.922   0.472   1.00 13.60 ? 128 ASP A CB  1 
ATOM   884  C  CG  . ASP A 1 128 ? -4.497  6.070   0.965   1.00 14.66 ? 128 ASP A CG  1 
ATOM   885  O  OD1 . ASP A 1 128 ? -4.993  7.071   1.520   1.00 15.48 ? 128 ASP A OD1 1 
ATOM   886  O  OD2 . ASP A 1 128 ? -3.268  5.777   0.923   1.00 15.37 ? 128 ASP A OD2 1 
ATOM   887  N  N   . THR A 1 129 ? -8.265  4.532   -1.103  1.00 17.09 ? 129 THR A N   1 
ATOM   888  C  CA  . THR A 1 129 ? -8.880  3.638   -2.040  1.00 16.87 ? 129 THR A CA  1 
ATOM   889  C  C   . THR A 1 129 ? -8.143  3.784   -3.378  1.00 14.73 ? 129 THR A C   1 
ATOM   890  O  O   . THR A 1 129 ? -7.906  4.902   -3.822  1.00 17.56 ? 129 THR A O   1 
ATOM   891  C  CB  . THR A 1 129 ? -10.321 4.041   -2.317  1.00 21.16 ? 129 THR A CB  1 
ATOM   892  O  OG1 . THR A 1 129 ? -11.032 3.952   -1.110  1.00 29.14 ? 129 THR A OG1 1 
ATOM   893  C  CG2 . THR A 1 129 ? -10.898 3.007   -3.309  1.00 20.65 ? 129 THR A CG2 1 
ATOM   894  N  N   . PHE A 1 130 ? -7.681  2.650   -3.853  1.00 14.92 ? 130 PHE A N   1 
ATOM   895  C  CA  . PHE A 1 130 ? -6.919  2.563   -5.142  1.00 14.90 ? 130 PHE A CA  1 
ATOM   896  C  C   . PHE A 1 130 ? -7.765  2.026   -6.242  1.00 16.23 ? 130 PHE A C   1 
ATOM   897  O  O   . PHE A 1 130 ? -8.510  1.036   -6.083  1.00 18.00 ? 130 PHE A O   1 
ATOM   898  C  CB  . PHE A 1 130 ? -5.751  1.640   -4.957  1.00 15.95 ? 130 PHE A CB  1 
ATOM   899  C  CG  . PHE A 1 130 ? -4.704  2.119   -3.916  1.00 16.18 ? 130 PHE A CG  1 
ATOM   900  C  CD1 . PHE A 1 130 ? -4.866  1.818   -2.580  1.00 17.03 ? 130 PHE A CD1 1 
ATOM   901  C  CD2 . PHE A 1 130 ? -3.573  2.910   -4.272  1.00 15.57 ? 130 PHE A CD2 1 
ATOM   902  C  CE1 . PHE A 1 130 ? -3.970  2.263   -1.665  1.00 15.57 ? 130 PHE A CE1 1 
ATOM   903  C  CE2 . PHE A 1 130 ? -2.712  3.374   -3.331  1.00 15.00 ? 130 PHE A CE2 1 
ATOM   904  C  CZ  . PHE A 1 130 ? -2.939  3.072   -1.999  1.00 15.38 ? 130 PHE A CZ  1 
ATOM   905  N  N   . THR A 1 131 ? -7.565  2.673   -7.406  1.00 16.20 ? 131 THR A N   1 
ATOM   906  C  CA  . THR A 1 131 ? -8.204  2.250   -8.669  1.00 18.26 ? 131 THR A CA  1 
ATOM   907  C  C   . THR A 1 131 ? -7.163  2.108   -9.703  1.00 20.54 ? 131 THR A C   1 
ATOM   908  O  O   . THR A 1 131 ? -6.106  2.700   -9.625  1.00 19.92 ? 131 THR A O   1 
ATOM   909  C  CB  . THR A 1 131 ? -9.333  3.242   -9.123  1.00 23.28 ? 131 THR A CB  1 
ATOM   910  O  OG1 . THR A 1 131 ? -8.799  4.542   -9.303  1.00 27.75 ? 131 THR A OG1 1 
ATOM   911  C  CG2 . THR A 1 131 ? -10.389 3.287   -8.045  1.00 27.11 ? 131 THR A CG2 1 
ATOM   912  N  N   . LYS A 1 132 ? -7.513  1.363   -10.741 1.00 23.85 ? 132 LYS A N   1 
ATOM   913  C  CA  . LYS A 1 132 ? -6.649  1.247   -11.937 1.00 24.34 ? 132 LYS A CA  1 
ATOM   914  C  C   . LYS A 1 132 ? -6.712  2.446   -12.875 1.00 28.73 ? 132 LYS A C   1 
ATOM   915  O  O   . LYS A 1 132 ? -5.864  2.553   -13.737 1.00 28.61 ? 132 LYS A O   1 
ATOM   916  C  CB  . LYS A 1 132 ? -7.072  0.042   -12.768 1.00 25.79 ? 132 LYS A CB  1 
ATOM   917  C  CG  . LYS A 1 132 ? -6.971  -1.242  -12.101 1.00 28.24 ? 132 LYS A CG  1 
ATOM   918  C  CD  . LYS A 1 132 ? -5.563  -1.662  -11.845 1.00 33.63 ? 132 LYS A CD  1 
ATOM   919  C  CE  . LYS A 1 132 ? -4.842  -2.031  -13.114 1.00 43.33 ? 132 LYS A CE  1 
ATOM   920  N  NZ  . LYS A 1 132 ? -3.407  -2.253  -12.741 1.00 39.78 ? 132 LYS A NZ  1 
ATOM   921  N  N   . VAL A 1 133 ? -7.695  3.340   -12.728 1.00 29.90 ? 133 VAL A N   1 
ATOM   922  C  CA  . VAL A 1 133 ? -7.776  4.604   -13.476 1.00 38.13 ? 133 VAL A CA  1 
ATOM   923  C  C   . VAL A 1 133 ? -7.520  5.774   -12.502 1.00 38.33 ? 133 VAL A C   1 
ATOM   924  O  O   . VAL A 1 133 ? -7.951  5.696   -11.356 1.00 43.72 ? 133 VAL A O   1 
ATOM   925  C  CB  . VAL A 1 133 ? -9.138  4.680   -14.235 1.00 36.71 ? 133 VAL A CB  1 
ATOM   926  C  CG1 . VAL A 1 133 ? -9.800  3.301   -14.410 1.00 40.41 ? 133 VAL A CG1 1 
ATOM   927  C  CG2 . VAL A 1 133 ? -10.115 5.694   -13.652 1.00 45.77 ? 133 VAL A CG2 1 
ATOM   928  N  N   . LYS A 1 134 ? -6.843  6.841   -12.917 1.00 42.03 ? 134 LYS A N   1 
ATOM   929  C  CA  . LYS A 1 134 ? -6.560  8.000   -11.996 1.00 50.67 ? 134 LYS A CA  1 
ATOM   930  C  C   . LYS A 1 134 ? -7.765  8.648   -11.324 1.00 57.45 ? 134 LYS A C   1 
ATOM   931  O  O   . LYS A 1 134 ? -7.666  9.108   -10.180 1.00 57.72 ? 134 LYS A O   1 
ATOM   932  C  CB  . LYS A 1 134 ? -5.836  9.112   -12.709 1.00 56.16 ? 134 LYS A CB  1 
ATOM   933  C  CG  . LYS A 1 134 ? -4.570  8.679   -13.419 1.00 61.37 ? 134 LYS A CG  1 
ATOM   934  C  CD  . LYS A 1 134 ? -3.389  9.579   -13.050 1.00 68.35 ? 134 LYS A CD  1 
ATOM   935  C  CE  . LYS A 1 134 ? -2.235  9.506   -14.043 1.00 66.93 ? 134 LYS A CE  1 
ATOM   936  N  NZ  . LYS A 1 134 ? -2.204  8.247   -14.850 1.00 67.19 ? 134 LYS A NZ  1 
HETATM 937  O  O04 . OL5 B 2 .   ? -0.576  8.012   -0.688  0.80 12.11 ? 201 OL5 A O04 1 
HETATM 938  C  C13 . OL5 B 2 .   ? -0.565  8.346   0.530   0.80 9.84  ? 201 OL5 A C13 1 
HETATM 939  N  N03 . OL5 B 2 .   ? -1.379  7.751   1.419   0.80 10.55 ? 201 OL5 A N03 1 
HETATM 940  C  C11 . OL5 B 2 .   ? -1.196  8.379   2.712   0.80 10.67 ? 201 OL5 A C11 1 
HETATM 941  C  C10 . OL5 B 2 .   ? -0.537  7.415   3.688   0.80 12.95 ? 201 OL5 A C10 1 
HETATM 942  S  S01 . OL5 B 2 .   ? 1.231   7.377   3.408   0.80 11.65 ? 201 OL5 A S01 1 
HETATM 943  N  N02 . OL5 B 2 .   ? 0.190   9.331   1.006   0.80 10.17 ? 201 OL5 A N02 1 
HETATM 944  C  C12 . OL5 B 2 .   ? -0.087  9.496   2.457   0.80 10.07 ? 201 OL5 A C12 1 
HETATM 945  C  C09 . OL5 B 2 .   ? 1.155   9.153   3.307   0.80 10.93 ? 201 OL5 A C09 1 
HETATM 946  C  C08 . OL5 B 2 .   ? 2.473   9.782   2.844   0.80 10.84 ? 201 OL5 A C08 1 
HETATM 947  C  C07 . OL5 B 2 .   ? 3.620   9.753   3.855   0.80 12.35 ? 201 OL5 A C07 1 
HETATM 948  C  C06 . OL5 B 2 .   ? 4.925   10.376  3.292   0.80 13.54 ? 201 OL5 A C06 1 
HETATM 949  C  C05 . OL5 B 2 .   ? 6.060   10.385  4.314   0.80 13.46 ? 201 OL5 A C05 1 
HETATM 950  C  C01 . OL5 B 2 .   ? 5.719   11.316  5.492   0.80 12.31 ? 201 OL5 A C01 1 
HETATM 951  O  O01 . OL5 B 2 .   ? 5.168   12.439  5.296   0.80 14.73 ? 201 OL5 A O01 1 
HETATM 952  N  N01 . OL5 B 2 .   ? 6.002   10.865  6.682   0.80 14.66 ? 201 OL5 A N01 1 
HETATM 953  C  C02 . OL5 B 2 .   ? 5.668   11.666  7.847   0.80 19.78 ? 201 OL5 A C02 1 
HETATM 954  C  C37 . OL5 B 2 .   ? 6.922   12.434  8.148   0.80 25.87 ? 201 OL5 A C37 1 
HETATM 955  C  C04 . OL5 B 2 .   ? 6.632   13.551  9.057   0.80 39.74 ? 201 OL5 A C04 1 
HETATM 956  O  O14 . OL5 B 2 .   ? 7.619   14.405  9.204   0.80 41.84 ? 201 OL5 A O14 1 
HETATM 957  O  O03 . OL5 B 2 .   ? 5.426   13.659  9.602   0.80 39.72 ? 201 OL5 A O03 1 
HETATM 958  CO CO4 . OL5 B 2 .   ? 4.833   15.108  10.827  0.80 43.05 ? 201 OL5 A CO4 1 
HETATM 959  O  O05 . OL5 B 2 .   ? 6.356   14.740  11.761  0.80 41.09 ? 201 OL5 A O05 1 
HETATM 960  O  O07 . OL5 B 2 .   ? 4.416   16.514  12.060  0.80 42.31 ? 201 OL5 A O07 1 
HETATM 961  N  N07 . OL5 B 2 .   ? 4.021   13.556  12.240  0.80 43.44 ? 201 OL5 A N07 1 
HETATM 962  C  C44 . OL5 B 2 .   ? 4.523   12.294  12.207  0.80 44.84 ? 201 OL5 A C44 1 
HETATM 963  C  C43 . OL5 B 2 .   ? 3.949   11.350  13.085  0.80 48.34 ? 201 OL5 A C43 1 
HETATM 964  C  C42 . OL5 B 2 .   ? 2.874   11.751  13.897  0.80 43.28 ? 201 OL5 A C42 1 
HETATM 965  C  C41 . OL5 B 2 .   ? 2.416   12.980  13.813  0.80 50.88 ? 201 OL5 A C41 1 
HETATM 966  C  C40 . OL5 B 2 .   ? 2.938   13.867  12.997  0.80 50.03 ? 201 OL5 A C40 1 
HETATM 967  CO CO1 . OL5 B 2 .   ? 6.218   16.204  12.863  0.80 47.74 ? 201 OL5 A CO1 1 
HETATM 968  O  O12 . OL5 B 2 .   ? 5.395   16.429  9.478   0.80 32.40 ? 201 OL5 A O12 1 
HETATM 969  CO CO3 . OL5 B 2 .   ? 5.213   17.686  10.780  0.80 50.93 ? 201 OL5 A CO3 1 
HETATM 970  N  N06 . OL5 B 2 .   ? 5.938   19.023  9.300   0.80 49.18 ? 201 OL5 A N06 1 
HETATM 971  C  C34 . OL5 B 2 .   ? 6.738   20.083  9.575   0.80 53.35 ? 201 OL5 A C34 1 
HETATM 972  C  C35 . OL5 B 2 .   ? 7.127   20.881  8.603   0.80 50.25 ? 201 OL5 A C35 1 
HETATM 973  C  C30 . OL5 B 2 .   ? 6.731   20.712  7.370   0.80 50.16 ? 201 OL5 A C30 1 
HETATM 974  C  C29 . OL5 B 2 .   ? 5.861   19.655  7.009   0.80 52.75 ? 201 OL5 A C29 1 
HETATM 975  C  C28 . OL5 B 2 .   ? 5.438   18.794  8.040   0.80 50.82 ? 201 OL5 A C28 1 
HETATM 976  O  O11 . OL5 B 2 .   ? 5.248   19.092  12.309  0.80 47.11 ? 201 OL5 A O11 1 
HETATM 977  C  C16 . OL5 B 2 .   ? 5.798   18.965  13.652  0.80 50.75 ? 201 OL5 A C16 1 
HETATM 978  C  C17 . OL5 B 2 .   ? 5.905   20.057  14.725  0.80 48.03 ? 201 OL5 A C17 1 
HETATM 979  O  O10 . OL5 B 2 .   ? 6.259   17.725  14.090  0.80 47.49 ? 201 OL5 A O10 1 
HETATM 980  O  O15 . OL5 B 2 .   ? 3.223   15.447  9.849   0.80 38.36 ? 201 OL5 A O15 1 
HETATM 981  O  O06 . OL5 B 2 .   ? 6.794   17.572  11.575  0.80 40.84 ? 201 OL5 A O06 1 
HETATM 982  CO CO2 . OL5 B 2 .   ? 7.250   15.963  10.400  0.80 43.79 ? 201 OL5 A CO2 1 
HETATM 983  O  O09 . OL5 B 2 .   ? 9.061   15.516  11.242  0.80 43.23 ? 201 OL5 A O09 1 
HETATM 984  O  O08 . OL5 B 2 .   ? 8.071   15.950  13.578  0.80 41.99 ? 201 OL5 A O08 1 
HETATM 985  N  N05 . OL5 B 2 .   ? 8.187   17.048  9.059   0.80 46.06 ? 201 OL5 A N05 1 
HETATM 986  C  C32 . OL5 B 2 .   ? 7.857   16.812  7.751   0.80 44.53 ? 201 OL5 A C32 1 
HETATM 987  C  C33 . OL5 B 2 .   ? 8.497   17.527  6.724   0.80 45.66 ? 201 OL5 A C33 1 
HETATM 988  C  C26 . OL5 B 2 .   ? 9.497   18.441  7.077   0.80 53.21 ? 201 OL5 A C26 1 
HETATM 989  C  C25 . OL5 B 2 .   ? 9.820   18.643  8.435   0.80 52.58 ? 201 OL5 A C25 1 
HETATM 990  C  C24 . OL5 B 2 .   ? 9.160   17.915  9.447   0.80 52.97 ? 201 OL5 A C24 1 
HETATM 991  O  O   . HOH C 3 .   ? -3.624  0.950   -13.997 1.00 28.72 ? 301 HOH A O   1 
HETATM 992  O  O   . HOH C 3 .   ? -4.932  3.815   -15.811 1.00 26.90 ? 302 HOH A O   1 
HETATM 993  O  O   . HOH C 3 .   ? 17.606  15.075  -1.969  1.00 23.48 ? 303 HOH A O   1 
HETATM 994  O  O   . HOH C 3 .   ? -8.803  -11.038 -9.958  1.00 39.34 ? 304 HOH A O   1 
HETATM 995  O  O   . HOH C 3 .   ? -5.022  10.844  9.196   1.00 20.36 ? 305 HOH A O   1 
HETATM 996  O  O   . HOH C 3 .   ? 6.853   10.094  -3.324  1.00 19.11 ? 306 HOH A O   1 
HETATM 997  O  O   . HOH C 3 .   ? -4.099  -4.750  -12.197 1.00 43.31 ? 307 HOH A O   1 
HETATM 998  O  O   . HOH C 3 .   ? 13.704  13.974  8.007   1.00 34.87 ? 308 HOH A O   1 
HETATM 999  O  O   . HOH C 3 .   ? -10.199 0.435   -11.274 1.00 23.27 ? 309 HOH A O   1 
HETATM 1000 O  O   . HOH C 3 .   ? 10.906  10.567  2.327   1.00 17.24 ? 310 HOH A O   1 
HETATM 1001 O  O   . HOH C 3 .   ? 10.679  1.298   1.723   1.00 17.06 ? 311 HOH A O   1 
HETATM 1002 O  O   . HOH C 3 .   ? -11.342 -11.697 -4.344  1.00 30.58 ? 312 HOH A O   1 
HETATM 1003 O  O   . HOH C 3 .   ? 10.991  -2.355  -5.551  1.00 28.95 ? 313 HOH A O   1 
HETATM 1004 O  O   . HOH C 3 .   ? 6.202   -9.869  -6.118  1.00 27.95 ? 314 HOH A O   1 
HETATM 1005 O  O   . HOH C 3 .   ? 7.298   12.514  -6.475  1.00 39.83 ? 315 HOH A O   1 
HETATM 1006 O  O   . HOH C 3 .   ? 5.021   -5.410  4.297   0.50 24.28 ? 316 HOH A O   1 
HETATM 1007 O  O   . HOH C 3 .   ? 2.327   2.475   15.785  1.00 17.55 ? 317 HOH A O   1 
HETATM 1008 O  O   . HOH C 3 .   ? 5.042   14.259  -2.792  1.00 34.35 ? 318 HOH A O   1 
HETATM 1009 O  O   . HOH C 3 .   ? -0.633  -16.056 0.313   1.00 19.01 ? 319 HOH A O   1 
HETATM 1010 O  O   . HOH C 3 .   ? 8.421   1.193   -10.380 1.00 32.49 ? 320 HOH A O   1 
HETATM 1011 O  O   . HOH C 3 .   ? 7.196   -12.247 0.391   1.00 26.14 ? 321 HOH A O   1 
HETATM 1012 O  O   . HOH C 3 .   ? -8.528  -13.011 1.276   1.00 18.35 ? 322 HOH A O   1 
HETATM 1013 O  O   . HOH C 3 .   ? 1.474   5.521   20.260  1.00 25.77 ? 323 HOH A O   1 
HETATM 1014 O  O   . HOH C 3 .   ? 7.807   16.049  -3.411  1.00 37.16 ? 324 HOH A O   1 
HETATM 1015 O  O   . HOH C 3 .   ? 9.767   6.012   20.809  1.00 36.55 ? 325 HOH A O   1 
HETATM 1016 O  O   . HOH C 3 .   ? -10.890 5.543   1.600   1.00 27.26 ? 326 HOH A O   1 
HETATM 1017 O  O   . HOH C 3 .   ? 16.988  13.480  9.327   1.00 41.28 ? 327 HOH A O   1 
HETATM 1018 O  O   . HOH C 3 .   ? -14.465 -14.228 -3.883  1.00 35.42 ? 328 HOH A O   1 
HETATM 1019 O  O   . HOH C 3 .   ? -5.379  -14.003 -4.936  1.00 25.19 ? 329 HOH A O   1 
HETATM 1020 O  O   . HOH C 3 .   ? 13.472  6.925   -5.994  1.00 27.60 ? 330 HOH A O   1 
HETATM 1021 O  O   . HOH C 3 .   ? 12.147  6.332   6.918   1.00 17.53 ? 331 HOH A O   1 
HETATM 1022 O  O   . HOH C 3 .   ? -5.296  9.357   3.125   1.00 17.21 ? 332 HOH A O   1 
HETATM 1023 O  O   . HOH C 3 .   ? 4.669   14.664  24.478  1.00 36.66 ? 333 HOH A O   1 
HETATM 1024 O  O   . HOH C 3 .   ? 5.597   6.017   -9.620  1.00 25.93 ? 334 HOH A O   1 
HETATM 1025 O  O   . HOH C 3 .   ? 1.713   17.313  1.230   1.00 31.78 ? 335 HOH A O   1 
HETATM 1026 O  O   . HOH C 3 .   ? 13.107  3.207   -1.047  1.00 18.28 ? 336 HOH A O   1 
HETATM 1027 O  O   . HOH C 3 .   ? 3.895   -3.684  -11.660 1.00 32.09 ? 337 HOH A O   1 
HETATM 1028 O  O   . HOH C 3 .   ? -10.459 2.642   1.978   1.00 25.32 ? 338 HOH A O   1 
HETATM 1029 O  O   . HOH C 3 .   ? 13.505  8.180   24.233  1.00 41.25 ? 339 HOH A O   1 
HETATM 1030 O  O   . HOH C 3 .   ? -10.167 -1.723  3.823   1.00 22.21 ? 340 HOH A O   1 
HETATM 1031 O  O   . HOH C 3 .   ? 13.513  2.383   2.392   1.00 23.50 ? 341 HOH A O   1 
HETATM 1032 O  O   . HOH C 3 .   ? 5.456   4.025   -7.685  1.00 21.52 ? 342 HOH A O   1 
HETATM 1033 O  O   . HOH C 3 .   ? 4.875   10.787  27.512  1.00 36.46 ? 343 HOH A O   1 
HETATM 1034 O  O   . HOH C 3 .   ? 5.457   -15.507 -9.308  1.00 33.29 ? 344 HOH A O   1 
HETATM 1035 O  O   . HOH C 3 .   ? -10.690 -1.799  -13.293 1.00 32.08 ? 345 HOH A O   1 
HETATM 1036 O  O   . HOH C 3 .   ? 13.692  12.777  13.483  1.00 41.36 ? 346 HOH A O   1 
HETATM 1037 O  O   . HOH C 3 .   ? -10.998 -14.284 0.522   1.00 23.11 ? 347 HOH A O   1 
HETATM 1038 O  O   . HOH C 3 .   ? 15.926  15.996  -3.995  1.00 32.35 ? 348 HOH A O   1 
HETATM 1039 O  O   . HOH C 3 .   ? -10.470 10.363  7.621   1.00 25.38 ? 349 HOH A O   1 
HETATM 1040 O  O   . HOH C 3 .   ? 5.253   6.013   -12.238 1.00 39.48 ? 350 HOH A O   1 
HETATM 1041 O  O   . HOH C 3 .   ? 15.779  6.514   -4.653  1.00 33.94 ? 351 HOH A O   1 
HETATM 1042 O  O   . HOH C 3 .   ? -7.131  11.095  1.935   1.00 21.53 ? 352 HOH A O   1 
HETATM 1043 O  O   . HOH C 3 .   ? 10.026  12.882  19.100  1.00 27.62 ? 353 HOH A O   1 
HETATM 1044 O  O   . HOH C 3 .   ? 4.553   9.083   25.062  1.00 26.88 ? 354 HOH A O   1 
HETATM 1045 O  O   . HOH C 3 .   ? -11.081 -13.649 -6.181  1.00 35.48 ? 355 HOH A O   1 
HETATM 1046 O  O   . HOH C 3 .   ? 19.740  13.386  -2.949  1.00 33.82 ? 356 HOH A O   1 
HETATM 1047 O  O   . HOH C 3 .   ? 12.981  10.240  13.751  1.00 26.14 ? 357 HOH A O   1 
HETATM 1048 O  O   . HOH C 3 .   ? -12.305 11.010  4.929   1.00 36.40 ? 358 HOH A O   1 
HETATM 1049 O  O   . HOH C 3 .   ? -9.155  10.101  3.644   1.00 31.87 ? 359 HOH A O   1 
HETATM 1050 O  O   . HOH C 3 .   ? 17.060  7.275   -7.089  1.00 46.50 ? 360 HOH A O   1 
HETATM 1051 O  O   . HOH C 3 .   ? 3.834   6.610   25.667  1.00 36.91 ? 361 HOH A O   1 
HETATM 1052 O  O   . HOH C 3 .   ? 12.554  -0.241  -6.438  1.00 34.28 ? 362 HOH A O   1 
# 
loop_
_pdbx_poly_seq_scheme.asym_id 
_pdbx_poly_seq_scheme.entity_id 
_pdbx_poly_seq_scheme.seq_id 
_pdbx_poly_seq_scheme.mon_id 
_pdbx_poly_seq_scheme.ndb_seq_num 
_pdbx_poly_seq_scheme.pdb_seq_num 
_pdbx_poly_seq_scheme.auth_seq_num 
_pdbx_poly_seq_scheme.pdb_mon_id 
_pdbx_poly_seq_scheme.auth_mon_id 
_pdbx_poly_seq_scheme.pdb_strand_id 
_pdbx_poly_seq_scheme.pdb_ins_code 
_pdbx_poly_seq_scheme.hetero 
A 1 1   MET 1   1   ?   ?   ?   A . n 
A 1 2   ALA 2   2   ?   ?   ?   A . n 
A 1 3   SER 3   3   ?   ?   ?   A . n 
A 1 4   MET 4   4   ?   ?   ?   A . n 
A 1 5   THR 5   5   ?   ?   ?   A . n 
A 1 6   GLY 6   6   ?   ?   ?   A . n 
A 1 7   GLY 7   7   ?   ?   ?   A . n 
A 1 8   GLN 8   8   ?   ?   ?   A . n 
A 1 9   GLN 9   9   ?   ?   ?   A . n 
A 1 10  MET 10  10  ?   ?   ?   A . n 
A 1 11  GLY 11  11  ?   ?   ?   A . n 
A 1 12  ARG 12  12  12  ARG ARG A . n 
A 1 13  ASP 13  13  13  ASP ASP A . n 
A 1 14  GLU 14  14  14  GLU GLU A . n 
A 1 15  ALA 15  15  15  ALA ALA A . n 
A 1 16  GLY 16  16  16  GLY GLY A . n 
A 1 17  ILE 17  17  17  ILE ILE A . n 
A 1 18  THR 18  18  18  THR THR A . n 
A 1 19  GLY 19  19  19  GLY GLY A . n 
A 1 20  THR 20  20  20  THR THR A . n 
A 1 21  TRP 21  21  21  TRP TRP A . n 
A 1 22  TYR 22  22  22  TYR TYR A . n 
A 1 23  ASN 23  23  23  ASN ASN A . n 
A 1 24  GLN 24  24  24  GLN GLN A . n 
A 1 25  LEU 25  25  25  LEU LEU A . n 
A 1 26  GLY 26  26  26  GLY GLY A . n 
A 1 27  SER 27  27  27  SER SER A . n 
A 1 28  THR 28  28  28  THR THR A . n 
A 1 29  PHE 29  29  29  PHE PHE A . n 
A 1 30  ILE 30  30  30  ILE ILE A . n 
A 1 31  VAL 31  31  31  VAL VAL A . n 
A 1 32  THR 32  32  32  THR THR A . n 
A 1 33  ALA 33  33  33  ALA ALA A . n 
A 1 34  GLY 34  34  34  GLY GLY A . n 
A 1 35  ALA 35  35  35  ALA ALA A . n 
A 1 36  ASP 36  36  36  ASP ASP A . n 
A 1 37  GLY 37  37  37  GLY GLY A . n 
A 1 38  ALA 38  38  38  ALA ALA A . n 
A 1 39  LEU 39  39  39  LEU LEU A . n 
A 1 40  THR 40  40  40  THR THR A . n 
A 1 41  GLY 41  41  41  GLY GLY A . n 
A 1 42  THR 42  42  42  THR THR A . n 
A 1 43  TYR 43  43  43  TYR TYR A . n 
A 1 44  GLU 44  44  44  GLU GLU A . n 
A 1 45  SER 45  45  45  SER SER A . n 
A 1 46  ALA 46  46  46  ALA ALA A . n 
A 1 47  VAL 47  47  47  VAL VAL A . n 
A 1 48  GLY 48  48  48  GLY GLY A . n 
A 1 49  ASN 49  49  49  ASN ASN A . n 
A 1 50  ALA 50  50  50  ALA ALA A . n 
A 1 51  GLU 51  51  51  GLU GLU A . n 
A 1 52  SER 52  52  52  SER SER A . n 
A 1 53  ARG 53  53  53  ARG ARG A . n 
A 1 54  TYR 54  54  54  TYR TYR A . n 
A 1 55  VAL 55  55  55  VAL VAL A . n 
A 1 56  LEU 56  56  56  LEU LEU A . n 
A 1 57  THR 57  57  57  THR THR A . n 
A 1 58  GLY 58  58  58  GLY GLY A . n 
A 1 59  ARG 59  59  59  ARG ARG A . n 
A 1 60  TYR 60  60  60  TYR TYR A . n 
A 1 61  ASP 61  61  61  ASP ASP A . n 
A 1 62  SER 62  62  62  SER SER A . n 
A 1 63  ALA 63  63  63  ALA ALA A . n 
A 1 64  PRO 64  64  64  PRO PRO A . n 
A 1 65  ALA 65  65  65  ALA ALA A . n 
A 1 66  THR 66  66  66  THR THR A . n 
A 1 67  ASP 67  67  67  ASP ASP A . n 
A 1 68  GLY 68  68  68  GLY GLY A . n 
A 1 69  SER 69  69  69  SER SER A . n 
A 1 70  GLY 70  70  70  GLY GLY A . n 
A 1 71  THR 71  71  71  THR THR A . n 
A 1 72  ALA 72  72  72  ALA ALA A . n 
A 1 73  LEU 73  73  73  LEU LEU A . n 
A 1 74  GLY 74  74  74  GLY GLY A . n 
A 1 75  TRP 75  75  75  TRP TRP A . n 
A 1 76  THR 76  76  76  THR THR A . n 
A 1 77  VAL 77  77  77  VAL VAL A . n 
A 1 78  ALA 78  78  78  ALA ALA A . n 
A 1 79  TRP 79  79  79  TRP TRP A . n 
A 1 80  LYS 80  80  80  LYS LYS A . n 
A 1 81  ASN 81  81  81  ASN ASN A . n 
A 1 82  ASN 82  82  82  ASN ASN A . n 
A 1 83  TYR 83  83  83  TYR TYR A . n 
A 1 84  ARG 84  84  84  ARG ARG A . n 
A 1 85  ASN 85  85  85  ASN ASN A . n 
A 1 86  ALA 86  86  86  ALA ALA A . n 
A 1 87  HIS 87  87  87  HIS HIS A . n 
A 1 88  SER 88  88  88  SER SER A . n 
A 1 89  ALA 89  89  89  ALA ALA A . n 
A 1 90  THR 90  90  90  THR THR A . n 
A 1 91  THR 91  91  91  THR THR A . n 
A 1 92  TRP 92  92  92  TRP TRP A . n 
A 1 93  SER 93  93  93  SER SER A . n 
A 1 94  GLY 94  94  94  GLY GLY A . n 
A 1 95  GLN 95  95  95  GLN GLN A . n 
A 1 96  TYR 96  96  96  TYR TYR A . n 
A 1 97  VAL 97  97  97  VAL VAL A . n 
A 1 98  GLY 98  98  98  GLY GLY A . n 
A 1 99  GLY 99  99  99  GLY GLY A . n 
A 1 100 ALA 100 100 100 ALA ALA A . n 
A 1 101 GLN 101 101 101 GLN GLN A . n 
A 1 102 ALA 102 102 102 ALA ALA A . n 
A 1 103 ARG 103 103 103 ARG ARG A . n 
A 1 104 ILE 104 104 104 ILE ILE A . n 
A 1 105 ASN 105 105 105 ASN ASN A . n 
A 1 106 THR 106 106 106 THR THR A . n 
A 1 107 GLN 107 107 107 GLN GLN A . n 
A 1 108 TRP 108 108 108 TRP TRP A . n 
A 1 109 LEU 109 109 109 LEU LEU A . n 
A 1 110 LEU 110 110 110 LEU LEU A . n 
A 1 111 THR 111 111 111 THR THR A . n 
A 1 112 TYR 112 112 112 TYR TYR A . n 
A 1 113 GLY 113 113 113 GLY GLY A . n 
A 1 114 THR 114 114 114 THR THR A . n 
A 1 115 THR 115 115 115 THR THR A . n 
A 1 116 GLU 116 116 116 GLU GLU A . n 
A 1 117 ALA 117 117 117 ALA ALA A . n 
A 1 118 ASN 118 118 118 ASN ASN A . n 
A 1 119 ALA 119 119 119 ALA ALA A . n 
A 1 120 TRP 120 120 120 TRP TRP A . n 
A 1 121 ALA 121 121 121 ALA ALA A . n 
A 1 122 SER 122 122 122 SER SER A . n 
A 1 123 THR 123 123 123 THR THR A . n 
A 1 124 LEU 124 124 124 LEU LEU A . n 
A 1 125 VAL 125 125 125 VAL VAL A . n 
A 1 126 GLY 126 126 126 GLY GLY A . n 
A 1 127 HIS 127 127 127 HIS HIS A . n 
A 1 128 ASP 128 128 128 ASP ASP A . n 
A 1 129 THR 129 129 129 THR THR A . n 
A 1 130 PHE 130 130 130 PHE PHE A . n 
A 1 131 THR 131 131 131 THR THR A . n 
A 1 132 LYS 132 132 132 LYS LYS A . n 
A 1 133 VAL 133 133 133 VAL VAL A . n 
A 1 134 LYS 134 134 134 LYS LYS A . n 
A 1 135 PRO 135 135 ?   ?   ?   A . n 
A 1 136 SER 136 136 ?   ?   ?   A . n 
A 1 137 ALA 137 137 ?   ?   ?   A . n 
A 1 138 ALA 138 138 ?   ?   ?   A . n 
A 1 139 SER 139 139 ?   ?   ?   A . n 
A 1 140 ILE 140 140 ?   ?   ?   A . n 
A 1 141 ASP 141 141 ?   ?   ?   A . n 
A 1 142 ALA 142 142 ?   ?   ?   A . n 
A 1 143 ALA 143 143 ?   ?   ?   A . n 
A 1 144 LYS 144 144 ?   ?   ?   A . n 
A 1 145 LYS 145 145 ?   ?   ?   A . n 
A 1 146 ALA 146 146 ?   ?   ?   A . n 
A 1 147 GLY 147 147 ?   ?   ?   A . n 
A 1 148 VAL 148 148 ?   ?   ?   A . n 
A 1 149 ASN 149 149 ?   ?   ?   A . n 
A 1 150 ASN 150 150 ?   ?   ?   A . n 
A 1 151 GLY 151 151 ?   ?   ?   A . n 
A 1 152 ASN 152 152 ?   ?   ?   A . n 
A 1 153 PRO 153 153 ?   ?   ?   A . n 
A 1 154 LEU 154 154 ?   ?   ?   A . n 
A 1 155 ASP 155 155 ?   ?   ?   A . n 
A 1 156 ALA 156 156 ?   ?   ?   A . n 
A 1 157 VAL 157 157 ?   ?   ?   A . n 
A 1 158 GLN 158 158 ?   ?   ?   A . n 
A 1 159 GLN 159 159 ?   ?   ?   A . n 
# 
loop_
_pdbx_nonpoly_scheme.asym_id 
_pdbx_nonpoly_scheme.entity_id 
_pdbx_nonpoly_scheme.mon_id 
_pdbx_nonpoly_scheme.ndb_seq_num 
_pdbx_nonpoly_scheme.pdb_seq_num 
_pdbx_nonpoly_scheme.auth_seq_num 
_pdbx_nonpoly_scheme.pdb_mon_id 
_pdbx_nonpoly_scheme.auth_mon_id 
_pdbx_nonpoly_scheme.pdb_strand_id 
_pdbx_nonpoly_scheme.pdb_ins_code 
B 2 OL5 1  201 1  OL5 OL5 A . 
C 3 HOH 1  301 3  HOH HOH A . 
C 3 HOH 2  302 48 HOH HOH A . 
C 3 HOH 3  303 12 HOH HOH A . 
C 3 HOH 4  304 49 HOH HOH A . 
C 3 HOH 5  305 8  HOH HOH A . 
C 3 HOH 6  306 6  HOH HOH A . 
C 3 HOH 7  307 35 HOH HOH A . 
C 3 HOH 8  308 19 HOH HOH A . 
C 3 HOH 9  309 31 HOH HOH A . 
C 3 HOH 10 310 2  HOH HOH A . 
C 3 HOH 11 311 5  HOH HOH A . 
C 3 HOH 12 312 51 HOH HOH A . 
C 3 HOH 13 313 29 HOH HOH A . 
C 3 HOH 14 314 20 HOH HOH A . 
C 3 HOH 15 315 47 HOH HOH A . 
C 3 HOH 16 316 9  HOH HOH A . 
C 3 HOH 17 317 11 HOH HOH A . 
C 3 HOH 18 318 61 HOH HOH A . 
C 3 HOH 19 319 18 HOH HOH A . 
C 3 HOH 20 320 46 HOH HOH A . 
C 3 HOH 21 321 15 HOH HOH A . 
C 3 HOH 22 322 4  HOH HOH A . 
C 3 HOH 23 323 26 HOH HOH A . 
C 3 HOH 24 324 37 HOH HOH A . 
C 3 HOH 25 325 42 HOH HOH A . 
C 3 HOH 26 326 14 HOH HOH A . 
C 3 HOH 27 327 41 HOH HOH A . 
C 3 HOH 28 328 25 HOH HOH A . 
C 3 HOH 29 329 13 HOH HOH A . 
C 3 HOH 30 330 16 HOH HOH A . 
C 3 HOH 31 331 1  HOH HOH A . 
C 3 HOH 32 332 67 HOH HOH A . 
C 3 HOH 33 333 63 HOH HOH A . 
C 3 HOH 34 334 33 HOH HOH A . 
C 3 HOH 35 335 65 HOH HOH A . 
C 3 HOH 36 336 10 HOH HOH A . 
C 3 HOH 37 337 38 HOH HOH A . 
C 3 HOH 38 338 30 HOH HOH A . 
C 3 HOH 39 339 54 HOH HOH A . 
C 3 HOH 40 340 24 HOH HOH A . 
C 3 HOH 41 341 17 HOH HOH A . 
C 3 HOH 42 342 21 HOH HOH A . 
C 3 HOH 43 343 58 HOH HOH A . 
C 3 HOH 44 344 27 HOH HOH A . 
C 3 HOH 45 345 43 HOH HOH A . 
C 3 HOH 46 346 59 HOH HOH A . 
C 3 HOH 47 347 22 HOH HOH A . 
C 3 HOH 48 348 50 HOH HOH A . 
C 3 HOH 49 349 57 HOH HOH A . 
C 3 HOH 50 350 56 HOH HOH A . 
C 3 HOH 51 351 28 HOH HOH A . 
C 3 HOH 52 352 64 HOH HOH A . 
C 3 HOH 53 353 36 HOH HOH A . 
C 3 HOH 54 354 7  HOH HOH A . 
C 3 HOH 55 355 45 HOH HOH A . 
C 3 HOH 56 356 55 HOH HOH A . 
C 3 HOH 57 357 23 HOH HOH A . 
C 3 HOH 58 358 52 HOH HOH A . 
C 3 HOH 59 359 66 HOH HOH A . 
C 3 HOH 60 360 44 HOH HOH A . 
C 3 HOH 61 361 60 HOH HOH A . 
C 3 HOH 62 362 39 HOH HOH A . 
# 
_pdbx_struct_assembly.id                   1 
_pdbx_struct_assembly.details              author_and_software_defined_assembly 
_pdbx_struct_assembly.method_details       PISA 
_pdbx_struct_assembly.oligomeric_details   tetrameric 
_pdbx_struct_assembly.oligomeric_count     4 
# 
_pdbx_struct_assembly_gen.assembly_id       1 
_pdbx_struct_assembly_gen.oper_expression   1,2,3,4 
_pdbx_struct_assembly_gen.asym_id_list      A,B,C 
# 
loop_
_pdbx_struct_assembly_prop.biol_id 
_pdbx_struct_assembly_prop.type 
_pdbx_struct_assembly_prop.value 
_pdbx_struct_assembly_prop.details 
1 'ABSA (A^2)' 9520  ? 
1 MORE         -58   ? 
1 'SSA (A^2)'  19220 ? 
# 
loop_
_pdbx_struct_oper_list.id 
_pdbx_struct_oper_list.type 
_pdbx_struct_oper_list.name 
_pdbx_struct_oper_list.symmetry_operation 
_pdbx_struct_oper_list.matrix[1][1] 
_pdbx_struct_oper_list.matrix[1][2] 
_pdbx_struct_oper_list.matrix[1][3] 
_pdbx_struct_oper_list.vector[1] 
_pdbx_struct_oper_list.matrix[2][1] 
_pdbx_struct_oper_list.matrix[2][2] 
_pdbx_struct_oper_list.matrix[2][3] 
_pdbx_struct_oper_list.vector[2] 
_pdbx_struct_oper_list.matrix[3][1] 
_pdbx_struct_oper_list.matrix[3][2] 
_pdbx_struct_oper_list.matrix[3][3] 
_pdbx_struct_oper_list.vector[3] 
1 'identity operation'         1_555  x,y,z    1.0000000000  0.0000000000  0.0000000000  0.0000000000   0.0000000000  1.0000000000  0.0000000000  0.0000000000  0.0000000000  0.0000000000  1.0000000000  0.0000000000  
2 'crystal symmetry operation' 8_555  -y,-x,-z -0.5565152524 -0.2733156631 0.7845950052  -20.7895730713 -0.2733156631 -0.8315580138 -0.4835388484 9.7056920528  0.7845950052  -0.4835388484 0.3880732662  15.1321078366 
3 'crystal symmetry operation' 10_555 -x,-y,z  -0.3928682074 0.9193088182  -0.0229318188 -11.6897643254 0.9193088182  0.3920020556  -0.0347229770 8.4080323933  -0.0229318188 -0.0347229770 -0.9991338482 27.5752550679 
4 'crystal symmetry operation' 15_555 y,x,-z   -0.0506165402 -0.6459931551 -0.7616631863 5.0533195158   -0.6459931551 -0.5604440417 0.5182618254  -7.4247860554 -0.7616631863 0.5182618254  -0.3889394180 12.5959861355 
# 
_pdbx_struct_special_symmetry.id              1 
_pdbx_struct_special_symmetry.PDB_model_num   1 
_pdbx_struct_special_symmetry.auth_asym_id    A 
_pdbx_struct_special_symmetry.auth_comp_id    HOH 
_pdbx_struct_special_symmetry.auth_seq_id     316 
_pdbx_struct_special_symmetry.PDB_ins_code    ? 
_pdbx_struct_special_symmetry.label_asym_id   C 
_pdbx_struct_special_symmetry.label_comp_id   HOH 
_pdbx_struct_special_symmetry.label_seq_id    . 
# 
loop_
_pdbx_audit_revision_history.ordinal 
_pdbx_audit_revision_history.data_content_type 
_pdbx_audit_revision_history.major_revision 
_pdbx_audit_revision_history.minor_revision 
_pdbx_audit_revision_history.revision_date 
1 'Structure model' 1 0 2018-02-28 
2 'Structure model' 1 1 2018-03-14 
3 'Structure model' 1 2 2019-04-17 
4 'Structure model' 1 3 2020-01-01 
5 'Structure model' 1 4 2023-10-04 
# 
_pdbx_audit_revision_details.ordinal             1 
_pdbx_audit_revision_details.revision_ordinal    1 
_pdbx_audit_revision_details.data_content_type   'Structure model' 
_pdbx_audit_revision_details.provider            repository 
_pdbx_audit_revision_details.type                'Initial release' 
_pdbx_audit_revision_details.description         ? 
_pdbx_audit_revision_details.details             ? 
# 
loop_
_pdbx_audit_revision_group.ordinal 
_pdbx_audit_revision_group.revision_ordinal 
_pdbx_audit_revision_group.data_content_type 
_pdbx_audit_revision_group.group 
1 2 'Structure model' 'Database references'        
2 3 'Structure model' 'Author supporting evidence' 
3 3 'Structure model' 'Data collection'            
4 4 'Structure model' 'Author supporting evidence' 
5 5 'Structure model' 'Data collection'            
6 5 'Structure model' 'Database references'        
7 5 'Structure model' 'Refinement description'     
# 
loop_
_pdbx_audit_revision_category.ordinal 
_pdbx_audit_revision_category.revision_ordinal 
_pdbx_audit_revision_category.data_content_type 
_pdbx_audit_revision_category.category 
1 2 'Structure model' citation                      
2 3 'Structure model' pdbx_audit_support            
3 4 'Structure model' pdbx_audit_support            
4 5 'Structure model' chem_comp_atom                
5 5 'Structure model' chem_comp_bond                
6 5 'Structure model' database_2                    
7 5 'Structure model' pdbx_initial_refinement_model 
8 5 'Structure model' refine_hist                   
# 
loop_
_pdbx_audit_revision_item.ordinal 
_pdbx_audit_revision_item.revision_ordinal 
_pdbx_audit_revision_item.data_content_type 
_pdbx_audit_revision_item.item 
1 2 'Structure model' '_citation.journal_volume'                 
2 2 'Structure model' '_citation.page_first'                     
3 2 'Structure model' '_citation.page_last'                      
4 3 'Structure model' '_pdbx_audit_support.funding_organization' 
5 3 'Structure model' '_pdbx_audit_support.grant_number'         
6 4 'Structure model' '_pdbx_audit_support.funding_organization' 
7 5 'Structure model' '_database_2.pdbx_DOI'                     
8 5 'Structure model' '_database_2.pdbx_database_accession'      
9 5 'Structure model' '_refine_hist.d_res_low'                   
# 
loop_
_software.citation_id 
_software.classification 
_software.compiler_name 
_software.compiler_version 
_software.contact_author 
_software.contact_author_email 
_software.date 
_software.description 
_software.dependencies 
_software.hardware 
_software.language 
_software.location 
_software.mods 
_software.name 
_software.os 
_software.os_version 
_software.type 
_software.version 
_software.pdbx_ordinal 
? refinement       ? ? ? ? ? ? ? ? ? ? ? REFMAC  ? ? ? 5.8.0155 1 
? 'data reduction' ? ? ? ? ? ? ? ? ? ? ? XDS     ? ? ? .        2 
? 'data scaling'   ? ? ? ? ? ? ? ? ? ? ? Aimless ? ? ? .        3 
? phasing          ? ? ? ? ? ? ? ? ? ? ? PHASER  ? ? ? .        4 
# 
loop_
_pdbx_validate_rmsd_angle.id 
_pdbx_validate_rmsd_angle.PDB_model_num 
_pdbx_validate_rmsd_angle.auth_atom_id_1 
_pdbx_validate_rmsd_angle.auth_asym_id_1 
_pdbx_validate_rmsd_angle.auth_comp_id_1 
_pdbx_validate_rmsd_angle.auth_seq_id_1 
_pdbx_validate_rmsd_angle.PDB_ins_code_1 
_pdbx_validate_rmsd_angle.label_alt_id_1 
_pdbx_validate_rmsd_angle.auth_atom_id_2 
_pdbx_validate_rmsd_angle.auth_asym_id_2 
_pdbx_validate_rmsd_angle.auth_comp_id_2 
_pdbx_validate_rmsd_angle.auth_seq_id_2 
_pdbx_validate_rmsd_angle.PDB_ins_code_2 
_pdbx_validate_rmsd_angle.label_alt_id_2 
_pdbx_validate_rmsd_angle.auth_atom_id_3 
_pdbx_validate_rmsd_angle.auth_asym_id_3 
_pdbx_validate_rmsd_angle.auth_comp_id_3 
_pdbx_validate_rmsd_angle.auth_seq_id_3 
_pdbx_validate_rmsd_angle.PDB_ins_code_3 
_pdbx_validate_rmsd_angle.label_alt_id_3 
_pdbx_validate_rmsd_angle.angle_value 
_pdbx_validate_rmsd_angle.angle_target_value 
_pdbx_validate_rmsd_angle.angle_deviation 
_pdbx_validate_rmsd_angle.angle_standard_deviation 
_pdbx_validate_rmsd_angle.linker_flag 
1 1 NE A ARG 53 ? B CZ A ARG 53 ? B NH2 A ARG 53 ? B 123.34 120.30 3.04  0.50 N 
2 1 NE A ARG 59 ? ? CZ A ARG 59 ? ? NH2 A ARG 59 ? ? 116.66 120.30 -3.64 0.50 N 
# 
loop_
_pdbx_validate_torsion.id 
_pdbx_validate_torsion.PDB_model_num 
_pdbx_validate_torsion.auth_comp_id 
_pdbx_validate_torsion.auth_asym_id 
_pdbx_validate_torsion.auth_seq_id 
_pdbx_validate_torsion.PDB_ins_code 
_pdbx_validate_torsion.label_alt_id 
_pdbx_validate_torsion.phi 
_pdbx_validate_torsion.psi 
1 1 SER A 52  ? ? 68.56   -152.43 
2 1 TRP A 79  ? ? -89.15  48.85   
3 1 GLN A 101 ? ? -111.07 73.93   
# 
loop_
_pdbx_unobs_or_zero_occ_residues.id 
_pdbx_unobs_or_zero_occ_residues.PDB_model_num 
_pdbx_unobs_or_zero_occ_residues.polymer_flag 
_pdbx_unobs_or_zero_occ_residues.occupancy_flag 
_pdbx_unobs_or_zero_occ_residues.auth_asym_id 
_pdbx_unobs_or_zero_occ_residues.auth_comp_id 
_pdbx_unobs_or_zero_occ_residues.auth_seq_id 
_pdbx_unobs_or_zero_occ_residues.PDB_ins_code 
_pdbx_unobs_or_zero_occ_residues.label_asym_id 
_pdbx_unobs_or_zero_occ_residues.label_comp_id 
_pdbx_unobs_or_zero_occ_residues.label_seq_id 
1  1 Y 1 A MET 1   ? A MET 1   
2  1 Y 1 A ALA 2   ? A ALA 2   
3  1 Y 1 A SER 3   ? A SER 3   
4  1 Y 1 A MET 4   ? A MET 4   
5  1 Y 1 A THR 5   ? A THR 5   
6  1 Y 1 A GLY 6   ? A GLY 6   
7  1 Y 1 A GLY 7   ? A GLY 7   
8  1 Y 1 A GLN 8   ? A GLN 8   
9  1 Y 1 A GLN 9   ? A GLN 9   
10 1 Y 1 A MET 10  ? A MET 10  
11 1 Y 1 A GLY 11  ? A GLY 11  
12 1 Y 1 A PRO 135 ? A PRO 135 
13 1 Y 1 A SER 136 ? A SER 136 
14 1 Y 1 A ALA 137 ? A ALA 137 
15 1 Y 1 A ALA 138 ? A ALA 138 
16 1 Y 1 A SER 139 ? A SER 139 
17 1 Y 1 A ILE 140 ? A ILE 140 
18 1 Y 1 A ASP 141 ? A ASP 141 
19 1 Y 1 A ALA 142 ? A ALA 142 
20 1 Y 1 A ALA 143 ? A ALA 143 
21 1 Y 1 A LYS 144 ? A LYS 144 
22 1 Y 1 A LYS 145 ? A LYS 145 
23 1 Y 1 A ALA 146 ? A ALA 146 
24 1 Y 1 A GLY 147 ? A GLY 147 
25 1 Y 1 A VAL 148 ? A VAL 148 
26 1 Y 1 A ASN 149 ? A ASN 149 
27 1 Y 1 A ASN 150 ? A ASN 150 
28 1 Y 1 A GLY 151 ? A GLY 151 
29 1 Y 1 A ASN 152 ? A ASN 152 
30 1 Y 1 A PRO 153 ? A PRO 153 
31 1 Y 1 A LEU 154 ? A LEU 154 
32 1 Y 1 A ASP 155 ? A ASP 155 
33 1 Y 1 A ALA 156 ? A ALA 156 
34 1 Y 1 A VAL 157 ? A VAL 157 
35 1 Y 1 A GLN 158 ? A GLN 158 
36 1 Y 1 A GLN 159 ? A GLN 159 
# 
loop_
_chem_comp_atom.comp_id 
_chem_comp_atom.atom_id 
_chem_comp_atom.type_symbol 
_chem_comp_atom.pdbx_aromatic_flag 
_chem_comp_atom.pdbx_stereo_config 
_chem_comp_atom.pdbx_ordinal 
ALA N    N  N N 1   
ALA CA   C  N S 2   
ALA C    C  N N 3   
ALA O    O  N N 4   
ALA CB   C  N N 5   
ALA OXT  O  N N 6   
ALA H    H  N N 7   
ALA H2   H  N N 8   
ALA HA   H  N N 9   
ALA HB1  H  N N 10  
ALA HB2  H  N N 11  
ALA HB3  H  N N 12  
ALA HXT  H  N N 13  
ARG N    N  N N 14  
ARG CA   C  N S 15  
ARG C    C  N N 16  
ARG O    O  N N 17  
ARG CB   C  N N 18  
ARG CG   C  N N 19  
ARG CD   C  N N 20  
ARG NE   N  N N 21  
ARG CZ   C  N N 22  
ARG NH1  N  N N 23  
ARG NH2  N  N N 24  
ARG OXT  O  N N 25  
ARG H    H  N N 26  
ARG H2   H  N N 27  
ARG HA   H  N N 28  
ARG HB2  H  N N 29  
ARG HB3  H  N N 30  
ARG HG2  H  N N 31  
ARG HG3  H  N N 32  
ARG HD2  H  N N 33  
ARG HD3  H  N N 34  
ARG HE   H  N N 35  
ARG HH11 H  N N 36  
ARG HH12 H  N N 37  
ARG HH21 H  N N 38  
ARG HH22 H  N N 39  
ARG HXT  H  N N 40  
ASN N    N  N N 41  
ASN CA   C  N S 42  
ASN C    C  N N 43  
ASN O    O  N N 44  
ASN CB   C  N N 45  
ASN CG   C  N N 46  
ASN OD1  O  N N 47  
ASN ND2  N  N N 48  
ASN OXT  O  N N 49  
ASN H    H  N N 50  
ASN H2   H  N N 51  
ASN HA   H  N N 52  
ASN HB2  H  N N 53  
ASN HB3  H  N N 54  
ASN HD21 H  N N 55  
ASN HD22 H  N N 56  
ASN HXT  H  N N 57  
ASP N    N  N N 58  
ASP CA   C  N S 59  
ASP C    C  N N 60  
ASP O    O  N N 61  
ASP CB   C  N N 62  
ASP CG   C  N N 63  
ASP OD1  O  N N 64  
ASP OD2  O  N N 65  
ASP OXT  O  N N 66  
ASP H    H  N N 67  
ASP H2   H  N N 68  
ASP HA   H  N N 69  
ASP HB2  H  N N 70  
ASP HB3  H  N N 71  
ASP HD2  H  N N 72  
ASP HXT  H  N N 73  
GLN N    N  N N 74  
GLN CA   C  N S 75  
GLN C    C  N N 76  
GLN O    O  N N 77  
GLN CB   C  N N 78  
GLN CG   C  N N 79  
GLN CD   C  N N 80  
GLN OE1  O  N N 81  
GLN NE2  N  N N 82  
GLN OXT  O  N N 83  
GLN H    H  N N 84  
GLN H2   H  N N 85  
GLN HA   H  N N 86  
GLN HB2  H  N N 87  
GLN HB3  H  N N 88  
GLN HG2  H  N N 89  
GLN HG3  H  N N 90  
GLN HE21 H  N N 91  
GLN HE22 H  N N 92  
GLN HXT  H  N N 93  
GLU N    N  N N 94  
GLU CA   C  N S 95  
GLU C    C  N N 96  
GLU O    O  N N 97  
GLU CB   C  N N 98  
GLU CG   C  N N 99  
GLU CD   C  N N 100 
GLU OE1  O  N N 101 
GLU OE2  O  N N 102 
GLU OXT  O  N N 103 
GLU H    H  N N 104 
GLU H2   H  N N 105 
GLU HA   H  N N 106 
GLU HB2  H  N N 107 
GLU HB3  H  N N 108 
GLU HG2  H  N N 109 
GLU HG3  H  N N 110 
GLU HE2  H  N N 111 
GLU HXT  H  N N 112 
GLY N    N  N N 113 
GLY CA   C  N N 114 
GLY C    C  N N 115 
GLY O    O  N N 116 
GLY OXT  O  N N 117 
GLY H    H  N N 118 
GLY H2   H  N N 119 
GLY HA2  H  N N 120 
GLY HA3  H  N N 121 
GLY HXT  H  N N 122 
HIS N    N  N N 123 
HIS CA   C  N S 124 
HIS C    C  N N 125 
HIS O    O  N N 126 
HIS CB   C  N N 127 
HIS CG   C  Y N 128 
HIS ND1  N  Y N 129 
HIS CD2  C  Y N 130 
HIS CE1  C  Y N 131 
HIS NE2  N  Y N 132 
HIS OXT  O  N N 133 
HIS H    H  N N 134 
HIS H2   H  N N 135 
HIS HA   H  N N 136 
HIS HB2  H  N N 137 
HIS HB3  H  N N 138 
HIS HD1  H  N N 139 
HIS HD2  H  N N 140 
HIS HE1  H  N N 141 
HIS HE2  H  N N 142 
HIS HXT  H  N N 143 
HOH O    O  N N 144 
HOH H1   H  N N 145 
HOH H2   H  N N 146 
ILE N    N  N N 147 
ILE CA   C  N S 148 
ILE C    C  N N 149 
ILE O    O  N N 150 
ILE CB   C  N S 151 
ILE CG1  C  N N 152 
ILE CG2  C  N N 153 
ILE CD1  C  N N 154 
ILE OXT  O  N N 155 
ILE H    H  N N 156 
ILE H2   H  N N 157 
ILE HA   H  N N 158 
ILE HB   H  N N 159 
ILE HG12 H  N N 160 
ILE HG13 H  N N 161 
ILE HG21 H  N N 162 
ILE HG22 H  N N 163 
ILE HG23 H  N N 164 
ILE HD11 H  N N 165 
ILE HD12 H  N N 166 
ILE HD13 H  N N 167 
ILE HXT  H  N N 168 
LEU N    N  N N 169 
LEU CA   C  N S 170 
LEU C    C  N N 171 
LEU O    O  N N 172 
LEU CB   C  N N 173 
LEU CG   C  N N 174 
LEU CD1  C  N N 175 
LEU CD2  C  N N 176 
LEU OXT  O  N N 177 
LEU H    H  N N 178 
LEU H2   H  N N 179 
LEU HA   H  N N 180 
LEU HB2  H  N N 181 
LEU HB3  H  N N 182 
LEU HG   H  N N 183 
LEU HD11 H  N N 184 
LEU HD12 H  N N 185 
LEU HD13 H  N N 186 
LEU HD21 H  N N 187 
LEU HD22 H  N N 188 
LEU HD23 H  N N 189 
LEU HXT  H  N N 190 
LYS N    N  N N 191 
LYS CA   C  N S 192 
LYS C    C  N N 193 
LYS O    O  N N 194 
LYS CB   C  N N 195 
LYS CG   C  N N 196 
LYS CD   C  N N 197 
LYS CE   C  N N 198 
LYS NZ   N  N N 199 
LYS OXT  O  N N 200 
LYS H    H  N N 201 
LYS H2   H  N N 202 
LYS HA   H  N N 203 
LYS HB2  H  N N 204 
LYS HB3  H  N N 205 
LYS HG2  H  N N 206 
LYS HG3  H  N N 207 
LYS HD2  H  N N 208 
LYS HD3  H  N N 209 
LYS HE2  H  N N 210 
LYS HE3  H  N N 211 
LYS HZ1  H  N N 212 
LYS HZ2  H  N N 213 
LYS HZ3  H  N N 214 
LYS HXT  H  N N 215 
MET N    N  N N 216 
MET CA   C  N S 217 
MET C    C  N N 218 
MET O    O  N N 219 
MET CB   C  N N 220 
MET CG   C  N N 221 
MET SD   S  N N 222 
MET CE   C  N N 223 
MET OXT  O  N N 224 
MET H    H  N N 225 
MET H2   H  N N 226 
MET HA   H  N N 227 
MET HB2  H  N N 228 
MET HB3  H  N N 229 
MET HG2  H  N N 230 
MET HG3  H  N N 231 
MET HE1  H  N N 232 
MET HE2  H  N N 233 
MET HE3  H  N N 234 
MET HXT  H  N N 235 
OL5 O04  O  N N 236 
OL5 C13  C  N N 237 
OL5 N03  N  N N 238 
OL5 C11  C  N R 239 
OL5 C10  C  N N 240 
OL5 S01  S  N N 241 
OL5 N02  N  N N 242 
OL5 C12  C  N S 243 
OL5 C09  C  N S 244 
OL5 C08  C  N N 245 
OL5 C07  C  N N 246 
OL5 C06  C  N N 247 
OL5 C05  C  N N 248 
OL5 C01  C  N N 249 
OL5 O01  O  N N 250 
OL5 N01  N  N N 251 
OL5 C02  C  N N 252 
OL5 C37  C  N N 253 
OL5 C04  C  N N 254 
OL5 O14  O  N N 255 
OL5 O03  O  N N 256 
OL5 CO4  CO N N 257 
OL5 O05  O  N N 258 
OL5 O07  O  N N 259 
OL5 N07  N  Y N 260 
OL5 C44  C  Y N 261 
OL5 C43  C  Y N 262 
OL5 C42  C  Y N 263 
OL5 C41  C  Y N 264 
OL5 C40  C  Y N 265 
OL5 CO1  CO N N 266 
OL5 O12  O  N N 267 
OL5 CO3  CO N N 268 
OL5 N06  N  Y N 269 
OL5 C34  C  Y N 270 
OL5 C35  C  Y N 271 
OL5 C30  C  Y N 272 
OL5 C29  C  Y N 273 
OL5 C28  C  Y N 274 
OL5 O11  O  N N 275 
OL5 C16  C  N N 276 
OL5 C17  C  N N 277 
OL5 O10  O  N N 278 
OL5 O15  O  N N 279 
OL5 O06  O  N N 280 
OL5 CO2  CO N N 281 
OL5 O09  O  N N 282 
OL5 O08  O  N N 283 
OL5 N05  N  Y N 284 
OL5 C32  C  Y N 285 
OL5 C33  C  Y N 286 
OL5 C26  C  Y N 287 
OL5 C25  C  Y N 288 
OL5 C24  C  Y N 289 
OL5 H1   H  N N 290 
OL5 H2   H  N N 291 
OL5 H3   H  N N 292 
OL5 H4   H  N N 293 
OL5 H5   H  N N 294 
OL5 H6   H  N N 295 
OL5 H7   H  N N 296 
OL5 H8   H  N N 297 
OL5 H9   H  N N 298 
OL5 H10  H  N N 299 
OL5 H11  H  N N 300 
OL5 H12  H  N N 301 
OL5 H13  H  N N 302 
OL5 H14  H  N N 303 
OL5 H15  H  N N 304 
OL5 H16  H  N N 305 
OL5 H17  H  N N 306 
OL5 H18  H  N N 307 
OL5 H19  H  N N 308 
OL5 H20  H  N N 309 
OL5 H21  H  N N 310 
OL5 H22  H  N N 311 
OL5 H23  H  N N 312 
OL5 H24  H  N N 313 
OL5 H25  H  N N 314 
OL5 H26  H  N N 315 
OL5 H27  H  N N 316 
OL5 H28  H  N N 317 
OL5 H29  H  N N 318 
OL5 H30  H  N N 319 
OL5 H31  H  N N 320 
OL5 H32  H  N N 321 
OL5 H33  H  N N 322 
OL5 H34  H  N N 323 
OL5 H35  H  N N 324 
OL5 H39  H  N N 325 
OL5 H40  H  N N 326 
OL5 H41  H  N N 327 
OL5 H42  H  N N 328 
OL5 H43  H  N N 329 
PHE N    N  N N 330 
PHE CA   C  N S 331 
PHE C    C  N N 332 
PHE O    O  N N 333 
PHE CB   C  N N 334 
PHE CG   C  Y N 335 
PHE CD1  C  Y N 336 
PHE CD2  C  Y N 337 
PHE CE1  C  Y N 338 
PHE CE2  C  Y N 339 
PHE CZ   C  Y N 340 
PHE OXT  O  N N 341 
PHE H    H  N N 342 
PHE H2   H  N N 343 
PHE HA   H  N N 344 
PHE HB2  H  N N 345 
PHE HB3  H  N N 346 
PHE HD1  H  N N 347 
PHE HD2  H  N N 348 
PHE HE1  H  N N 349 
PHE HE2  H  N N 350 
PHE HZ   H  N N 351 
PHE HXT  H  N N 352 
PRO N    N  N N 353 
PRO CA   C  N S 354 
PRO C    C  N N 355 
PRO O    O  N N 356 
PRO CB   C  N N 357 
PRO CG   C  N N 358 
PRO CD   C  N N 359 
PRO OXT  O  N N 360 
PRO H    H  N N 361 
PRO HA   H  N N 362 
PRO HB2  H  N N 363 
PRO HB3  H  N N 364 
PRO HG2  H  N N 365 
PRO HG3  H  N N 366 
PRO HD2  H  N N 367 
PRO HD3  H  N N 368 
PRO HXT  H  N N 369 
SER N    N  N N 370 
SER CA   C  N S 371 
SER C    C  N N 372 
SER O    O  N N 373 
SER CB   C  N N 374 
SER OG   O  N N 375 
SER OXT  O  N N 376 
SER H    H  N N 377 
SER H2   H  N N 378 
SER HA   H  N N 379 
SER HB2  H  N N 380 
SER HB3  H  N N 381 
SER HG   H  N N 382 
SER HXT  H  N N 383 
THR N    N  N N 384 
THR CA   C  N S 385 
THR C    C  N N 386 
THR O    O  N N 387 
THR CB   C  N R 388 
THR OG1  O  N N 389 
THR CG2  C  N N 390 
THR OXT  O  N N 391 
THR H    H  N N 392 
THR H2   H  N N 393 
THR HA   H  N N 394 
THR HB   H  N N 395 
THR HG1  H  N N 396 
THR HG21 H  N N 397 
THR HG22 H  N N 398 
THR HG23 H  N N 399 
THR HXT  H  N N 400 
TRP N    N  N N 401 
TRP CA   C  N S 402 
TRP C    C  N N 403 
TRP O    O  N N 404 
TRP CB   C  N N 405 
TRP CG   C  Y N 406 
TRP CD1  C  Y N 407 
TRP CD2  C  Y N 408 
TRP NE1  N  Y N 409 
TRP CE2  C  Y N 410 
TRP CE3  C  Y N 411 
TRP CZ2  C  Y N 412 
TRP CZ3  C  Y N 413 
TRP CH2  C  Y N 414 
TRP OXT  O  N N 415 
TRP H    H  N N 416 
TRP H2   H  N N 417 
TRP HA   H  N N 418 
TRP HB2  H  N N 419 
TRP HB3  H  N N 420 
TRP HD1  H  N N 421 
TRP HE1  H  N N 422 
TRP HE3  H  N N 423 
TRP HZ2  H  N N 424 
TRP HZ3  H  N N 425 
TRP HH2  H  N N 426 
TRP HXT  H  N N 427 
TYR N    N  N N 428 
TYR CA   C  N S 429 
TYR C    C  N N 430 
TYR O    O  N N 431 
TYR CB   C  N N 432 
TYR CG   C  Y N 433 
TYR CD1  C  Y N 434 
TYR CD2  C  Y N 435 
TYR CE1  C  Y N 436 
TYR CE2  C  Y N 437 
TYR CZ   C  Y N 438 
TYR OH   O  N N 439 
TYR OXT  O  N N 440 
TYR H    H  N N 441 
TYR H2   H  N N 442 
TYR HA   H  N N 443 
TYR HB2  H  N N 444 
TYR HB3  H  N N 445 
TYR HD1  H  N N 446 
TYR HD2  H  N N 447 
TYR HE1  H  N N 448 
TYR HE2  H  N N 449 
TYR HH   H  N N 450 
TYR HXT  H  N N 451 
VAL N    N  N N 452 
VAL CA   C  N S 453 
VAL C    C  N N 454 
VAL O    O  N N 455 
VAL CB   C  N N 456 
VAL CG1  C  N N 457 
VAL CG2  C  N N 458 
VAL OXT  O  N N 459 
VAL H    H  N N 460 
VAL H2   H  N N 461 
VAL HA   H  N N 462 
VAL HB   H  N N 463 
VAL HG11 H  N N 464 
VAL HG12 H  N N 465 
VAL HG13 H  N N 466 
VAL HG21 H  N N 467 
VAL HG22 H  N N 468 
VAL HG23 H  N N 469 
VAL HXT  H  N N 470 
# 
loop_
_chem_comp_bond.comp_id 
_chem_comp_bond.atom_id_1 
_chem_comp_bond.atom_id_2 
_chem_comp_bond.value_order 
_chem_comp_bond.pdbx_aromatic_flag 
_chem_comp_bond.pdbx_stereo_config 
_chem_comp_bond.pdbx_ordinal 
ALA N   CA   sing N N 1   
ALA N   H    sing N N 2   
ALA N   H2   sing N N 3   
ALA CA  C    sing N N 4   
ALA CA  CB   sing N N 5   
ALA CA  HA   sing N N 6   
ALA C   O    doub N N 7   
ALA C   OXT  sing N N 8   
ALA CB  HB1  sing N N 9   
ALA CB  HB2  sing N N 10  
ALA CB  HB3  sing N N 11  
ALA OXT HXT  sing N N 12  
ARG N   CA   sing N N 13  
ARG N   H    sing N N 14  
ARG N   H2   sing N N 15  
ARG CA  C    sing N N 16  
ARG CA  CB   sing N N 17  
ARG CA  HA   sing N N 18  
ARG C   O    doub N N 19  
ARG C   OXT  sing N N 20  
ARG CB  CG   sing N N 21  
ARG CB  HB2  sing N N 22  
ARG CB  HB3  sing N N 23  
ARG CG  CD   sing N N 24  
ARG CG  HG2  sing N N 25  
ARG CG  HG3  sing N N 26  
ARG CD  NE   sing N N 27  
ARG CD  HD2  sing N N 28  
ARG CD  HD3  sing N N 29  
ARG NE  CZ   sing N N 30  
ARG NE  HE   sing N N 31  
ARG CZ  NH1  sing N N 32  
ARG CZ  NH2  doub N N 33  
ARG NH1 HH11 sing N N 34  
ARG NH1 HH12 sing N N 35  
ARG NH2 HH21 sing N N 36  
ARG NH2 HH22 sing N N 37  
ARG OXT HXT  sing N N 38  
ASN N   CA   sing N N 39  
ASN N   H    sing N N 40  
ASN N   H2   sing N N 41  
ASN CA  C    sing N N 42  
ASN CA  CB   sing N N 43  
ASN CA  HA   sing N N 44  
ASN C   O    doub N N 45  
ASN C   OXT  sing N N 46  
ASN CB  CG   sing N N 47  
ASN CB  HB2  sing N N 48  
ASN CB  HB3  sing N N 49  
ASN CG  OD1  doub N N 50  
ASN CG  ND2  sing N N 51  
ASN ND2 HD21 sing N N 52  
ASN ND2 HD22 sing N N 53  
ASN OXT HXT  sing N N 54  
ASP N   CA   sing N N 55  
ASP N   H    sing N N 56  
ASP N   H2   sing N N 57  
ASP CA  C    sing N N 58  
ASP CA  CB   sing N N 59  
ASP CA  HA   sing N N 60  
ASP C   O    doub N N 61  
ASP C   OXT  sing N N 62  
ASP CB  CG   sing N N 63  
ASP CB  HB2  sing N N 64  
ASP CB  HB3  sing N N 65  
ASP CG  OD1  doub N N 66  
ASP CG  OD2  sing N N 67  
ASP OD2 HD2  sing N N 68  
ASP OXT HXT  sing N N 69  
GLN N   CA   sing N N 70  
GLN N   H    sing N N 71  
GLN N   H2   sing N N 72  
GLN CA  C    sing N N 73  
GLN CA  CB   sing N N 74  
GLN CA  HA   sing N N 75  
GLN C   O    doub N N 76  
GLN C   OXT  sing N N 77  
GLN CB  CG   sing N N 78  
GLN CB  HB2  sing N N 79  
GLN CB  HB3  sing N N 80  
GLN CG  CD   sing N N 81  
GLN CG  HG2  sing N N 82  
GLN CG  HG3  sing N N 83  
GLN CD  OE1  doub N N 84  
GLN CD  NE2  sing N N 85  
GLN NE2 HE21 sing N N 86  
GLN NE2 HE22 sing N N 87  
GLN OXT HXT  sing N N 88  
GLU N   CA   sing N N 89  
GLU N   H    sing N N 90  
GLU N   H2   sing N N 91  
GLU CA  C    sing N N 92  
GLU CA  CB   sing N N 93  
GLU CA  HA   sing N N 94  
GLU C   O    doub N N 95  
GLU C   OXT  sing N N 96  
GLU CB  CG   sing N N 97  
GLU CB  HB2  sing N N 98  
GLU CB  HB3  sing N N 99  
GLU CG  CD   sing N N 100 
GLU CG  HG2  sing N N 101 
GLU CG  HG3  sing N N 102 
GLU CD  OE1  doub N N 103 
GLU CD  OE2  sing N N 104 
GLU OE2 HE2  sing N N 105 
GLU OXT HXT  sing N N 106 
GLY N   CA   sing N N 107 
GLY N   H    sing N N 108 
GLY N   H2   sing N N 109 
GLY CA  C    sing N N 110 
GLY CA  HA2  sing N N 111 
GLY CA  HA3  sing N N 112 
GLY C   O    doub N N 113 
GLY C   OXT  sing N N 114 
GLY OXT HXT  sing N N 115 
HIS N   CA   sing N N 116 
HIS N   H    sing N N 117 
HIS N   H2   sing N N 118 
HIS CA  C    sing N N 119 
HIS CA  CB   sing N N 120 
HIS CA  HA   sing N N 121 
HIS C   O    doub N N 122 
HIS C   OXT  sing N N 123 
HIS CB  CG   sing N N 124 
HIS CB  HB2  sing N N 125 
HIS CB  HB3  sing N N 126 
HIS CG  ND1  sing Y N 127 
HIS CG  CD2  doub Y N 128 
HIS ND1 CE1  doub Y N 129 
HIS ND1 HD1  sing N N 130 
HIS CD2 NE2  sing Y N 131 
HIS CD2 HD2  sing N N 132 
HIS CE1 NE2  sing Y N 133 
HIS CE1 HE1  sing N N 134 
HIS NE2 HE2  sing N N 135 
HIS OXT HXT  sing N N 136 
HOH O   H1   sing N N 137 
HOH O   H2   sing N N 138 
ILE N   CA   sing N N 139 
ILE N   H    sing N N 140 
ILE N   H2   sing N N 141 
ILE CA  C    sing N N 142 
ILE CA  CB   sing N N 143 
ILE CA  HA   sing N N 144 
ILE C   O    doub N N 145 
ILE C   OXT  sing N N 146 
ILE CB  CG1  sing N N 147 
ILE CB  CG2  sing N N 148 
ILE CB  HB   sing N N 149 
ILE CG1 CD1  sing N N 150 
ILE CG1 HG12 sing N N 151 
ILE CG1 HG13 sing N N 152 
ILE CG2 HG21 sing N N 153 
ILE CG2 HG22 sing N N 154 
ILE CG2 HG23 sing N N 155 
ILE CD1 HD11 sing N N 156 
ILE CD1 HD12 sing N N 157 
ILE CD1 HD13 sing N N 158 
ILE OXT HXT  sing N N 159 
LEU N   CA   sing N N 160 
LEU N   H    sing N N 161 
LEU N   H2   sing N N 162 
LEU CA  C    sing N N 163 
LEU CA  CB   sing N N 164 
LEU CA  HA   sing N N 165 
LEU C   O    doub N N 166 
LEU C   OXT  sing N N 167 
LEU CB  CG   sing N N 168 
LEU CB  HB2  sing N N 169 
LEU CB  HB3  sing N N 170 
LEU CG  CD1  sing N N 171 
LEU CG  CD2  sing N N 172 
LEU CG  HG   sing N N 173 
LEU CD1 HD11 sing N N 174 
LEU CD1 HD12 sing N N 175 
LEU CD1 HD13 sing N N 176 
LEU CD2 HD21 sing N N 177 
LEU CD2 HD22 sing N N 178 
LEU CD2 HD23 sing N N 179 
LEU OXT HXT  sing N N 180 
LYS N   CA   sing N N 181 
LYS N   H    sing N N 182 
LYS N   H2   sing N N 183 
LYS CA  C    sing N N 184 
LYS CA  CB   sing N N 185 
LYS CA  HA   sing N N 186 
LYS C   O    doub N N 187 
LYS C   OXT  sing N N 188 
LYS CB  CG   sing N N 189 
LYS CB  HB2  sing N N 190 
LYS CB  HB3  sing N N 191 
LYS CG  CD   sing N N 192 
LYS CG  HG2  sing N N 193 
LYS CG  HG3  sing N N 194 
LYS CD  CE   sing N N 195 
LYS CD  HD2  sing N N 196 
LYS CD  HD3  sing N N 197 
LYS CE  NZ   sing N N 198 
LYS CE  HE2  sing N N 199 
LYS CE  HE3  sing N N 200 
LYS NZ  HZ1  sing N N 201 
LYS NZ  HZ2  sing N N 202 
LYS NZ  HZ3  sing N N 203 
LYS OXT HXT  sing N N 204 
MET N   CA   sing N N 205 
MET N   H    sing N N 206 
MET N   H2   sing N N 207 
MET CA  C    sing N N 208 
MET CA  CB   sing N N 209 
MET CA  HA   sing N N 210 
MET C   O    doub N N 211 
MET C   OXT  sing N N 212 
MET CB  CG   sing N N 213 
MET CB  HB2  sing N N 214 
MET CB  HB3  sing N N 215 
MET CG  SD   sing N N 216 
MET CG  HG2  sing N N 217 
MET CG  HG3  sing N N 218 
MET SD  CE   sing N N 219 
MET CE  HE1  sing N N 220 
MET CE  HE2  sing N N 221 
MET CE  HE3  sing N N 222 
MET OXT HXT  sing N N 223 
OL5 O04 C13  doub N N 224 
OL5 C13 N03  sing N N 225 
OL5 C13 N02  sing N N 226 
OL5 N03 C11  sing N N 227 
OL5 C11 C10  sing N N 228 
OL5 C11 C12  sing N N 229 
OL5 C10 S01  sing N N 230 
OL5 S01 C09  sing N N 231 
OL5 N02 C12  sing N N 232 
OL5 C12 C09  sing N N 233 
OL5 C09 C08  sing N N 234 
OL5 C08 C07  sing N N 235 
OL5 C07 C06  sing N N 236 
OL5 C06 C05  sing N N 237 
OL5 C05 C01  sing N N 238 
OL5 C01 O01  doub N N 239 
OL5 C01 N01  sing N N 240 
OL5 N01 C02  sing N N 241 
OL5 C02 C37  sing N N 242 
OL5 C37 C04  sing N N 243 
OL5 C04 O14  sing N N 244 
OL5 C04 O03  sing N N 245 
OL5 O14 CO2  sing N N 246 
OL5 O03 CO4  sing N N 247 
OL5 CO4 O05  sing N N 248 
OL5 CO4 O07  sing N N 249 
OL5 CO4 N07  sing N N 250 
OL5 CO4 O12  sing N N 251 
OL5 CO4 O15  sing N N 252 
OL5 O05 CO1  sing N N 253 
OL5 O05 CO2  sing N N 254 
OL5 O07 CO1  sing N N 255 
OL5 O07 CO3  sing N N 256 
OL5 N07 C44  doub Y N 257 
OL5 N07 C40  sing Y N 258 
OL5 C44 C43  sing Y N 259 
OL5 C43 C42  doub Y N 260 
OL5 C42 C41  sing Y N 261 
OL5 C41 C40  doub Y N 262 
OL5 CO1 O10  sing N N 263 
OL5 CO1 O06  sing N N 264 
OL5 CO1 O08  sing N N 265 
OL5 O12 CO3  sing N N 266 
OL5 O12 CO2  sing N N 267 
OL5 CO3 N06  sing N N 268 
OL5 CO3 O11  sing N N 269 
OL5 CO3 O06  sing N N 270 
OL5 N06 C34  doub Y N 271 
OL5 N06 C28  sing Y N 272 
OL5 C34 C35  sing Y N 273 
OL5 C35 C30  doub Y N 274 
OL5 C30 C29  sing Y N 275 
OL5 C29 C28  doub Y N 276 
OL5 O11 C16  sing N N 277 
OL5 C16 C17  sing N N 278 
OL5 C16 O10  sing N N 279 
OL5 O06 CO2  sing N N 280 
OL5 CO2 O09  sing N N 281 
OL5 CO2 N05  sing N N 282 
OL5 N05 C32  doub Y N 283 
OL5 N05 C24  sing Y N 284 
OL5 C32 C33  sing Y N 285 
OL5 C33 C26  doub Y N 286 
OL5 C26 C25  sing Y N 287 
OL5 C25 C24  doub Y N 288 
OL5 N03 H1   sing N N 289 
OL5 C11 H2   sing N N 290 
OL5 C10 H3   sing N N 291 
OL5 C10 H4   sing N N 292 
OL5 N02 H5   sing N N 293 
OL5 C12 H6   sing N N 294 
OL5 C09 H7   sing N N 295 
OL5 C08 H8   sing N N 296 
OL5 C08 H9   sing N N 297 
OL5 C07 H10  sing N N 298 
OL5 C07 H11  sing N N 299 
OL5 C06 H12  sing N N 300 
OL5 C06 H13  sing N N 301 
OL5 C05 H14  sing N N 302 
OL5 C05 H15  sing N N 303 
OL5 N01 H16  sing N N 304 
OL5 C02 H17  sing N N 305 
OL5 C02 H18  sing N N 306 
OL5 C37 H19  sing N N 307 
OL5 C37 H20  sing N N 308 
OL5 C04 H21  sing N N 309 
OL5 C44 H22  sing N N 310 
OL5 C43 H23  sing N N 311 
OL5 C42 H24  sing N N 312 
OL5 C41 H25  sing N N 313 
OL5 C40 H26  sing N N 314 
OL5 C34 H27  sing N N 315 
OL5 C35 H28  sing N N 316 
OL5 C30 H29  sing N N 317 
OL5 C29 H30  sing N N 318 
OL5 C28 H31  sing N N 319 
OL5 C16 H32  sing N N 320 
OL5 C17 H33  sing N N 321 
OL5 C17 H34  sing N N 322 
OL5 C17 H35  sing N N 323 
OL5 C32 H39  sing N N 324 
OL5 C33 H40  sing N N 325 
OL5 C26 H41  sing N N 326 
OL5 C25 H42  sing N N 327 
OL5 C24 H43  sing N N 328 
PHE N   CA   sing N N 329 
PHE N   H    sing N N 330 
PHE N   H2   sing N N 331 
PHE CA  C    sing N N 332 
PHE CA  CB   sing N N 333 
PHE CA  HA   sing N N 334 
PHE C   O    doub N N 335 
PHE C   OXT  sing N N 336 
PHE CB  CG   sing N N 337 
PHE CB  HB2  sing N N 338 
PHE CB  HB3  sing N N 339 
PHE CG  CD1  doub Y N 340 
PHE CG  CD2  sing Y N 341 
PHE CD1 CE1  sing Y N 342 
PHE CD1 HD1  sing N N 343 
PHE CD2 CE2  doub Y N 344 
PHE CD2 HD2  sing N N 345 
PHE CE1 CZ   doub Y N 346 
PHE CE1 HE1  sing N N 347 
PHE CE2 CZ   sing Y N 348 
PHE CE2 HE2  sing N N 349 
PHE CZ  HZ   sing N N 350 
PHE OXT HXT  sing N N 351 
PRO N   CA   sing N N 352 
PRO N   CD   sing N N 353 
PRO N   H    sing N N 354 
PRO CA  C    sing N N 355 
PRO CA  CB   sing N N 356 
PRO CA  HA   sing N N 357 
PRO C   O    doub N N 358 
PRO C   OXT  sing N N 359 
PRO CB  CG   sing N N 360 
PRO CB  HB2  sing N N 361 
PRO CB  HB3  sing N N 362 
PRO CG  CD   sing N N 363 
PRO CG  HG2  sing N N 364 
PRO CG  HG3  sing N N 365 
PRO CD  HD2  sing N N 366 
PRO CD  HD3  sing N N 367 
PRO OXT HXT  sing N N 368 
SER N   CA   sing N N 369 
SER N   H    sing N N 370 
SER N   H2   sing N N 371 
SER CA  C    sing N N 372 
SER CA  CB   sing N N 373 
SER CA  HA   sing N N 374 
SER C   O    doub N N 375 
SER C   OXT  sing N N 376 
SER CB  OG   sing N N 377 
SER CB  HB2  sing N N 378 
SER CB  HB3  sing N N 379 
SER OG  HG   sing N N 380 
SER OXT HXT  sing N N 381 
THR N   CA   sing N N 382 
THR N   H    sing N N 383 
THR N   H2   sing N N 384 
THR CA  C    sing N N 385 
THR CA  CB   sing N N 386 
THR CA  HA   sing N N 387 
THR C   O    doub N N 388 
THR C   OXT  sing N N 389 
THR CB  OG1  sing N N 390 
THR CB  CG2  sing N N 391 
THR CB  HB   sing N N 392 
THR OG1 HG1  sing N N 393 
THR CG2 HG21 sing N N 394 
THR CG2 HG22 sing N N 395 
THR CG2 HG23 sing N N 396 
THR OXT HXT  sing N N 397 
TRP N   CA   sing N N 398 
TRP N   H    sing N N 399 
TRP N   H2   sing N N 400 
TRP CA  C    sing N N 401 
TRP CA  CB   sing N N 402 
TRP CA  HA   sing N N 403 
TRP C   O    doub N N 404 
TRP C   OXT  sing N N 405 
TRP CB  CG   sing N N 406 
TRP CB  HB2  sing N N 407 
TRP CB  HB3  sing N N 408 
TRP CG  CD1  doub Y N 409 
TRP CG  CD2  sing Y N 410 
TRP CD1 NE1  sing Y N 411 
TRP CD1 HD1  sing N N 412 
TRP CD2 CE2  doub Y N 413 
TRP CD2 CE3  sing Y N 414 
TRP NE1 CE2  sing Y N 415 
TRP NE1 HE1  sing N N 416 
TRP CE2 CZ2  sing Y N 417 
TRP CE3 CZ3  doub Y N 418 
TRP CE3 HE3  sing N N 419 
TRP CZ2 CH2  doub Y N 420 
TRP CZ2 HZ2  sing N N 421 
TRP CZ3 CH2  sing Y N 422 
TRP CZ3 HZ3  sing N N 423 
TRP CH2 HH2  sing N N 424 
TRP OXT HXT  sing N N 425 
TYR N   CA   sing N N 426 
TYR N   H    sing N N 427 
TYR N   H2   sing N N 428 
TYR CA  C    sing N N 429 
TYR CA  CB   sing N N 430 
TYR CA  HA   sing N N 431 
TYR C   O    doub N N 432 
TYR C   OXT  sing N N 433 
TYR CB  CG   sing N N 434 
TYR CB  HB2  sing N N 435 
TYR CB  HB3  sing N N 436 
TYR CG  CD1  doub Y N 437 
TYR CG  CD2  sing Y N 438 
TYR CD1 CE1  sing Y N 439 
TYR CD1 HD1  sing N N 440 
TYR CD2 CE2  doub Y N 441 
TYR CD2 HD2  sing N N 442 
TYR CE1 CZ   doub Y N 443 
TYR CE1 HE1  sing N N 444 
TYR CE2 CZ   sing Y N 445 
TYR CE2 HE2  sing N N 446 
TYR CZ  OH   sing N N 447 
TYR OH  HH   sing N N 448 
TYR OXT HXT  sing N N 449 
VAL N   CA   sing N N 450 
VAL N   H    sing N N 451 
VAL N   H2   sing N N 452 
VAL CA  C    sing N N 453 
VAL CA  CB   sing N N 454 
VAL CA  HA   sing N N 455 
VAL C   O    doub N N 456 
VAL C   OXT  sing N N 457 
VAL CB  CG1  sing N N 458 
VAL CB  CG2  sing N N 459 
VAL CB  HB   sing N N 460 
VAL CG1 HG11 sing N N 461 
VAL CG1 HG12 sing N N 462 
VAL CG1 HG13 sing N N 463 
VAL CG2 HG21 sing N N 464 
VAL CG2 HG22 sing N N 465 
VAL CG2 HG23 sing N N 466 
VAL OXT HXT  sing N N 467 
# 
_pdbx_audit_support.funding_organization   
'National Institutes of Health/National Institute of General Medical Sciences (NIH/NIGMS)' 
_pdbx_audit_support.country                'United States' 
_pdbx_audit_support.grant_number           GM1200349 
_pdbx_audit_support.ordinal                1 
# 
_pdbx_entity_instance_feature.ordinal        1 
_pdbx_entity_instance_feature.comp_id        OL5 
_pdbx_entity_instance_feature.asym_id        ? 
_pdbx_entity_instance_feature.seq_num        ? 
_pdbx_entity_instance_feature.auth_comp_id   OL5 
_pdbx_entity_instance_feature.auth_asym_id   ? 
_pdbx_entity_instance_feature.auth_seq_num   ? 
_pdbx_entity_instance_feature.feature_type   'SUBJECT OF INVESTIGATION' 
_pdbx_entity_instance_feature.details        ? 
# 
loop_
_pdbx_entity_nonpoly.entity_id 
_pdbx_entity_nonpoly.name 
_pdbx_entity_nonpoly.comp_id 
2 'N-biotin-C-Co4(mu3-O)4(OAc)(Py)3(H2O)3-beta-alanine' OL5 
3 water                                                 HOH 
# 
_pdbx_initial_refinement_model.id               1 
_pdbx_initial_refinement_model.entity_id_list   ? 
_pdbx_initial_refinement_model.type             'experimental model' 
_pdbx_initial_refinement_model.source_name      PDB 
_pdbx_initial_refinement_model.accession_code   2QCB 
_pdbx_initial_refinement_model.details          ? 
# 
_pdbx_struct_assembly_auth_evidence.id                     1 
_pdbx_struct_assembly_auth_evidence.assembly_id            1 
_pdbx_struct_assembly_auth_evidence.experimental_support   'gel filtration' 
_pdbx_struct_assembly_auth_evidence.details                ? 
# 
